data_4GUV
#
_entry.id   4GUV
#
_cell.length_a   68.710
_cell.length_b   80.140
_cell.length_c   87.500
_cell.angle_alpha   111.04
_cell.angle_beta   90.06
_cell.angle_gamma   93.29
#
_symmetry.space_group_name_H-M   'P 1'
#
loop_
_entity.id
_entity.type
_entity.pdbx_description
1 polymer 'TetX2 protein'
2 non-polymer 'FLAVIN-ADENINE DINUCLEOTIDE'
3 non-polymer 'SULFATE ION'
4 non-polymer XENON
5 water water
#
_entity_poly.entity_id   1
_entity_poly.type   'polypeptide(L)'
_entity_poly.pdbx_seq_one_letter_code
;MGSSHHHHHHSSGLVPRGSHMNLLSDKNVAIIGGGPVGLTMAKLLQQNGIDVSVYERDNDREARIFGGTLDLHKGSGQEA
MKKAGLLQTYYDLALPMGVNIADEKGNILSTKNVKPENRFDNPEINRNDLRAILLNSLENDTVIWDRKLVMLEPGKKKWT
LTFENKPSETADLVILANGGMSKVRKFVTDTEVEETGTFNIQADIHQPEINCPGFFQLCNGNRLMASHQGNLLFANPNNN
GALHFGISFKTPDEWKNQTQVDFQNRNSVVDFLLKEFSDWDERYKELIHTTLSFVGLATRIFPLEKPWKSKRPLPITMIG
DAAHLMPPFAGQGVNSGLVDALILSDNLADGKFNSIEEAVKNYEQQMFIYGKEAQEESTQNEIEMFKPDFTFQQLLNV
;
_entity_poly.pdbx_strand_id   A,B,C,D
#
# COMPACT_ATOMS: atom_id res chain seq x y z
N ASN A 22 0.17 -12.51 -39.48
CA ASN A 22 -1.11 -12.21 -38.75
C ASN A 22 -2.33 -12.57 -39.58
N LEU A 23 -3.43 -12.86 -38.89
CA LEU A 23 -4.72 -12.96 -39.57
C LEU A 23 -5.21 -11.55 -39.88
N LEU A 24 -4.42 -10.57 -39.43
CA LEU A 24 -4.75 -9.14 -39.48
C LEU A 24 -3.90 -8.33 -40.46
N SER A 25 -2.82 -8.96 -40.94
CA SER A 25 -1.83 -8.37 -41.85
C SER A 25 -2.21 -7.13 -42.66
N ASP A 26 -3.33 -7.21 -43.37
CA ASP A 26 -3.73 -6.13 -44.26
C ASP A 26 -4.91 -5.33 -43.72
N LYS A 27 -5.15 -5.47 -42.44
CA LYS A 27 -6.38 -4.97 -41.85
C LYS A 27 -6.05 -4.03 -40.70
N ASN A 28 -7.08 -3.50 -40.06
CA ASN A 28 -6.87 -2.67 -38.90
C ASN A 28 -7.96 -2.86 -37.81
N VAL A 29 -7.58 -2.61 -36.55
CA VAL A 29 -8.45 -2.90 -35.38
C VAL A 29 -8.90 -1.64 -34.60
N ALA A 30 -10.21 -1.50 -34.37
CA ALA A 30 -10.68 -0.43 -33.47
C ALA A 30 -11.04 -0.99 -32.08
N ILE A 31 -10.33 -0.44 -31.07
CA ILE A 31 -10.58 -0.72 -29.67
C ILE A 31 -11.35 0.46 -29.12
N ILE A 32 -12.57 0.20 -28.69
CA ILE A 32 -13.40 1.25 -28.13
C ILE A 32 -13.19 1.23 -26.65
N GLY A 33 -12.66 2.32 -26.09
CA GLY A 33 -12.33 2.33 -24.68
C GLY A 33 -10.85 2.23 -24.38
N GLY A 34 -10.25 3.32 -23.89
CA GLY A 34 -8.89 3.27 -23.39
C GLY A 34 -8.78 3.20 -21.88
N GLY A 35 -9.58 2.33 -21.25
CA GLY A 35 -9.38 1.91 -19.87
C GLY A 35 -8.12 1.05 -19.71
N PRO A 36 -7.89 0.54 -18.50
CA PRO A 36 -6.71 -0.35 -18.39
C PRO A 36 -6.77 -1.52 -19.34
N VAL A 37 -7.91 -2.11 -19.55
CA VAL A 37 -8.02 -3.30 -20.36
C VAL A 37 -7.80 -2.97 -21.85
N GLY A 38 -8.43 -1.93 -22.35
CA GLY A 38 -8.31 -1.55 -23.75
C GLY A 38 -6.94 -1.08 -24.07
N LEU A 39 -6.36 -0.29 -23.19
CA LEU A 39 -4.99 0.13 -23.47
C LEU A 39 -4.04 -1.06 -23.52
N THR A 40 -4.34 -2.07 -22.69
CA THR A 40 -3.47 -3.24 -22.68
C THR A 40 -3.62 -4.04 -24.00
N MET A 41 -4.86 -4.17 -24.45
CA MET A 41 -5.18 -4.85 -25.68
C MET A 41 -4.38 -4.16 -26.75
N ALA A 42 -4.37 -2.82 -26.78
CA ALA A 42 -3.72 -2.08 -27.87
C ALA A 42 -2.24 -2.32 -27.86
N LYS A 43 -1.66 -2.41 -26.67
CA LYS A 43 -0.24 -2.69 -26.55
C LYS A 43 0.16 -4.03 -27.16
N LEU A 44 -0.55 -5.06 -26.73
CA LEU A 44 -0.25 -6.45 -27.10
C LEU A 44 -0.40 -6.70 -28.62
N LEU A 45 -1.37 -6.03 -29.21
CA LEU A 45 -1.58 -6.13 -30.64
C LEU A 45 -0.50 -5.34 -31.34
N GLN A 46 -0.19 -4.15 -30.83
CA GLN A 46 0.67 -3.21 -31.54
C GLN A 46 2.11 -3.72 -31.62
N GLN A 47 2.53 -4.49 -30.63
CA GLN A 47 3.89 -5.06 -30.62
C GLN A 47 4.08 -6.29 -31.53
N ASN A 48 2.97 -6.88 -31.97
CA ASN A 48 2.97 -7.84 -33.07
C ASN A 48 2.77 -7.16 -34.42
N GLY A 49 2.94 -5.84 -34.44
CA GLY A 49 2.78 -5.02 -35.64
C GLY A 49 1.42 -4.94 -36.29
N ILE A 50 0.37 -5.21 -35.54
CA ILE A 50 -0.99 -4.99 -35.99
C ILE A 50 -1.37 -3.48 -35.87
N ASP A 51 -2.03 -2.98 -36.90
CA ASP A 51 -2.61 -1.64 -36.94
C ASP A 51 -3.82 -1.52 -36.00
N VAL A 52 -3.67 -0.75 -34.96
CA VAL A 52 -4.74 -0.64 -33.99
C VAL A 52 -4.91 0.80 -33.55
N SER A 53 -6.16 1.25 -33.42
CA SER A 53 -6.50 2.51 -32.78
C SER A 53 -7.35 2.27 -31.58
N VAL A 54 -7.23 3.19 -30.62
CA VAL A 54 -8.04 3.19 -29.45
C VAL A 54 -8.85 4.47 -29.47
N TYR A 55 -10.14 4.26 -29.50
CA TYR A 55 -11.06 5.36 -29.41
C TYR A 55 -11.55 5.57 -27.96
N GLU A 56 -11.15 6.70 -27.37
CA GLU A 56 -11.49 7.02 -25.99
C GLU A 56 -12.35 8.28 -25.85
N ARG A 57 -13.43 8.12 -25.10
CA ARG A 57 -14.32 9.15 -24.62
C ARG A 57 -13.67 10.33 -23.88
N ASP A 58 -12.75 10.06 -22.95
CA ASP A 58 -12.15 11.16 -22.20
C ASP A 58 -11.56 12.22 -23.07
N ASN A 59 -11.66 13.44 -22.57
CA ASN A 59 -11.27 14.59 -23.34
C ASN A 59 -9.79 14.60 -23.76
N ASP A 60 -8.88 14.21 -22.87
CA ASP A 60 -7.44 14.13 -23.22
C ASP A 60 -6.75 13.25 -22.20
N ARG A 61 -5.44 13.01 -22.39
CA ARG A 61 -4.64 12.11 -21.52
C ARG A 61 -4.56 12.48 -20.03
N GLU A 62 -4.88 13.73 -19.70
CA GLU A 62 -4.79 14.20 -18.31
C GLU A 62 -6.07 14.19 -17.48
N ALA A 63 -7.14 13.65 -18.07
CA ALA A 63 -8.44 13.45 -17.43
C ALA A 63 -8.25 12.62 -16.15
N ARG A 64 -8.78 13.12 -15.03
CA ARG A 64 -8.62 12.41 -13.75
C ARG A 64 -9.55 11.23 -13.71
N ILE A 65 -9.08 10.09 -13.22
CA ILE A 65 -9.91 8.88 -13.15
C ILE A 65 -10.32 8.66 -11.71
N PHE A 66 -11.58 8.92 -11.36
CA PHE A 66 -12.05 8.70 -9.99
C PHE A 66 -12.01 7.21 -9.64
N GLY A 67 -11.62 6.89 -8.40
CA GLY A 67 -11.62 5.52 -7.97
C GLY A 67 -10.45 5.15 -7.07
N GLY A 68 -10.52 3.99 -6.40
CA GLY A 68 -9.42 3.43 -5.65
C GLY A 68 -8.33 2.95 -6.60
N THR A 69 -7.35 2.28 -6.03
CA THR A 69 -6.21 1.78 -6.77
C THR A 69 -6.50 0.38 -7.28
N LEU A 70 -5.68 -0.09 -8.20
CA LEU A 70 -5.80 -1.43 -8.75
C LEU A 70 -4.56 -2.17 -8.29
N ASP A 71 -4.68 -3.51 -8.35
CA ASP A 71 -3.58 -4.42 -8.11
C ASP A 71 -3.58 -5.63 -9.03
N LEU A 72 -2.42 -5.90 -9.60
CA LEU A 72 -2.32 -6.90 -10.63
C LEU A 72 -1.81 -8.12 -9.94
N HIS A 73 -2.43 -9.27 -10.19
CA HIS A 73 -2.07 -10.47 -9.49
C HIS A 73 -1.05 -11.25 -10.27
N LYS A 74 -0.13 -11.90 -9.55
CA LYS A 74 0.71 -12.92 -10.17
C LYS A 74 -0.21 -13.95 -10.82
N GLY A 75 0.18 -14.40 -12.02
CA GLY A 75 -0.67 -15.33 -12.78
C GLY A 75 -1.64 -14.72 -13.79
N SER A 76 -2.14 -13.52 -13.54
CA SER A 76 -3.12 -12.92 -14.44
C SER A 76 -2.70 -11.53 -14.93
N GLY A 77 -3.09 -10.50 -14.19
CA GLY A 77 -2.73 -9.14 -14.58
C GLY A 77 -1.23 -8.96 -14.76
N GLN A 78 -0.46 -9.51 -13.83
CA GLN A 78 0.99 -9.43 -13.96
C GLN A 78 1.50 -10.10 -15.26
N GLU A 79 0.89 -11.22 -15.66
CA GLU A 79 1.25 -11.89 -16.90
C GLU A 79 1.05 -10.99 -18.11
N ALA A 80 -0.07 -10.27 -18.12
CA ALA A 80 -0.37 -9.40 -19.24
C ALA A 80 0.69 -8.34 -19.29
N MET A 81 0.96 -7.70 -18.14
CA MET A 81 2.01 -6.69 -18.02
C MET A 81 3.41 -7.16 -18.43
N LYS A 82 3.79 -8.35 -17.94
CA LYS A 82 5.05 -8.98 -18.33
C LYS A 82 5.13 -9.12 -19.84
N LYS A 83 4.05 -9.55 -20.49
CA LYS A 83 4.03 -9.77 -21.94
C LYS A 83 4.19 -8.45 -22.70
N ALA A 84 3.77 -7.37 -22.06
CA ALA A 84 3.90 -6.03 -22.64
C ALA A 84 5.25 -5.42 -22.32
N GLY A 85 6.04 -6.15 -21.53
CA GLY A 85 7.30 -5.62 -21.05
C GLY A 85 7.09 -4.47 -20.07
N LEU A 86 6.06 -4.56 -19.25
CA LEU A 86 5.69 -3.42 -18.40
C LEU A 86 5.64 -3.72 -16.88
N LEU A 87 5.97 -4.97 -16.52
CA LEU A 87 5.91 -5.45 -15.14
C LEU A 87 6.80 -4.63 -14.23
N GLN A 88 8.01 -4.45 -14.68
CA GLN A 88 8.97 -3.71 -13.90
C GLN A 88 8.42 -2.28 -13.66
N THR A 89 7.82 -1.68 -14.69
CA THR A 89 7.34 -0.33 -14.57
C THR A 89 6.19 -0.30 -13.55
N TYR A 90 5.33 -1.30 -13.64
CA TYR A 90 4.22 -1.43 -12.72
C TYR A 90 4.77 -1.56 -11.29
N TYR A 91 5.74 -2.47 -11.09
CA TYR A 91 6.39 -2.57 -9.80
C TYR A 91 6.99 -1.25 -9.36
N ASP A 92 7.70 -0.56 -10.26
CA ASP A 92 8.25 0.77 -9.91
C ASP A 92 7.21 1.75 -9.35
N LEU A 93 6.03 1.81 -9.95
CA LEU A 93 5.07 2.81 -9.54
C LEU A 93 4.11 2.37 -8.42
N ALA A 94 3.97 1.06 -8.25
CA ALA A 94 2.95 0.51 -7.33
C ALA A 94 3.46 0.57 -5.88
N LEU A 95 2.52 0.65 -4.94
CA LEU A 95 2.86 0.69 -3.53
C LEU A 95 2.35 -0.59 -2.75
N PRO A 96 3.26 -1.50 -2.36
CA PRO A 96 2.73 -2.60 -1.58
C PRO A 96 2.13 -2.06 -0.31
N MET A 97 1.00 -2.64 0.09
CA MET A 97 0.30 -2.23 1.30
C MET A 97 -0.18 -3.36 2.18
N GLY A 98 -0.07 -3.16 3.48
CA GLY A 98 -0.75 -4.00 4.45
C GLY A 98 -2.24 -3.70 4.58
N VAL A 99 -2.93 -4.61 5.29
CA VAL A 99 -4.34 -4.49 5.53
C VAL A 99 -4.60 -4.58 7.02
N ASN A 100 -5.40 -3.63 7.51
CA ASN A 100 -5.91 -3.68 8.86
C ASN A 100 -7.36 -4.06 8.80
N ILE A 101 -7.80 -4.91 9.70
CA ILE A 101 -9.20 -5.16 9.80
C ILE A 101 -9.65 -4.57 11.13
N ALA A 102 -10.73 -3.76 11.10
CA ALA A 102 -11.27 -3.09 12.28
C ALA A 102 -12.77 -3.33 12.60
N ASP A 103 -13.16 -3.06 13.84
CA ASP A 103 -14.59 -3.09 14.16
C ASP A 103 -15.11 -1.67 14.10
N GLU A 104 -16.41 -1.48 14.23
CA GLU A 104 -17.04 -0.15 14.18
C GLU A 104 -16.63 0.72 15.35
N LYS A 105 -15.97 0.12 16.32
CA LYS A 105 -15.55 0.87 17.49
C LYS A 105 -14.08 1.27 17.42
N GLY A 106 -13.39 0.93 16.31
CA GLY A 106 -12.00 1.37 16.10
C GLY A 106 -10.85 0.48 16.62
N ASN A 107 -11.19 -0.66 17.22
CA ASN A 107 -10.24 -1.67 17.56
C ASN A 107 -9.74 -2.38 16.29
N ILE A 108 -8.41 -2.49 16.21
CA ILE A 108 -7.77 -3.23 15.15
C ILE A 108 -7.89 -4.69 15.52
N LEU A 109 -8.52 -5.48 14.66
CA LEU A 109 -8.72 -6.90 14.96
C LEU A 109 -7.61 -7.73 14.34
N SER A 110 -6.98 -7.19 13.32
CA SER A 110 -5.99 -7.91 12.54
C SER A 110 -5.17 -6.93 11.69
N THR A 111 -3.84 -7.05 11.75
CA THR A 111 -2.94 -6.33 10.86
C THR A 111 -2.21 -7.40 10.04
N LYS A 112 -2.35 -7.43 8.73
CA LYS A 112 -1.44 -8.25 7.92
C LYS A 112 -0.45 -7.27 7.25
N ASN A 113 0.83 -7.39 7.56
CA ASN A 113 1.79 -6.46 6.96
C ASN A 113 2.47 -6.93 5.68
N VAL A 114 3.06 -5.97 4.98
CA VAL A 114 3.87 -6.29 3.83
C VAL A 114 5.13 -6.99 4.29
N LYS A 115 5.38 -8.18 3.76
CA LYS A 115 6.64 -8.93 4.04
C LYS A 115 7.57 -9.01 2.79
N PRO A 116 8.87 -9.16 3.00
CA PRO A 116 9.81 -9.46 1.91
C PRO A 116 9.24 -10.29 0.73
N GLU A 117 8.63 -11.45 1.01
CA GLU A 117 8.07 -12.32 -0.01
C GLU A 117 6.73 -11.79 -0.53
N ASN A 118 5.91 -11.24 0.35
CA ASN A 118 4.72 -10.46 -0.06
C ASN A 118 4.97 -9.49 -1.20
N ARG A 119 6.07 -8.74 -1.14
CA ARG A 119 6.20 -7.41 -1.80
C ARG A 119 5.58 -7.28 -3.18
N PHE A 120 5.86 -8.25 -4.04
CA PHE A 120 5.44 -8.19 -5.42
C PHE A 120 4.13 -8.90 -5.75
N ASP A 121 3.40 -9.31 -4.74
CA ASP A 121 2.23 -10.12 -4.97
C ASP A 121 1.12 -9.33 -5.67
N ASN A 122 0.73 -8.20 -5.07
CA ASN A 122 -0.30 -7.33 -5.66
C ASN A 122 -0.20 -5.90 -5.17
N PRO A 123 0.94 -5.22 -5.48
CA PRO A 123 1.10 -3.83 -4.99
C PRO A 123 0.08 -2.90 -5.62
N GLU A 124 -0.38 -1.90 -4.88
CA GLU A 124 -1.44 -1.01 -5.33
C GLU A 124 -0.95 0.04 -6.32
N ILE A 125 -1.65 0.17 -7.44
CA ILE A 125 -1.26 1.20 -8.33
C ILE A 125 -2.45 2.13 -8.57
N ASN A 126 -2.13 3.42 -8.70
CA ASN A 126 -3.10 4.43 -8.97
C ASN A 126 -3.56 4.32 -10.42
N ARG A 127 -4.83 4.62 -10.65
CA ARG A 127 -5.42 4.33 -11.94
C ARG A 127 -4.89 5.25 -13.01
N ASN A 128 -4.57 6.47 -12.63
CA ASN A 128 -4.00 7.39 -13.58
C ASN A 128 -2.62 6.92 -13.92
N ASP A 129 -1.86 6.57 -12.84
CA ASP A 129 -0.52 6.01 -12.98
C ASP A 129 -0.50 4.81 -13.96
N LEU A 130 -1.41 3.85 -13.79
CA LEU A 130 -1.42 2.67 -14.64
C LEU A 130 -1.62 3.08 -16.05
N ARG A 131 -2.55 4.00 -16.31
CA ARG A 131 -2.82 4.51 -17.66
C ARG A 131 -1.63 5.26 -18.28
N ALA A 132 -0.91 6.01 -17.47
CA ALA A 132 0.30 6.64 -17.97
C ALA A 132 1.35 5.60 -18.44
N ILE A 133 1.48 4.46 -17.72
CA ILE A 133 2.42 3.40 -18.09
C ILE A 133 1.96 2.81 -19.41
N LEU A 134 0.67 2.50 -19.49
CA LEU A 134 0.10 1.94 -20.67
C LEU A 134 0.25 2.89 -21.82
N LEU A 135 -0.28 4.11 -21.70
CA LEU A 135 -0.15 5.12 -22.79
C LEU A 135 1.26 5.28 -23.28
N ASN A 136 2.19 5.36 -22.36
CA ASN A 136 3.56 5.49 -22.73
C ASN A 136 4.12 4.35 -23.58
N SER A 137 3.53 3.17 -23.51
CA SER A 137 4.07 2.03 -24.25
C SER A 137 3.63 2.02 -25.73
N LEU A 138 2.56 2.75 -26.04
CA LEU A 138 1.99 2.79 -27.38
C LEU A 138 2.63 3.83 -28.30
N GLU A 139 2.58 3.62 -29.60
CA GLU A 139 3.14 4.60 -30.50
C GLU A 139 2.29 5.86 -30.43
N ASN A 140 2.77 6.98 -30.93
CA ASN A 140 2.03 8.25 -30.82
C ASN A 140 0.75 8.20 -31.62
N ASP A 141 -0.30 8.85 -31.10
CA ASP A 141 -1.60 8.84 -31.78
C ASP A 141 -2.27 7.45 -31.87
N THR A 142 -1.89 6.54 -31.00
CA THR A 142 -2.57 5.29 -30.98
C THR A 142 -3.98 5.51 -30.44
N VAL A 143 -4.06 6.24 -29.32
CA VAL A 143 -5.34 6.62 -28.76
C VAL A 143 -5.85 7.91 -29.40
N ILE A 144 -7.13 7.96 -29.74
CA ILE A 144 -7.72 9.19 -30.28
C ILE A 144 -8.69 9.71 -29.25
N TRP A 145 -8.39 10.84 -28.67
CA TRP A 145 -9.13 11.37 -27.54
C TRP A 145 -10.39 12.06 -27.95
N ASP A 146 -11.26 12.30 -26.98
CA ASP A 146 -12.53 12.98 -27.25
C ASP A 146 -13.28 12.24 -28.36
N ARG A 147 -13.30 10.92 -28.22
CA ARG A 147 -14.03 10.06 -29.14
C ARG A 147 -15.05 9.20 -28.39
N LYS A 148 -16.30 9.61 -28.39
CA LYS A 148 -17.29 8.86 -27.68
C LYS A 148 -18.06 8.04 -28.70
N LEU A 149 -17.82 6.72 -28.72
CA LEU A 149 -18.55 5.86 -29.68
C LEU A 149 -20.03 5.85 -29.33
N VAL A 150 -20.90 6.24 -30.27
CA VAL A 150 -22.33 6.27 -30.01
C VAL A 150 -23.09 5.30 -30.88
N MET A 151 -22.51 4.95 -32.02
CA MET A 151 -23.16 4.04 -32.94
C MET A 151 -22.23 3.12 -33.75
N LEU A 152 -22.74 1.96 -34.09
CA LEU A 152 -21.93 0.99 -34.77
C LEU A 152 -22.70 0.33 -35.92
N GLU A 153 -22.15 0.39 -37.13
CA GLU A 153 -22.86 -0.21 -38.27
C GLU A 153 -21.95 -1.07 -39.13
N PRO A 154 -22.39 -2.31 -39.41
CA PRO A 154 -21.63 -3.27 -40.24
C PRO A 154 -21.76 -2.93 -41.73
N GLY A 155 -20.68 -2.42 -42.32
CA GLY A 155 -20.69 -2.01 -43.71
C GLY A 155 -20.50 -3.21 -44.62
N LYS A 156 -20.15 -2.91 -45.88
CA LYS A 156 -19.82 -3.93 -46.87
C LYS A 156 -18.75 -4.93 -46.40
N LYS A 157 -17.58 -4.40 -46.00
CA LYS A 157 -16.43 -5.21 -45.56
C LYS A 157 -15.87 -4.68 -44.21
N LYS A 158 -16.30 -3.49 -43.82
CA LYS A 158 -15.84 -2.81 -42.60
C LYS A 158 -16.97 -2.30 -41.74
N TRP A 159 -16.67 -2.21 -40.44
CA TRP A 159 -17.50 -1.54 -39.48
C TRP A 159 -17.37 -0.06 -39.65
N THR A 160 -18.52 0.62 -39.63
CA THR A 160 -18.51 2.06 -39.57
C THR A 160 -18.82 2.53 -38.16
N LEU A 161 -17.91 3.36 -37.65
CA LEU A 161 -17.94 3.78 -36.28
C LEU A 161 -18.35 5.23 -36.26
N THR A 162 -19.41 5.51 -35.51
CA THR A 162 -19.96 6.86 -35.37
C THR A 162 -19.63 7.42 -33.99
N PHE A 163 -19.07 8.62 -33.98
CA PHE A 163 -18.64 9.29 -32.75
C PHE A 163 -19.35 10.62 -32.58
N GLU A 164 -19.84 10.86 -31.36
CA GLU A 164 -20.50 12.13 -31.08
C GLU A 164 -19.66 13.29 -31.57
N ASN A 165 -20.24 14.01 -32.53
CA ASN A 165 -19.68 15.22 -33.05
C ASN A 165 -18.23 15.11 -33.45
N LYS A 166 -17.89 13.95 -34.00
CA LYS A 166 -16.57 13.74 -34.63
C LYS A 166 -16.70 12.97 -35.93
N PRO A 167 -15.68 13.03 -36.79
CA PRO A 167 -15.71 12.26 -38.03
C PRO A 167 -15.74 10.76 -37.75
N SER A 168 -16.61 10.06 -38.46
CA SER A 168 -16.68 8.61 -38.46
C SER A 168 -15.41 7.89 -38.94
N GLU A 169 -15.23 6.70 -38.44
CA GLU A 169 -14.08 5.89 -38.76
C GLU A 169 -14.59 4.56 -39.28
N THR A 170 -13.68 3.78 -39.81
CA THR A 170 -14.03 2.41 -40.17
C THR A 170 -12.94 1.47 -39.65
N ALA A 171 -13.28 0.19 -39.47
CA ALA A 171 -12.32 -0.80 -38.97
C ALA A 171 -12.72 -2.19 -39.45
N ASP A 172 -11.72 -3.09 -39.55
CA ASP A 172 -12.01 -4.47 -39.89
C ASP A 172 -12.49 -5.28 -38.70
N LEU A 173 -11.93 -5.02 -37.51
CA LEU A 173 -12.30 -5.69 -36.24
C LEU A 173 -12.53 -4.63 -35.17
N VAL A 174 -13.71 -4.69 -34.53
CA VAL A 174 -14.06 -3.84 -33.39
C VAL A 174 -13.90 -4.66 -32.13
N ILE A 175 -13.20 -4.09 -31.16
CA ILE A 175 -13.09 -4.68 -29.85
C ILE A 175 -13.69 -3.73 -28.83
N LEU A 176 -14.81 -4.16 -28.25
CA LEU A 176 -15.45 -3.37 -27.20
C LEU A 176 -14.65 -3.57 -25.91
N ALA A 177 -14.11 -2.45 -25.43
CA ALA A 177 -13.43 -2.37 -24.15
C ALA A 177 -13.90 -1.06 -23.47
N ASN A 178 -15.16 -0.68 -23.70
CA ASN A 178 -15.63 0.58 -23.15
C ASN A 178 -16.41 0.47 -21.81
N GLY A 179 -16.09 -0.56 -21.04
CA GLY A 179 -16.55 -0.74 -19.67
C GLY A 179 -17.91 -1.39 -19.49
N GLY A 180 -18.36 -1.38 -18.23
CA GLY A 180 -19.50 -2.18 -17.80
C GLY A 180 -20.84 -1.72 -18.31
N MET A 181 -20.93 -0.46 -18.71
CA MET A 181 -22.21 0.14 -19.06
C MET A 181 -22.28 0.35 -20.57
N SER A 182 -21.36 -0.29 -21.31
CA SER A 182 -21.34 -0.19 -22.78
C SER A 182 -22.74 -0.28 -23.40
N LYS A 183 -23.07 0.70 -24.25
CA LYS A 183 -24.40 0.81 -24.87
C LYS A 183 -24.34 0.23 -26.25
N VAL A 184 -23.21 -0.35 -26.62
CA VAL A 184 -22.98 -0.63 -28.00
C VAL A 184 -22.77 -2.14 -28.25
N ARG A 185 -23.45 -2.97 -27.49
CA ARG A 185 -23.17 -4.39 -27.42
C ARG A 185 -24.10 -5.29 -28.30
N LYS A 186 -25.10 -4.70 -28.97
CA LYS A 186 -26.21 -5.52 -29.51
C LYS A 186 -25.74 -6.54 -30.57
N PHE A 187 -24.62 -6.28 -31.22
CA PHE A 187 -24.13 -7.23 -32.24
C PHE A 187 -23.46 -8.46 -31.67
N VAL A 188 -23.16 -8.43 -30.38
CA VAL A 188 -22.52 -9.57 -29.76
C VAL A 188 -23.55 -10.36 -28.97
N THR A 189 -24.32 -9.63 -28.17
CA THR A 189 -25.24 -10.24 -27.23
C THR A 189 -26.42 -9.29 -26.91
N ASP A 190 -27.63 -9.81 -26.73
CA ASP A 190 -28.75 -9.03 -26.14
C ASP A 190 -28.77 -9.07 -24.59
N THR A 191 -27.75 -9.66 -23.98
CA THR A 191 -27.67 -9.71 -22.53
C THR A 191 -27.63 -8.27 -22.01
N GLU A 192 -28.35 -7.99 -20.93
CA GLU A 192 -28.34 -6.66 -20.35
C GLU A 192 -27.59 -6.65 -19.06
N VAL A 193 -26.98 -5.53 -18.76
CA VAL A 193 -26.45 -5.33 -17.44
C VAL A 193 -27.59 -5.49 -16.35
N GLU A 194 -27.27 -6.03 -15.18
CA GLU A 194 -28.22 -6.09 -14.03
C GLU A 194 -27.68 -5.47 -12.72
N GLU A 195 -28.58 -4.94 -11.92
CA GLU A 195 -28.22 -4.52 -10.58
C GLU A 195 -28.20 -5.72 -9.67
N THR A 196 -27.23 -5.82 -8.77
CA THR A 196 -27.11 -7.01 -7.97
C THR A 196 -27.87 -6.94 -6.63
N GLY A 197 -28.35 -5.74 -6.27
CA GLY A 197 -28.88 -5.47 -4.94
C GLY A 197 -28.00 -4.74 -3.92
N THR A 198 -26.70 -4.58 -4.18
CA THR A 198 -25.88 -3.73 -3.33
C THR A 198 -25.56 -2.34 -3.94
N PHE A 199 -24.98 -1.49 -3.11
CA PHE A 199 -24.74 -0.11 -3.49
C PHE A 199 -23.49 0.42 -2.78
N ASN A 200 -22.75 1.25 -3.54
CA ASN A 200 -21.47 1.82 -3.13
C ASN A 200 -21.49 3.33 -3.11
N ILE A 201 -20.98 3.91 -2.03
CA ILE A 201 -20.68 5.31 -1.96
C ILE A 201 -19.13 5.47 -1.81
N GLN A 202 -18.51 6.36 -2.58
CA GLN A 202 -17.07 6.62 -2.51
C GLN A 202 -16.71 8.12 -2.49
N ALA A 203 -15.60 8.44 -1.86
CA ALA A 203 -15.16 9.80 -1.86
C ALA A 203 -13.65 9.75 -1.74
N ASP A 204 -13.00 10.87 -2.08
CA ASP A 204 -11.61 11.09 -1.82
C ASP A 204 -11.47 12.15 -0.74
N ILE A 205 -10.48 12.01 0.16
CA ILE A 205 -10.14 13.09 1.14
C ILE A 205 -8.67 13.50 0.94
N HIS A 206 -8.43 14.79 0.68
CA HIS A 206 -7.06 15.26 0.55
C HIS A 206 -6.46 15.66 1.89
N GLN A 207 -5.13 15.64 1.96
CA GLN A 207 -4.44 15.84 3.23
C GLN A 207 -5.14 15.10 4.40
N PRO A 208 -5.25 13.76 4.29
CA PRO A 208 -6.02 13.07 5.33
C PRO A 208 -5.39 13.18 6.70
N GLU A 209 -4.07 13.35 6.77
CA GLU A 209 -3.42 13.52 8.07
C GLU A 209 -3.98 14.72 8.86
N ILE A 210 -4.44 15.72 8.11
CA ILE A 210 -4.99 16.96 8.63
C ILE A 210 -6.49 16.80 8.78
N ASN A 211 -7.12 16.24 7.75
CA ASN A 211 -8.58 16.31 7.61
C ASN A 211 -9.39 15.18 8.25
N CYS A 212 -8.77 14.02 8.40
CA CYS A 212 -9.37 12.95 9.16
C CYS A 212 -8.25 12.22 9.98
N PRO A 213 -7.63 12.95 10.90
CA PRO A 213 -6.47 12.38 11.64
C PRO A 213 -6.76 11.08 12.37
N GLY A 214 -7.81 11.05 13.17
CA GLY A 214 -8.22 9.83 13.83
C GLY A 214 -8.28 8.65 12.85
N PHE A 215 -8.94 8.88 11.71
CA PHE A 215 -9.08 7.78 10.82
C PHE A 215 -7.75 7.50 10.13
N PHE A 216 -7.06 8.57 9.71
CA PHE A 216 -5.77 8.39 9.05
C PHE A 216 -4.85 7.52 9.92
N GLN A 217 -4.84 7.83 11.22
CA GLN A 217 -4.11 7.08 12.24
C GLN A 217 -4.60 5.62 12.44
N LEU A 218 -5.91 5.40 12.54
CA LEU A 218 -6.41 4.05 12.48
C LEU A 218 -5.77 3.24 11.32
N CYS A 219 -5.61 3.85 10.15
CA CYS A 219 -5.20 3.10 8.95
C CYS A 219 -3.74 2.75 9.12
N ASN A 220 -2.99 3.66 9.76
CA ASN A 220 -1.57 3.49 9.96
C ASN A 220 -0.79 3.08 8.72
N GLY A 221 -0.99 3.76 7.61
CA GLY A 221 -0.31 3.40 6.35
C GLY A 221 -0.75 2.11 5.72
N ASN A 222 -1.71 1.45 6.35
CA ASN A 222 -2.32 0.25 5.76
C ASN A 222 -3.70 0.57 5.18
N ARG A 223 -4.14 -0.27 4.24
CA ARG A 223 -5.58 -0.33 3.86
C ARG A 223 -6.41 -0.74 5.06
N LEU A 224 -7.66 -0.29 5.13
CA LEU A 224 -8.55 -0.66 6.23
C LEU A 224 -9.87 -1.25 5.74
N MET A 225 -10.30 -2.35 6.33
CA MET A 225 -11.63 -2.90 6.03
C MET A 225 -12.41 -3.01 7.36
N ALA A 226 -13.65 -2.58 7.37
CA ALA A 226 -14.47 -2.71 8.57
C ALA A 226 -15.89 -3.14 8.21
N SER A 227 -16.60 -3.76 9.14
CA SER A 227 -17.85 -4.41 8.83
C SER A 227 -18.76 -4.34 10.05
N HIS A 228 -19.96 -3.76 9.91
CA HIS A 228 -20.92 -3.77 11.03
C HIS A 228 -22.31 -3.69 10.52
N GLN A 229 -23.10 -4.72 10.80
CA GLN A 229 -24.52 -4.76 10.39
C GLN A 229 -24.76 -4.57 8.87
N GLY A 230 -24.05 -5.33 8.05
CA GLY A 230 -24.23 -5.19 6.62
C GLY A 230 -23.87 -3.83 6.02
N ASN A 231 -23.13 -3.01 6.75
CA ASN A 231 -22.41 -1.88 6.16
C ASN A 231 -20.90 -2.07 6.14
N LEU A 232 -20.32 -2.21 4.95
CA LEU A 232 -18.85 -2.30 4.74
C LEU A 232 -18.15 -0.97 4.48
N LEU A 233 -16.99 -0.78 5.10
CA LEU A 233 -16.15 0.35 4.86
C LEU A 233 -14.84 -0.20 4.37
N PHE A 234 -14.26 0.43 3.34
CA PHE A 234 -12.97 0.06 2.73
C PHE A 234 -12.23 1.36 2.56
N ALA A 235 -11.02 1.49 3.09
CA ALA A 235 -10.25 2.71 2.81
C ALA A 235 -8.81 2.42 2.39
N ASN A 236 -8.29 3.18 1.42
CA ASN A 236 -6.89 3.20 1.20
C ASN A 236 -6.43 4.60 1.66
N PRO A 237 -5.55 4.67 2.68
CA PRO A 237 -5.09 5.99 3.16
C PRO A 237 -4.10 6.70 2.23
N ASN A 238 -3.57 5.95 1.26
CA ASN A 238 -2.50 6.49 0.43
C ASN A 238 -2.61 6.15 -1.06
N ASN A 239 -3.66 6.71 -1.67
CA ASN A 239 -3.77 6.79 -3.11
C ASN A 239 -3.14 8.07 -3.58
N ASN A 240 -1.84 8.03 -3.87
CA ASN A 240 -1.11 9.21 -4.29
C ASN A 240 -1.42 10.38 -3.34
N GLY A 241 -1.44 10.12 -2.04
CA GLY A 241 -1.53 11.18 -1.08
C GLY A 241 -2.90 11.54 -0.61
N ALA A 242 -3.93 10.97 -1.23
CA ALA A 242 -5.31 11.15 -0.79
C ALA A 242 -5.87 9.88 -0.17
N LEU A 243 -6.70 10.04 0.83
CA LEU A 243 -7.44 8.94 1.35
C LEU A 243 -8.61 8.71 0.40
N HIS A 244 -8.76 7.51 -0.13
CA HIS A 244 -9.99 7.10 -0.83
C HIS A 244 -10.79 6.16 0.01
N PHE A 245 -12.10 6.34 0.05
CA PHE A 245 -12.87 5.33 0.81
C PHE A 245 -14.21 4.95 0.21
N GLY A 246 -14.64 3.73 0.47
CA GLY A 246 -15.90 3.27 -0.03
C GLY A 246 -16.77 2.70 1.04
N ILE A 247 -18.03 3.06 1.04
CA ILE A 247 -18.99 2.41 1.92
C ILE A 247 -19.94 1.60 1.04
N SER A 248 -20.18 0.33 1.40
CA SER A 248 -21.11 -0.55 0.65
C SER A 248 -22.16 -1.18 1.53
N PHE A 249 -23.34 -1.38 0.95
CA PHE A 249 -24.54 -1.88 1.65
C PHE A 249 -25.56 -2.48 0.68
N LYS A 250 -26.55 -3.18 1.23
CA LYS A 250 -27.74 -3.64 0.49
C LYS A 250 -28.55 -2.40 0.13
N THR A 251 -29.01 -2.32 -1.11
CA THR A 251 -29.67 -1.14 -1.63
C THR A 251 -30.94 -1.05 -0.85
N PRO A 252 -31.22 0.10 -0.23
CA PRO A 252 -32.42 0.21 0.63
C PRO A 252 -33.71 0.04 -0.20
N ASP A 253 -34.62 -0.82 0.25
CA ASP A 253 -35.83 -1.17 -0.49
C ASP A 253 -36.59 0.10 -0.95
N GLU A 254 -36.42 1.18 -0.20
CA GLU A 254 -37.06 2.47 -0.47
C GLU A 254 -36.55 3.17 -1.75
N TRP A 255 -35.67 2.54 -2.53
CA TRP A 255 -35.06 3.17 -3.73
C TRP A 255 -35.42 2.46 -5.02
N GLN A 260 -34.03 7.67 -2.66
CA GLN A 260 -34.41 8.55 -1.56
C GLN A 260 -33.33 9.56 -1.12
N VAL A 261 -32.06 9.23 -1.41
CA VAL A 261 -30.91 10.12 -1.24
C VAL A 261 -30.58 10.74 -2.59
N ASP A 262 -30.12 11.99 -2.61
CA ASP A 262 -29.73 12.64 -3.87
C ASP A 262 -28.23 12.94 -3.90
N PHE A 263 -27.49 12.35 -4.84
CA PHE A 263 -26.02 12.48 -4.74
C PHE A 263 -25.44 13.85 -5.06
N GLN A 264 -26.28 14.69 -5.68
CA GLN A 264 -26.01 16.11 -5.92
C GLN A 264 -25.86 16.90 -4.63
N ASN A 265 -26.72 16.59 -3.67
CA ASN A 265 -26.81 17.31 -2.41
C ASN A 265 -25.99 16.60 -1.33
N ARG A 266 -24.84 17.16 -0.96
CA ARG A 266 -23.97 16.46 -0.02
C ARG A 266 -24.68 16.35 1.32
N ASN A 267 -25.61 17.27 1.56
CA ASN A 267 -26.30 17.31 2.83
C ASN A 267 -27.20 16.11 3.01
N SER A 268 -27.80 15.65 1.90
CA SER A 268 -28.71 14.52 1.95
C SER A 268 -27.96 13.20 2.02
N VAL A 269 -26.77 13.18 1.44
CA VAL A 269 -25.92 11.99 1.53
C VAL A 269 -25.32 11.85 2.92
N VAL A 270 -24.82 12.96 3.47
CA VAL A 270 -24.39 13.04 4.89
C VAL A 270 -25.47 12.56 5.90
N ASP A 271 -26.67 13.16 5.84
CA ASP A 271 -27.79 12.73 6.66
C ASP A 271 -27.98 11.21 6.69
N PHE A 272 -27.92 10.59 5.51
CA PHE A 272 -28.21 9.17 5.36
C PHE A 272 -27.09 8.31 5.99
N LEU A 273 -25.85 8.74 5.75
CA LEU A 273 -24.65 8.04 6.25
C LEU A 273 -24.54 8.14 7.77
N LEU A 274 -24.76 9.34 8.30
CA LEU A 274 -24.83 9.54 9.76
C LEU A 274 -25.90 8.68 10.43
N LYS A 275 -27.11 8.59 9.87
CA LYS A 275 -28.11 7.62 10.39
C LYS A 275 -27.59 6.17 10.25
N GLU A 276 -27.11 5.78 9.06
CA GLU A 276 -26.63 4.41 8.90
C GLU A 276 -25.41 4.02 9.72
N PHE A 277 -24.55 5.00 10.01
CA PHE A 277 -23.29 4.75 10.71
C PHE A 277 -23.31 5.29 12.13
N SER A 278 -24.49 5.54 12.68
CA SER A 278 -24.57 6.25 13.95
C SER A 278 -23.90 5.45 15.02
N ASP A 279 -23.99 4.12 14.92
CA ASP A 279 -23.38 3.17 15.85
C ASP A 279 -21.83 3.26 15.91
N TRP A 280 -21.20 3.71 14.81
CA TRP A 280 -19.74 3.79 14.62
C TRP A 280 -18.98 4.86 15.38
N ASP A 281 -17.71 4.59 15.68
CA ASP A 281 -16.81 5.52 16.35
C ASP A 281 -16.75 6.86 15.67
N GLU A 282 -16.54 7.92 16.47
CA GLU A 282 -16.27 9.31 15.97
C GLU A 282 -15.33 9.36 14.76
N ARG A 283 -14.19 8.67 14.84
CA ARG A 283 -13.22 8.65 13.74
C ARG A 283 -13.75 8.21 12.37
N TYR A 284 -14.69 7.27 12.31
CA TYR A 284 -15.38 7.01 11.03
C TYR A 284 -16.38 8.11 10.63
N LYS A 285 -17.06 8.71 11.60
CA LYS A 285 -18.00 9.80 11.34
C LYS A 285 -17.29 11.04 10.76
N GLU A 286 -16.16 11.38 11.37
CA GLU A 286 -15.23 12.41 10.93
C GLU A 286 -15.05 12.27 9.41
N LEU A 287 -14.88 11.04 8.94
CA LEU A 287 -14.81 10.76 7.51
C LEU A 287 -15.98 11.31 6.69
N ILE A 288 -17.21 11.06 7.16
CA ILE A 288 -18.41 11.54 6.48
C ILE A 288 -18.49 13.08 6.53
N HIS A 289 -18.27 13.68 7.72
CA HIS A 289 -18.35 15.13 7.89
C HIS A 289 -17.39 15.89 7.03
N THR A 290 -16.25 15.28 6.77
CA THR A 290 -15.16 16.01 6.18
C THR A 290 -15.22 15.92 4.63
N THR A 291 -15.81 14.86 4.09
CA THR A 291 -16.01 14.69 2.64
C THR A 291 -16.82 15.78 1.94
N LEU A 292 -16.21 16.40 0.93
CA LEU A 292 -16.88 17.47 0.20
C LEU A 292 -17.89 16.90 -0.77
N SER A 293 -17.56 15.84 -1.50
CA SER A 293 -18.61 15.16 -2.33
C SER A 293 -18.48 13.65 -2.56
N PHE A 294 -19.62 13.02 -2.84
CA PHE A 294 -19.75 11.57 -2.80
C PHE A 294 -20.17 11.04 -4.15
N VAL A 295 -19.55 9.96 -4.61
CA VAL A 295 -20.05 9.26 -5.77
C VAL A 295 -20.89 8.05 -5.36
N GLY A 296 -22.14 7.97 -5.83
CA GLY A 296 -23.00 6.84 -5.62
C GLY A 296 -23.01 5.94 -6.86
N LEU A 297 -23.16 4.65 -6.65
CA LEU A 297 -23.09 3.70 -7.74
C LEU A 297 -23.80 2.42 -7.28
N ALA A 298 -24.74 1.96 -8.06
CA ALA A 298 -25.33 0.65 -7.78
C ALA A 298 -24.44 -0.44 -8.41
N THR A 299 -24.09 -1.46 -7.62
CA THR A 299 -23.35 -2.61 -8.09
C THR A 299 -24.18 -3.29 -9.16
N ARG A 300 -23.50 -3.57 -10.27
CA ARG A 300 -24.08 -4.17 -11.47
C ARG A 300 -23.28 -5.38 -11.89
N ILE A 301 -23.91 -6.31 -12.57
CA ILE A 301 -23.20 -7.44 -13.19
C ILE A 301 -23.61 -7.50 -14.66
N PHE A 302 -22.70 -7.93 -15.51
CA PHE A 302 -23.03 -8.28 -16.88
C PHE A 302 -22.86 -9.80 -16.98
N PRO A 303 -23.94 -10.55 -16.78
CA PRO A 303 -23.78 -12.00 -16.59
C PRO A 303 -23.39 -12.77 -17.84
N LEU A 304 -22.47 -13.70 -17.66
CA LEU A 304 -22.11 -14.64 -18.70
C LEU A 304 -23.08 -15.80 -18.55
N GLU A 305 -24.36 -15.51 -18.81
CA GLU A 305 -25.46 -16.46 -18.56
C GLU A 305 -25.67 -17.34 -19.77
N LYS A 306 -26.12 -16.74 -20.86
CA LYS A 306 -26.33 -17.42 -22.12
C LYS A 306 -25.08 -17.19 -22.95
N PRO A 307 -24.82 -18.10 -23.91
CA PRO A 307 -23.72 -17.95 -24.89
C PRO A 307 -24.01 -16.76 -25.77
N TRP A 308 -22.97 -16.17 -26.33
CA TRP A 308 -23.11 -15.00 -27.18
C TRP A 308 -23.50 -15.38 -28.59
N LYS A 309 -23.89 -14.39 -29.40
CA LYS A 309 -24.38 -14.67 -30.77
C LYS A 309 -23.31 -15.31 -31.63
N SER A 310 -23.69 -16.33 -32.37
CA SER A 310 -22.74 -16.98 -33.27
C SER A 310 -22.93 -16.57 -34.70
N LYS A 311 -24.06 -15.94 -35.02
CA LYS A 311 -24.16 -15.31 -36.33
C LYS A 311 -23.84 -13.83 -36.13
N ARG A 312 -22.67 -13.40 -36.61
CA ARG A 312 -22.21 -12.00 -36.50
C ARG A 312 -21.80 -11.39 -37.82
N PRO A 313 -22.30 -10.19 -38.13
CA PRO A 313 -22.17 -9.64 -39.49
C PRO A 313 -20.71 -9.47 -39.93
N LEU A 314 -19.94 -8.73 -39.14
CA LEU A 314 -18.50 -8.61 -39.32
C LEU A 314 -17.81 -9.01 -38.01
N PRO A 315 -16.46 -9.08 -37.99
CA PRO A 315 -15.77 -9.43 -36.74
C PRO A 315 -15.87 -8.36 -35.65
N ILE A 316 -16.50 -8.73 -34.52
CA ILE A 316 -16.61 -7.92 -33.29
C ILE A 316 -16.55 -8.78 -32.05
N THR A 317 -15.94 -8.21 -31.00
CA THR A 317 -15.85 -8.91 -29.70
C THR A 317 -15.76 -7.94 -28.51
N MET A 318 -15.77 -8.50 -27.29
CA MET A 318 -15.70 -7.67 -26.06
C MET A 318 -14.66 -8.20 -25.08
N ILE A 319 -13.89 -7.30 -24.45
CA ILE A 319 -12.96 -7.68 -23.36
C ILE A 319 -13.27 -6.85 -22.11
N GLY A 320 -12.67 -7.18 -20.98
CA GLY A 320 -12.84 -6.39 -19.76
C GLY A 320 -14.24 -6.32 -19.23
N ASP A 321 -14.56 -5.23 -18.54
CA ASP A 321 -15.85 -5.02 -17.94
C ASP A 321 -16.99 -5.01 -18.96
N ALA A 322 -16.70 -4.65 -20.20
CA ALA A 322 -17.69 -4.81 -21.29
C ALA A 322 -18.12 -6.26 -21.50
N ALA A 323 -17.18 -7.19 -21.29
CA ALA A 323 -17.41 -8.60 -21.44
C ALA A 323 -18.01 -9.25 -20.20
N HIS A 324 -17.64 -8.78 -19.01
CA HIS A 324 -17.97 -9.51 -17.79
C HIS A 324 -17.94 -8.70 -16.53
N LEU A 325 -18.38 -7.45 -16.64
CA LEU A 325 -18.68 -6.65 -15.43
C LEU A 325 -19.21 -7.48 -14.26
N MET A 326 -18.68 -7.23 -13.06
CA MET A 326 -19.00 -8.06 -11.92
C MET A 326 -18.72 -7.32 -10.61
N PRO A 327 -19.40 -7.67 -9.51
CA PRO A 327 -19.13 -6.99 -8.23
C PRO A 327 -17.65 -7.00 -7.84
N PRO A 328 -17.16 -5.88 -7.31
CA PRO A 328 -15.73 -5.72 -7.08
C PRO A 328 -15.18 -6.34 -5.77
N PHE A 329 -16.08 -6.82 -4.93
CA PHE A 329 -15.78 -7.01 -3.53
C PHE A 329 -14.72 -8.08 -3.18
N ALA A 330 -14.58 -9.11 -4.02
CA ALA A 330 -13.53 -10.11 -3.80
C ALA A 330 -12.24 -9.86 -4.66
N GLY A 331 -12.00 -8.59 -5.04
CA GLY A 331 -10.82 -8.18 -5.81
C GLY A 331 -10.76 -8.71 -7.22
N GLN A 332 -11.89 -9.19 -7.74
CA GLN A 332 -12.01 -9.47 -9.16
C GLN A 332 -12.28 -8.17 -9.87
N GLY A 333 -11.90 -8.12 -11.15
CA GLY A 333 -12.14 -6.92 -11.92
C GLY A 333 -11.18 -6.86 -13.03
N VAL A 334 -10.17 -6.00 -12.85
CA VAL A 334 -9.20 -5.68 -13.91
C VAL A 334 -8.32 -6.86 -14.30
N ASN A 335 -8.03 -7.74 -13.35
CA ASN A 335 -7.19 -8.90 -13.66
C ASN A 335 -7.78 -9.83 -14.74
N SER A 336 -9.05 -10.23 -14.59
CA SER A 336 -9.81 -11.01 -15.58
C SER A 336 -9.77 -10.35 -16.99
N GLY A 337 -10.03 -9.06 -17.00
CA GLY A 337 -9.97 -8.26 -18.22
C GLY A 337 -8.60 -8.22 -18.85
N LEU A 338 -7.57 -8.14 -18.01
CA LEU A 338 -6.25 -8.19 -18.55
C LEU A 338 -5.88 -9.57 -19.15
N VAL A 339 -6.36 -10.63 -18.54
CA VAL A 339 -6.21 -11.92 -19.12
C VAL A 339 -6.91 -11.96 -20.48
N ASP A 340 -8.08 -11.32 -20.58
CA ASP A 340 -8.86 -11.35 -21.81
C ASP A 340 -7.96 -10.79 -22.88
N ALA A 341 -7.28 -9.69 -22.54
CA ALA A 341 -6.36 -9.02 -23.45
C ALA A 341 -5.20 -9.93 -23.85
N LEU A 342 -4.66 -10.63 -22.89
CA LEU A 342 -3.57 -11.53 -23.17
C LEU A 342 -4.01 -12.62 -24.15
N ILE A 343 -5.07 -13.35 -23.79
CA ILE A 343 -5.62 -14.43 -24.60
C ILE A 343 -6.05 -14.06 -26.03
N LEU A 344 -6.78 -12.95 -26.17
CA LEU A 344 -7.22 -12.46 -27.48
C LEU A 344 -6.05 -12.03 -28.40
N SER A 345 -5.06 -11.34 -27.85
CA SER A 345 -3.98 -10.88 -28.69
C SER A 345 -3.09 -12.02 -29.16
N ASP A 346 -2.93 -13.08 -28.35
CA ASP A 346 -2.18 -14.24 -28.83
C ASP A 346 -2.98 -14.92 -29.91
N ASN A 347 -4.26 -15.09 -29.64
CA ASN A 347 -5.16 -15.67 -30.60
C ASN A 347 -5.15 -15.02 -32.00
N LEU A 348 -4.78 -13.73 -32.06
CA LEU A 348 -4.81 -12.93 -33.27
C LEU A 348 -3.40 -12.73 -33.82
N ALA A 349 -2.38 -13.07 -33.04
CA ALA A 349 -1.01 -12.85 -33.45
C ALA A 349 -0.46 -14.17 -33.96
N ASP A 350 -0.97 -14.59 -35.13
CA ASP A 350 -0.74 -15.93 -35.66
C ASP A 350 -1.00 -16.11 -37.15
N GLY A 351 -0.46 -17.22 -37.68
CA GLY A 351 -1.00 -17.87 -38.88
C GLY A 351 -1.58 -19.19 -38.37
N LYS A 352 -2.11 -19.15 -37.14
CA LYS A 352 -2.52 -20.34 -36.34
C LYS A 352 -4.00 -20.67 -36.47
N PHE A 353 -4.86 -19.65 -36.44
CA PHE A 353 -6.29 -19.82 -36.71
C PHE A 353 -6.62 -19.58 -38.19
N ASN A 354 -7.69 -20.23 -38.68
CA ASN A 354 -8.11 -20.07 -40.06
C ASN A 354 -8.59 -18.69 -40.41
N SER A 355 -9.15 -18.00 -39.42
CA SER A 355 -9.83 -16.74 -39.66
C SER A 355 -9.92 -15.98 -38.34
N ILE A 356 -10.06 -14.66 -38.45
CA ILE A 356 -10.35 -13.83 -37.29
C ILE A 356 -11.51 -14.40 -36.49
N GLU A 357 -12.56 -14.84 -37.19
CA GLU A 357 -13.78 -15.35 -36.55
C GLU A 357 -13.49 -16.54 -35.61
N GLU A 358 -12.60 -17.43 -36.03
CA GLU A 358 -12.15 -18.54 -35.17
C GLU A 358 -11.29 -18.09 -33.99
N ALA A 359 -10.43 -17.11 -34.21
CA ALA A 359 -9.60 -16.54 -33.14
C ALA A 359 -10.44 -15.89 -32.03
N VAL A 360 -11.55 -15.25 -32.43
CA VAL A 360 -12.48 -14.66 -31.46
C VAL A 360 -13.28 -15.75 -30.75
N LYS A 361 -13.84 -16.67 -31.54
CA LYS A 361 -14.56 -17.84 -30.99
C LYS A 361 -13.81 -18.49 -29.85
N ASN A 362 -12.51 -18.68 -30.06
CA ASN A 362 -11.65 -19.39 -29.12
C ASN A 362 -11.44 -18.54 -27.88
N TYR A 363 -11.13 -17.27 -28.10
CA TYR A 363 -10.97 -16.35 -26.98
C TYR A 363 -12.23 -16.42 -26.08
N GLU A 364 -13.40 -16.27 -26.67
CA GLU A 364 -14.65 -16.26 -25.93
C GLU A 364 -14.96 -17.59 -25.20
N GLN A 365 -14.64 -18.72 -25.84
CA GLN A 365 -14.75 -20.03 -25.18
C GLN A 365 -13.98 -20.11 -23.86
N GLN A 366 -12.74 -19.63 -23.86
CA GLN A 366 -11.90 -19.60 -22.64
C GLN A 366 -12.45 -18.60 -21.62
N MET A 367 -12.85 -17.44 -22.13
CA MET A 367 -13.22 -16.34 -21.26
C MET A 367 -14.50 -16.68 -20.56
N PHE A 368 -15.40 -17.33 -21.25
CA PHE A 368 -16.57 -17.84 -20.56
C PHE A 368 -16.21 -18.73 -19.33
N ILE A 369 -15.14 -19.50 -19.40
CA ILE A 369 -14.83 -20.40 -18.29
C ILE A 369 -14.31 -19.62 -17.06
N TYR A 370 -13.24 -18.84 -17.23
CA TYR A 370 -12.63 -18.21 -16.06
C TYR A 370 -13.48 -17.01 -15.63
N GLY A 371 -14.15 -16.38 -16.58
CA GLY A 371 -15.09 -15.36 -16.30
C GLY A 371 -16.24 -15.86 -15.44
N LYS A 372 -16.81 -16.97 -15.82
CA LYS A 372 -17.94 -17.44 -15.06
C LYS A 372 -17.54 -17.75 -13.65
N GLU A 373 -16.34 -18.31 -13.50
CA GLU A 373 -15.79 -18.73 -12.21
C GLU A 373 -15.63 -17.50 -11.32
N ALA A 374 -15.08 -16.45 -11.92
CA ALA A 374 -14.92 -15.18 -11.27
C ALA A 374 -16.27 -14.62 -10.80
N GLN A 375 -17.23 -14.60 -11.70
CA GLN A 375 -18.53 -14.03 -11.40
C GLN A 375 -19.17 -14.76 -10.24
N GLU A 376 -19.07 -16.08 -10.21
CA GLU A 376 -19.55 -16.88 -9.10
C GLU A 376 -18.91 -16.53 -7.79
N GLU A 377 -17.58 -16.37 -7.81
CA GLU A 377 -16.80 -16.00 -6.64
C GLU A 377 -17.29 -14.61 -6.11
N SER A 378 -17.50 -13.63 -7.00
CA SER A 378 -17.90 -12.32 -6.53
C SER A 378 -19.34 -12.29 -6.10
N THR A 379 -20.15 -13.10 -6.74
CA THR A 379 -21.55 -13.14 -6.39
C THR A 379 -21.70 -13.78 -5.00
N GLN A 380 -20.96 -14.85 -4.75
CA GLN A 380 -21.08 -15.55 -3.49
C GLN A 380 -20.60 -14.61 -2.40
N ASN A 381 -19.51 -13.93 -2.72
CA ASN A 381 -18.85 -13.06 -1.79
C ASN A 381 -19.77 -11.90 -1.39
N GLU A 382 -20.43 -11.33 -2.38
CA GLU A 382 -21.43 -10.32 -2.17
C GLU A 382 -22.58 -10.81 -1.27
N ILE A 383 -23.03 -12.06 -1.46
CA ILE A 383 -24.01 -12.65 -0.58
C ILE A 383 -23.36 -12.83 0.80
N GLU A 384 -22.17 -13.39 0.84
CA GLU A 384 -21.45 -13.63 2.11
C GLU A 384 -21.29 -12.36 2.92
N MET A 385 -20.75 -11.32 2.27
CA MET A 385 -20.37 -10.04 2.88
C MET A 385 -21.53 -9.26 3.46
N PHE A 386 -22.64 -9.24 2.73
CA PHE A 386 -23.80 -8.46 3.12
C PHE A 386 -24.84 -9.25 3.88
N LYS A 387 -24.42 -10.40 4.42
CA LYS A 387 -25.20 -11.14 5.42
C LYS A 387 -25.08 -10.35 6.73
N PRO A 388 -26.13 -10.42 7.59
CA PRO A 388 -26.17 -9.68 8.87
C PRO A 388 -24.89 -9.80 9.72
N ASP A 389 -24.24 -10.96 9.69
CA ASP A 389 -23.15 -11.31 10.62
C ASP A 389 -21.83 -11.69 9.97
N PHE A 390 -21.36 -10.84 9.05
CA PHE A 390 -20.12 -11.10 8.30
C PHE A 390 -18.84 -10.92 9.13
N THR A 391 -17.85 -11.73 8.77
CA THR A 391 -16.59 -11.82 9.49
C THR A 391 -15.44 -12.11 8.50
N PHE A 392 -14.66 -11.07 8.18
CA PHE A 392 -13.69 -11.10 7.05
C PHE A 392 -12.81 -12.36 7.00
N ASN B 22 -10.89 -35.79 2.12
CA ASN B 22 -10.45 -35.12 3.39
C ASN B 22 -8.94 -35.11 3.55
N LEU B 23 -8.43 -34.09 4.23
CA LEU B 23 -7.04 -34.12 4.71
C LEU B 23 -6.94 -35.12 5.87
N LEU B 24 -8.08 -35.71 6.24
CA LEU B 24 -8.21 -36.58 7.41
C LEU B 24 -8.48 -38.05 7.04
N SER B 25 -8.80 -38.27 5.78
CA SER B 25 -9.19 -39.58 5.21
C SER B 25 -8.77 -40.85 5.97
N ASP B 26 -7.49 -40.95 6.32
CA ASP B 26 -6.97 -42.16 6.92
C ASP B 26 -6.63 -41.96 8.39
N LYS B 27 -7.23 -40.93 8.99
CA LYS B 27 -6.83 -40.50 10.31
C LYS B 27 -8.04 -40.43 11.24
N ASN B 28 -7.82 -39.95 12.47
CA ASN B 28 -8.93 -39.79 13.42
C ASN B 28 -8.73 -38.58 14.35
N VAL B 29 -9.85 -37.97 14.77
CA VAL B 29 -9.83 -36.74 15.55
C VAL B 29 -10.33 -36.94 16.99
N ALA B 30 -9.59 -36.43 17.96
CA ALA B 30 -10.08 -36.35 19.35
C ALA B 30 -10.47 -34.95 19.74
N ILE B 31 -11.78 -34.80 20.04
CA ILE B 31 -12.37 -33.61 20.63
C ILE B 31 -12.47 -33.80 22.12
N ILE B 32 -11.77 -32.95 22.85
CA ILE B 32 -11.79 -33.03 24.32
C ILE B 32 -12.83 -32.06 24.81
N GLY B 33 -13.87 -32.58 25.45
CA GLY B 33 -14.99 -31.72 25.80
C GLY B 33 -16.28 -31.90 24.99
N GLY B 34 -17.31 -32.42 25.64
CA GLY B 34 -18.63 -32.49 25.00
C GLY B 34 -19.61 -31.40 25.46
N GLY B 35 -19.13 -30.14 25.51
CA GLY B 35 -20.03 -29.01 25.70
C GLY B 35 -20.81 -28.75 24.42
N PRO B 36 -21.55 -27.66 24.39
CA PRO B 36 -22.19 -27.33 23.11
C PRO B 36 -21.22 -27.17 21.96
N VAL B 37 -20.08 -26.54 22.18
CA VAL B 37 -19.18 -26.33 21.07
C VAL B 37 -18.53 -27.66 20.56
N GLY B 38 -18.01 -28.48 21.47
CA GLY B 38 -17.34 -29.70 21.07
C GLY B 38 -18.29 -30.64 20.43
N LEU B 39 -19.50 -30.75 20.97
CA LEU B 39 -20.48 -31.64 20.35
C LEU B 39 -20.85 -31.17 18.95
N THR B 40 -20.86 -29.85 18.72
CA THR B 40 -21.16 -29.36 17.39
C THR B 40 -20.00 -29.68 16.45
N MET B 41 -18.78 -29.45 16.95
CA MET B 41 -17.58 -29.83 16.23
C MET B 41 -17.69 -31.27 15.81
N ALA B 42 -18.00 -32.17 16.74
CA ALA B 42 -18.11 -33.60 16.36
C ALA B 42 -19.14 -33.87 15.25
N LYS B 43 -20.28 -33.19 15.32
CA LYS B 43 -21.31 -33.39 14.31
C LYS B 43 -20.86 -32.98 12.92
N LEU B 44 -20.27 -31.77 12.83
CA LEU B 44 -19.89 -31.21 11.53
C LEU B 44 -18.78 -32.02 10.89
N LEU B 45 -17.87 -32.55 11.69
CA LEU B 45 -16.83 -33.41 11.18
C LEU B 45 -17.44 -34.75 10.76
N GLN B 46 -18.29 -35.31 11.62
CA GLN B 46 -18.82 -36.65 11.42
C GLN B 46 -19.65 -36.79 10.14
N GLN B 47 -20.33 -35.72 9.73
CA GLN B 47 -21.16 -35.77 8.54
C GLN B 47 -20.37 -35.66 7.21
N ASN B 48 -19.10 -35.24 7.33
CA ASN B 48 -18.18 -35.34 6.21
C ASN B 48 -17.39 -36.62 6.31
N GLY B 49 -17.89 -37.54 7.14
CA GLY B 49 -17.34 -38.89 7.25
C GLY B 49 -15.94 -38.99 7.83
N ILE B 50 -15.60 -38.01 8.64
CA ILE B 50 -14.37 -38.04 9.40
C ILE B 50 -14.61 -38.84 10.70
N ASP B 51 -13.64 -39.69 11.03
CA ASP B 51 -13.56 -40.40 12.30
C ASP B 51 -13.27 -39.45 13.48
N VAL B 52 -14.23 -39.34 14.40
CA VAL B 52 -14.06 -38.39 15.49
C VAL B 52 -14.60 -38.99 16.76
N SER B 53 -13.91 -38.75 17.87
CA SER B 53 -14.47 -39.13 19.17
C SER B 53 -14.51 -37.93 20.02
N VAL B 54 -15.50 -37.88 20.89
CA VAL B 54 -15.59 -36.83 21.88
C VAL B 54 -15.32 -37.43 23.26
N TYR B 55 -14.28 -36.94 23.91
CA TYR B 55 -13.97 -37.33 25.27
C TYR B 55 -14.55 -36.32 26.30
N GLU B 56 -15.46 -36.82 27.11
CA GLU B 56 -16.18 -35.98 28.06
C GLU B 56 -16.05 -36.42 29.49
N ARG B 57 -15.63 -35.46 30.31
CA ARG B 57 -15.58 -35.54 31.77
C ARG B 57 -16.85 -36.04 32.48
N ASP B 58 -18.01 -35.53 32.11
CA ASP B 58 -19.23 -35.93 32.79
C ASP B 58 -19.43 -37.39 32.83
N ASN B 59 -20.05 -37.81 33.91
CA ASN B 59 -20.19 -39.22 34.16
C ASN B 59 -21.01 -39.98 33.13
N ASP B 60 -22.12 -39.40 32.64
CA ASP B 60 -22.96 -40.01 31.59
C ASP B 60 -23.86 -38.94 31.00
N ARG B 61 -24.60 -39.30 29.95
CA ARG B 61 -25.43 -38.35 29.19
C ARG B 61 -26.50 -37.58 29.99
N GLU B 62 -26.85 -38.06 31.18
CA GLU B 62 -27.93 -37.47 31.98
C GLU B 62 -27.47 -36.53 33.07
N ALA B 63 -26.16 -36.27 33.11
CA ALA B 63 -25.55 -35.27 34.00
C ALA B 63 -26.28 -33.93 33.82
N ARG B 64 -26.73 -33.33 34.92
CA ARG B 64 -27.37 -32.04 34.88
C ARG B 64 -26.33 -30.97 34.63
N ILE B 65 -26.61 -30.03 33.73
CA ILE B 65 -25.72 -28.89 33.49
C ILE B 65 -26.30 -27.69 34.24
N PHE B 66 -25.61 -27.16 35.24
CA PHE B 66 -26.04 -25.94 35.93
C PHE B 66 -25.83 -24.69 35.04
N GLY B 67 -26.77 -23.77 35.06
CA GLY B 67 -26.64 -22.60 34.20
C GLY B 67 -27.98 -22.06 33.70
N GLY B 68 -27.97 -20.82 33.20
CA GLY B 68 -29.09 -20.31 32.44
C GLY B 68 -29.21 -21.00 31.06
N THR B 69 -30.09 -20.46 30.24
CA THR B 69 -30.27 -20.93 28.91
C THR B 69 -29.32 -20.25 27.92
N LEU B 70 -29.13 -20.86 26.75
CA LEU B 70 -28.38 -20.30 25.65
C LEU B 70 -29.34 -19.87 24.58
N ASP B 71 -28.90 -18.90 23.76
CA ASP B 71 -29.58 -18.50 22.52
C ASP B 71 -28.68 -18.34 21.31
N LEU B 72 -29.10 -18.94 20.22
CA LEU B 72 -28.26 -18.97 19.04
C LEU B 72 -28.68 -17.83 18.16
N HIS B 73 -27.71 -17.05 17.67
CA HIS B 73 -28.02 -15.90 16.85
C HIS B 73 -28.08 -16.23 15.37
N LYS B 74 -29.01 -15.57 14.68
CA LYS B 74 -28.97 -15.59 13.24
C LYS B 74 -27.58 -15.12 12.80
N GLY B 75 -27.04 -15.80 11.80
CA GLY B 75 -25.70 -15.49 11.29
C GLY B 75 -24.55 -16.26 11.89
N SER B 76 -24.64 -16.66 13.16
CA SER B 76 -23.54 -17.37 13.80
C SER B 76 -23.96 -18.74 14.33
N GLY B 77 -24.39 -18.78 15.59
CA GLY B 77 -24.85 -20.04 16.14
C GLY B 77 -25.87 -20.75 15.28
N GLN B 78 -26.84 -19.98 14.74
CA GLN B 78 -27.89 -20.56 13.91
C GLN B 78 -27.30 -21.20 12.66
N GLU B 79 -26.27 -20.55 12.09
CA GLU B 79 -25.60 -21.06 10.92
C GLU B 79 -24.97 -22.42 11.21
N ALA B 80 -24.33 -22.58 12.37
CA ALA B 80 -23.71 -23.87 12.68
C ALA B 80 -24.77 -24.93 12.81
N MET B 81 -25.85 -24.63 13.54
CA MET B 81 -27.01 -25.52 13.63
C MET B 81 -27.58 -25.87 12.26
N LYS B 82 -27.82 -24.87 11.43
CA LYS B 82 -28.35 -25.11 10.08
C LYS B 82 -27.47 -26.08 9.29
N LYS B 83 -26.15 -25.94 9.41
CA LYS B 83 -25.22 -26.77 8.67
C LYS B 83 -25.21 -28.21 9.20
N ALA B 84 -25.58 -28.37 10.46
CA ALA B 84 -25.72 -29.70 11.07
C ALA B 84 -27.09 -30.30 10.84
N GLY B 85 -27.94 -29.55 10.16
CA GLY B 85 -29.32 -29.95 9.95
C GLY B 85 -30.11 -30.00 11.24
N LEU B 86 -29.85 -29.06 12.14
CA LEU B 86 -30.46 -29.08 13.46
C LEU B 86 -31.25 -27.81 13.87
N LEU B 87 -31.32 -26.83 12.95
CA LEU B 87 -31.99 -25.56 13.21
C LEU B 87 -33.43 -25.72 13.60
N GLN B 88 -34.12 -26.53 12.84
CA GLN B 88 -35.50 -26.75 13.08
C GLN B 88 -35.67 -27.36 14.47
N THR B 89 -34.82 -28.31 14.84
CA THR B 89 -34.91 -28.94 16.14
C THR B 89 -34.69 -27.93 17.29
N TYR B 90 -33.70 -27.05 17.07
CA TYR B 90 -33.38 -25.98 18.02
C TYR B 90 -34.61 -25.06 18.15
N TYR B 91 -35.19 -24.63 17.03
CA TYR B 91 -36.43 -23.87 17.11
C TYR B 91 -37.53 -24.61 17.88
N ASP B 92 -37.72 -25.89 17.56
CA ASP B 92 -38.72 -26.70 18.26
C ASP B 92 -38.57 -26.66 19.78
N LEU B 93 -37.35 -26.74 20.29
CA LEU B 93 -37.16 -26.90 21.72
C LEU B 93 -36.95 -25.58 22.46
N ALA B 94 -36.59 -24.54 21.71
CA ALA B 94 -36.30 -23.24 22.32
C ALA B 94 -37.56 -22.42 22.62
N LEU B 95 -37.42 -21.44 23.50
CA LEU B 95 -38.56 -20.64 23.91
C LEU B 95 -38.28 -19.14 23.67
N PRO B 96 -38.94 -18.55 22.67
CA PRO B 96 -38.71 -17.14 22.54
C PRO B 96 -39.23 -16.38 23.80
N MET B 97 -38.41 -15.44 24.27
CA MET B 97 -38.75 -14.67 25.44
C MET B 97 -38.57 -13.17 25.31
N GLY B 98 -39.46 -12.43 25.95
CA GLY B 98 -39.30 -10.99 26.07
C GLY B 98 -38.38 -10.66 27.23
N VAL B 99 -38.09 -9.37 27.35
CA VAL B 99 -37.24 -8.85 28.37
C VAL B 99 -37.91 -7.68 29.06
N ASN B 100 -37.97 -7.75 30.38
CA ASN B 100 -38.39 -6.63 31.21
C ASN B 100 -37.15 -6.02 31.78
N ILE B 101 -37.11 -4.69 31.86
CA ILE B 101 -36.04 -4.05 32.57
C ILE B 101 -36.64 -3.37 33.80
N ALA B 102 -36.05 -3.58 34.97
CA ALA B 102 -36.59 -3.05 36.23
C ALA B 102 -35.60 -2.21 37.08
N ASP B 103 -36.11 -1.42 37.99
CA ASP B 103 -35.26 -0.76 38.98
C ASP B 103 -35.25 -1.64 40.21
N GLU B 104 -34.39 -1.30 41.17
CA GLU B 104 -34.33 -1.98 42.44
C GLU B 104 -35.64 -1.89 43.26
N LYS B 105 -36.53 -0.99 42.88
CA LYS B 105 -37.78 -0.81 43.61
C LYS B 105 -38.95 -1.56 42.98
N GLY B 106 -38.70 -2.31 41.90
CA GLY B 106 -39.72 -3.17 41.25
C GLY B 106 -40.60 -2.57 40.14
N ASN B 107 -40.32 -1.31 39.79
CA ASN B 107 -40.97 -0.69 38.67
C ASN B 107 -40.42 -1.24 37.38
N ILE B 108 -41.31 -1.64 36.47
CA ILE B 108 -40.87 -2.09 35.18
C ILE B 108 -40.59 -0.84 34.41
N LEU B 109 -39.38 -0.70 33.89
CA LEU B 109 -39.00 0.47 33.14
C LEU B 109 -39.21 0.26 31.66
N SER B 110 -39.14 -0.98 31.23
CA SER B 110 -39.20 -1.31 29.82
C SER B 110 -39.60 -2.79 29.69
N THR B 111 -40.59 -3.07 28.82
CA THR B 111 -40.95 -4.41 28.40
C THR B 111 -40.68 -4.49 26.90
N LYS B 112 -39.73 -5.31 26.43
CA LYS B 112 -39.70 -5.66 24.99
C LYS B 112 -40.31 -7.03 24.82
N ASN B 113 -41.38 -7.15 24.05
CA ASN B 113 -42.04 -8.42 23.90
C ASN B 113 -41.64 -9.21 22.67
N VAL B 114 -42.01 -10.48 22.66
CA VAL B 114 -41.77 -11.31 21.49
C VAL B 114 -42.76 -10.91 20.40
N LYS B 115 -42.24 -10.60 19.21
CA LYS B 115 -43.06 -10.27 18.04
C LYS B 115 -42.99 -11.35 16.98
N PRO B 116 -44.04 -11.49 16.16
CA PRO B 116 -44.01 -12.33 14.97
C PRO B 116 -42.64 -12.40 14.25
N GLU B 117 -42.04 -11.26 13.97
CA GLU B 117 -40.74 -11.22 13.29
C GLU B 117 -39.60 -11.53 14.23
N ASN B 118 -39.69 -11.06 15.46
CA ASN B 118 -38.79 -11.48 16.55
C ASN B 118 -38.58 -13.00 16.60
N ARG B 119 -39.66 -13.77 16.51
CA ARG B 119 -39.72 -15.13 17.08
C ARG B 119 -38.43 -15.93 16.99
N PHE B 120 -37.86 -16.01 15.80
CA PHE B 120 -36.73 -16.89 15.53
C PHE B 120 -35.35 -16.24 15.66
N ASP B 121 -35.32 -15.06 16.24
CA ASP B 121 -34.07 -14.35 16.31
C ASP B 121 -33.05 -15.02 17.22
N ASN B 122 -33.43 -15.19 18.50
CA ASN B 122 -32.61 -15.86 19.48
C ASN B 122 -33.41 -16.54 20.62
N PRO B 123 -34.22 -17.57 20.27
CA PRO B 123 -35.05 -18.24 21.32
C PRO B 123 -34.20 -19.01 22.33
N GLU B 124 -34.62 -19.02 23.59
CA GLU B 124 -33.82 -19.54 24.68
C GLU B 124 -33.92 -21.09 24.72
N ILE B 125 -32.77 -21.72 24.74
CA ILE B 125 -32.81 -23.11 24.91
C ILE B 125 -32.02 -23.51 26.16
N ASN B 126 -32.57 -24.51 26.84
CA ASN B 126 -31.98 -25.05 28.00
C ASN B 126 -30.75 -25.85 27.59
N ARG B 127 -29.72 -25.78 28.41
CA ARG B 127 -28.43 -26.35 28.05
C ARG B 127 -28.43 -27.87 27.94
N ASN B 128 -29.20 -28.54 28.80
CA ASN B 128 -29.33 -29.98 28.70
C ASN B 128 -30.07 -30.31 27.42
N ASP B 129 -31.16 -29.54 27.15
CA ASP B 129 -31.92 -29.67 25.92
C ASP B 129 -31.01 -29.53 24.67
N LEU B 130 -30.21 -28.47 24.61
CA LEU B 130 -29.30 -28.29 23.51
C LEU B 130 -28.39 -29.54 23.35
N ARG B 131 -27.88 -30.08 24.47
CA ARG B 131 -26.97 -31.20 24.42
C ARG B 131 -27.65 -32.48 23.92
N ALA B 132 -28.91 -32.64 24.30
CA ALA B 132 -29.67 -33.78 23.86
C ALA B 132 -29.84 -33.76 22.33
N ILE B 133 -30.02 -32.57 21.73
CA ILE B 133 -30.17 -32.40 20.27
C ILE B 133 -28.86 -32.73 19.63
N LEU B 134 -27.79 -32.13 20.14
CA LEU B 134 -26.48 -32.43 19.63
C LEU B 134 -26.19 -33.89 19.76
N LEU B 135 -26.24 -34.46 20.95
CA LEU B 135 -25.97 -35.90 21.16
C LEU B 135 -26.70 -36.82 20.23
N ASN B 136 -27.99 -36.55 20.09
CA ASN B 136 -28.83 -37.29 19.18
C ASN B 136 -28.40 -37.27 17.72
N SER B 137 -27.64 -36.24 17.32
CA SER B 137 -27.26 -36.13 15.90
C SER B 137 -26.03 -36.99 15.59
N LEU B 138 -25.26 -37.34 16.61
CA LEU B 138 -24.06 -38.17 16.41
C LEU B 138 -24.29 -39.69 16.39
N GLU B 139 -23.45 -40.43 15.69
CA GLU B 139 -23.59 -41.89 15.72
C GLU B 139 -23.38 -42.38 17.15
N ASN B 140 -23.77 -43.62 17.44
CA ASN B 140 -23.62 -44.19 18.79
C ASN B 140 -22.17 -44.30 19.18
N ASP B 141 -21.88 -44.06 20.45
CA ASP B 141 -20.50 -44.14 20.95
C ASP B 141 -19.53 -43.11 20.33
N THR B 142 -20.06 -42.00 19.82
CA THR B 142 -19.20 -40.92 19.41
C THR B 142 -18.58 -40.26 20.60
N VAL B 143 -19.40 -40.07 21.63
CA VAL B 143 -18.95 -39.51 22.90
C VAL B 143 -18.55 -40.67 23.80
N ILE B 144 -17.46 -40.50 24.52
CA ILE B 144 -17.02 -41.46 25.51
C ILE B 144 -17.08 -40.76 26.87
N TRP B 145 -18.00 -41.21 27.71
CA TRP B 145 -18.28 -40.54 28.96
C TRP B 145 -17.28 -40.93 30.02
N ASP B 146 -17.28 -40.17 31.11
CA ASP B 146 -16.37 -40.49 32.24
C ASP B 146 -14.91 -40.56 31.76
N ARG B 147 -14.57 -39.58 30.92
CA ARG B 147 -13.25 -39.44 30.39
C ARG B 147 -12.74 -38.02 30.72
N LYS B 148 -11.97 -37.89 31.79
CA LYS B 148 -11.43 -36.59 32.14
C LYS B 148 -9.97 -36.46 31.63
N LEU B 149 -9.77 -35.68 30.58
CA LEU B 149 -8.42 -35.61 30.02
C LEU B 149 -7.55 -34.90 31.01
N VAL B 150 -6.46 -35.55 31.45
CA VAL B 150 -5.53 -34.92 32.43
C VAL B 150 -4.16 -34.60 31.84
N MET B 151 -3.79 -35.37 30.83
CA MET B 151 -2.50 -35.18 30.25
C MET B 151 -2.45 -35.42 28.74
N LEU B 152 -1.48 -34.77 28.09
CA LEU B 152 -1.37 -34.83 26.66
C LEU B 152 0.07 -34.93 26.18
N GLU B 153 0.38 -35.98 25.42
CA GLU B 153 1.77 -36.18 25.00
C GLU B 153 1.88 -36.45 23.51
N PRO B 154 2.74 -35.68 22.82
CA PRO B 154 2.95 -35.86 21.39
C PRO B 154 3.83 -37.09 21.06
N GLY B 155 3.24 -38.15 20.54
CA GLY B 155 3.99 -39.38 20.26
C GLY B 155 4.79 -39.30 18.96
N LYS B 156 5.19 -40.48 18.45
CA LYS B 156 5.83 -40.56 17.13
C LYS B 156 5.03 -39.83 16.01
N LYS B 157 3.79 -40.27 15.80
CA LYS B 157 2.93 -39.76 14.71
C LYS B 157 1.55 -39.40 15.26
N LYS B 158 1.27 -39.79 16.51
CA LYS B 158 -0.03 -39.49 17.18
C LYS B 158 0.14 -38.87 18.57
N TRP B 159 -0.87 -38.12 18.95
CA TRP B 159 -1.11 -37.67 20.34
C TRP B 159 -1.51 -38.80 21.22
N THR B 160 -0.90 -38.90 22.40
CA THR B 160 -1.32 -39.87 23.41
C THR B 160 -2.07 -39.12 24.45
N LEU B 161 -3.32 -39.54 24.62
CA LEU B 161 -4.24 -38.90 25.52
C LEU B 161 -4.34 -39.72 26.78
N THR B 162 -4.10 -39.08 27.92
CA THR B 162 -4.22 -39.70 29.27
C THR B 162 -5.46 -39.23 30.03
N PHE B 163 -6.25 -40.19 30.50
CA PHE B 163 -7.52 -39.92 31.21
C PHE B 163 -7.45 -40.48 32.61
N GLU B 164 -7.87 -39.68 33.60
CA GLU B 164 -7.88 -40.15 34.97
C GLU B 164 -8.59 -41.47 35.08
N ASN B 165 -7.82 -42.45 35.52
CA ASN B 165 -8.26 -43.80 35.79
C ASN B 165 -9.04 -44.47 34.67
N LYS B 166 -8.62 -44.20 33.44
CA LYS B 166 -9.20 -44.86 32.26
C LYS B 166 -8.09 -45.15 31.27
N PRO B 167 -8.34 -46.08 30.33
CA PRO B 167 -7.35 -46.38 29.28
C PRO B 167 -7.08 -45.18 28.40
N SER B 168 -5.80 -44.91 28.18
CA SER B 168 -5.28 -43.95 27.25
C SER B 168 -5.70 -44.19 25.81
N GLU B 169 -5.83 -43.10 25.09
CA GLU B 169 -6.20 -43.14 23.70
C GLU B 169 -5.11 -42.47 22.87
N THR B 170 -5.22 -42.61 21.56
CA THR B 170 -4.37 -41.89 20.67
C THR B 170 -5.20 -41.24 19.57
N ALA B 171 -4.68 -40.15 19.00
CA ALA B 171 -5.40 -39.42 17.96
C ALA B 171 -4.42 -38.68 17.08
N ASP B 172 -4.78 -38.50 15.81
CA ASP B 172 -3.97 -37.72 14.85
C ASP B 172 -4.15 -36.22 15.04
N LEU B 173 -5.36 -35.78 15.37
CA LEU B 173 -5.67 -34.36 15.66
C LEU B 173 -6.47 -34.23 16.95
N VAL B 174 -5.94 -33.42 17.87
CA VAL B 174 -6.61 -33.06 19.12
C VAL B 174 -7.26 -31.69 18.93
N ILE B 175 -8.56 -31.64 19.21
CA ILE B 175 -9.27 -30.40 19.33
C ILE B 175 -9.74 -30.17 20.78
N LEU B 176 -9.10 -29.20 21.45
CA LEU B 176 -9.51 -28.78 22.80
C LEU B 176 -10.80 -28.00 22.70
N ALA B 177 -11.82 -28.55 23.36
CA ALA B 177 -13.13 -27.92 23.45
C ALA B 177 -13.64 -28.08 24.91
N ASN B 178 -12.70 -28.09 25.86
CA ASN B 178 -13.03 -28.44 27.24
C ASN B 178 -13.20 -27.19 28.15
N GLY B 179 -13.63 -26.10 27.54
CA GLY B 179 -14.06 -24.97 28.30
C GLY B 179 -12.97 -23.99 28.67
N GLY B 180 -13.36 -22.94 29.38
CA GLY B 180 -12.52 -21.82 29.66
C GLY B 180 -11.44 -22.04 30.69
N MET B 181 -11.56 -23.12 31.46
CA MET B 181 -10.57 -23.42 32.50
C MET B 181 -9.64 -24.56 32.09
N SER B 182 -9.60 -24.90 30.79
CA SER B 182 -8.76 -25.98 30.30
C SER B 182 -7.31 -25.92 30.79
N LYS B 183 -6.86 -26.99 31.43
CA LYS B 183 -5.50 -27.11 32.00
C LYS B 183 -4.53 -27.74 31.02
N VAL B 184 -4.95 -27.97 29.79
CA VAL B 184 -4.19 -28.82 28.91
C VAL B 184 -3.80 -28.05 27.63
N ARG B 185 -3.52 -26.77 27.76
CA ARG B 185 -3.34 -25.85 26.62
C ARG B 185 -1.86 -25.54 26.24
N LYS B 186 -0.88 -26.11 26.96
CA LYS B 186 0.47 -25.58 26.83
C LYS B 186 1.01 -25.75 25.42
N PHE B 187 0.53 -26.73 24.65
CA PHE B 187 1.10 -26.97 23.31
C PHE B 187 0.60 -25.98 22.29
N VAL B 188 -0.44 -25.24 22.64
CA VAL B 188 -0.94 -24.25 21.73
C VAL B 188 -0.47 -22.86 22.10
N THR B 189 -0.50 -22.56 23.40
CA THR B 189 -0.23 -21.21 23.88
C THR B 189 0.15 -21.25 25.37
N ASP B 190 1.04 -20.37 25.83
CA ASP B 190 1.29 -20.24 27.27
C ASP B 190 0.37 -19.19 27.90
N THR B 191 -0.61 -18.71 27.15
CA THR B 191 -1.47 -17.67 27.65
C THR B 191 -2.25 -18.29 28.81
N GLU B 192 -2.43 -17.52 29.88
CA GLU B 192 -3.15 -17.96 31.04
C GLU B 192 -4.48 -17.29 31.11
N VAL B 193 -5.47 -17.99 31.63
CA VAL B 193 -6.72 -17.38 31.96
C VAL B 193 -6.50 -16.24 32.97
N GLU B 194 -7.30 -15.18 32.91
CA GLU B 194 -7.26 -14.07 33.88
C GLU B 194 -8.65 -13.78 34.49
N GLU B 195 -8.65 -13.28 35.72
CA GLU B 195 -9.85 -12.72 36.31
C GLU B 195 -10.08 -11.30 35.86
N THR B 196 -11.31 -10.91 35.58
CA THR B 196 -11.55 -9.61 35.01
C THR B 196 -11.84 -8.54 36.05
N GLY B 197 -12.09 -8.95 37.29
CA GLY B 197 -12.47 -8.05 38.34
C GLY B 197 -13.92 -8.15 38.73
N THR B 198 -14.78 -8.81 37.95
CA THR B 198 -16.18 -8.98 38.38
C THR B 198 -16.49 -10.39 38.91
N PHE B 199 -17.66 -10.57 39.47
CA PHE B 199 -18.01 -11.79 40.13
C PHE B 199 -19.50 -12.09 40.03
N ASN B 200 -19.83 -13.39 39.91
CA ASN B 200 -21.20 -13.85 39.64
C ASN B 200 -21.66 -14.85 40.63
N ILE B 201 -22.86 -14.63 41.15
CA ILE B 201 -23.50 -15.61 41.99
C ILE B 201 -24.80 -16.07 41.29
N GLN B 202 -25.03 -17.38 41.20
CA GLN B 202 -26.22 -17.99 40.52
C GLN B 202 -26.92 -19.09 41.30
N ALA B 203 -28.18 -19.32 41.02
CA ALA B 203 -28.99 -20.24 41.80
C ALA B 203 -30.21 -20.47 40.96
N ASP B 204 -30.85 -21.61 41.23
CA ASP B 204 -32.07 -22.01 40.59
C ASP B 204 -33.11 -22.05 41.68
N ILE B 205 -34.34 -21.66 41.36
CA ILE B 205 -35.48 -21.77 42.26
C ILE B 205 -36.58 -22.63 41.59
N HIS B 206 -36.97 -23.74 42.21
CA HIS B 206 -38.02 -24.57 41.63
C HIS B 206 -39.34 -24.08 42.08
N GLN B 207 -40.40 -24.36 41.31
CA GLN B 207 -41.75 -23.86 41.56
C GLN B 207 -41.79 -22.35 41.90
N PRO B 208 -41.18 -21.54 41.02
CA PRO B 208 -41.03 -20.14 41.40
C PRO B 208 -42.35 -19.46 41.65
N GLU B 209 -43.43 -19.83 40.97
CA GLU B 209 -44.80 -19.28 41.25
C GLU B 209 -45.22 -19.41 42.72
N ILE B 210 -44.80 -20.47 43.38
CA ILE B 210 -45.01 -20.77 44.82
C ILE B 210 -43.94 -20.10 45.65
N ASN B 211 -42.67 -20.25 45.24
CA ASN B 211 -41.50 -19.94 46.10
C ASN B 211 -41.01 -18.50 46.08
N CYS B 212 -41.23 -17.81 44.98
CA CYS B 212 -40.90 -16.43 44.87
C CYS B 212 -42.01 -15.76 44.00
N PRO B 213 -43.25 -15.81 44.50
CA PRO B 213 -44.38 -15.27 43.69
C PRO B 213 -44.19 -13.77 43.26
N GLY B 214 -43.88 -12.89 44.19
CA GLY B 214 -43.69 -11.52 43.85
C GLY B 214 -42.69 -11.37 42.72
N PHE B 215 -41.55 -12.05 42.83
CA PHE B 215 -40.59 -11.89 41.79
C PHE B 215 -41.09 -12.59 40.56
N PHE B 216 -41.68 -13.78 40.72
CA PHE B 216 -42.14 -14.51 39.57
C PHE B 216 -43.10 -13.63 38.76
N GLN B 217 -43.95 -12.90 39.47
CA GLN B 217 -44.88 -11.94 38.88
C GLN B 217 -44.24 -10.69 38.23
N LEU B 218 -43.22 -10.13 38.86
CA LEU B 218 -42.41 -9.11 38.24
C LEU B 218 -41.91 -9.49 36.85
N CYS B 219 -41.49 -10.74 36.68
CA CYS B 219 -40.90 -11.22 35.44
C CYS B 219 -42.00 -11.32 34.42
N ASN B 220 -43.18 -11.76 34.86
CA ASN B 220 -44.33 -11.93 33.98
C ASN B 220 -44.01 -12.76 32.72
N GLY B 221 -43.40 -13.92 32.88
CA GLY B 221 -43.08 -14.76 31.71
C GLY B 221 -42.00 -14.19 30.81
N ASN B 222 -41.44 -13.07 31.20
CA ASN B 222 -40.27 -12.53 30.48
C ASN B 222 -38.99 -12.71 31.31
N ARG B 223 -37.85 -12.61 30.63
CA ARG B 223 -36.55 -12.42 31.32
C ARG B 223 -36.51 -11.06 32.01
N LEU B 224 -35.75 -10.94 33.09
CA LEU B 224 -35.66 -9.68 33.83
C LEU B 224 -34.20 -9.23 34.03
N MET B 225 -33.92 -7.98 33.75
CA MET B 225 -32.64 -7.41 34.07
C MET B 225 -32.86 -6.18 34.97
N ALA B 226 -32.10 -6.08 36.06
CA ALA B 226 -32.16 -4.92 36.95
C ALA B 226 -30.77 -4.48 37.38
N SER B 227 -30.63 -3.20 37.69
CA SER B 227 -29.35 -2.60 37.91
C SER B 227 -29.47 -1.55 39.01
N HIS B 228 -28.60 -1.59 40.02
CA HIS B 228 -28.54 -0.55 41.06
C HIS B 228 -27.23 -0.55 41.75
N GLN B 229 -26.53 0.57 41.66
CA GLN B 229 -25.21 0.78 42.29
C GLN B 229 -24.19 -0.33 41.99
N GLY B 230 -24.02 -0.64 40.70
CA GLY B 230 -23.05 -1.64 40.28
C GLY B 230 -23.32 -3.06 40.78
N ASN B 231 -24.57 -3.34 41.16
CA ASN B 231 -25.04 -4.71 41.30
C ASN B 231 -26.10 -5.04 40.25
N LEU B 232 -25.78 -5.99 39.36
CA LEU B 232 -26.69 -6.52 38.33
C LEU B 232 -27.44 -7.79 38.75
N LEU B 233 -28.73 -7.81 38.40
CA LEU B 233 -29.52 -9.01 38.59
C LEU B 233 -30.08 -9.40 37.25
N PHE B 234 -30.01 -10.68 36.92
CA PHE B 234 -30.46 -11.21 35.62
C PHE B 234 -31.34 -12.39 35.99
N ALA B 235 -32.56 -12.51 35.45
CA ALA B 235 -33.35 -13.71 35.74
C ALA B 235 -34.07 -14.22 34.54
N ASN B 236 -34.13 -15.56 34.41
CA ASN B 236 -35.02 -16.19 33.50
C ASN B 236 -36.08 -16.94 34.33
N PRO B 237 -37.34 -16.51 34.27
CA PRO B 237 -38.37 -17.19 35.08
C PRO B 237 -38.74 -18.59 34.60
N ASN B 238 -38.30 -18.94 33.40
CA ASN B 238 -38.74 -20.19 32.80
C ASN B 238 -37.68 -21.00 32.03
N ASN B 239 -36.66 -21.43 32.77
CA ASN B 239 -35.74 -22.44 32.33
C ASN B 239 -36.32 -23.81 32.66
N ASN B 240 -37.05 -24.39 31.70
CA ASN B 240 -37.70 -25.66 31.94
C ASN B 240 -38.41 -25.67 33.33
N GLY B 241 -39.13 -24.60 33.62
CA GLY B 241 -39.96 -24.61 34.79
C GLY B 241 -39.33 -24.11 36.07
N ALA B 242 -38.01 -23.85 36.02
CA ALA B 242 -37.30 -23.25 37.14
C ALA B 242 -36.91 -21.80 36.90
N LEU B 243 -36.94 -21.01 37.96
CA LEU B 243 -36.36 -19.71 37.84
C LEU B 243 -34.85 -19.87 37.96
N HIS B 244 -34.07 -19.33 37.03
CA HIS B 244 -32.64 -19.20 37.20
C HIS B 244 -32.30 -17.76 37.38
N PHE B 245 -31.45 -17.45 38.37
CA PHE B 245 -31.01 -16.07 38.46
C PHE B 245 -29.53 -15.83 38.78
N GLY B 246 -29.01 -14.73 38.24
CA GLY B 246 -27.65 -14.33 38.49
C GLY B 246 -27.55 -12.96 39.13
N ILE B 247 -26.68 -12.83 40.12
CA ILE B 247 -26.28 -11.53 40.61
C ILE B 247 -24.79 -11.30 40.24
N SER B 248 -24.46 -10.12 39.65
CA SER B 248 -23.07 -9.79 39.30
C SER B 248 -22.64 -8.45 39.79
N PHE B 249 -21.36 -8.34 40.17
CA PHE B 249 -20.76 -7.18 40.87
C PHE B 249 -19.25 -7.12 40.74
N LYS B 250 -18.65 -5.97 41.08
CA LYS B 250 -17.19 -5.83 41.12
C LYS B 250 -16.73 -6.71 42.26
N THR B 251 -15.73 -7.54 42.04
CA THR B 251 -15.21 -8.42 43.09
C THR B 251 -14.73 -7.56 44.26
N PRO B 252 -15.28 -7.79 45.48
CA PRO B 252 -14.91 -6.95 46.63
C PRO B 252 -13.40 -6.99 46.91
N ASP B 253 -12.77 -5.81 47.01
CA ASP B 253 -11.32 -5.70 47.23
C ASP B 253 -10.85 -6.61 48.39
N GLU B 254 -11.75 -6.85 49.34
CA GLU B 254 -11.53 -7.73 50.50
C GLU B 254 -11.38 -9.25 50.17
N TRP B 255 -11.38 -9.62 48.88
CA TRP B 255 -11.24 -11.04 48.49
C TRP B 255 -9.96 -11.31 47.74
N THR B 259 -13.57 -14.75 48.64
CA THR B 259 -12.62 -15.04 49.72
C THR B 259 -13.15 -14.73 51.16
N GLN B 260 -13.91 -13.64 51.35
CA GLN B 260 -14.55 -13.31 52.66
C GLN B 260 -15.91 -14.01 52.89
N VAL B 261 -16.62 -14.31 51.80
CA VAL B 261 -17.79 -15.21 51.86
C VAL B 261 -17.41 -16.64 51.48
N ASP B 262 -18.11 -17.62 52.05
CA ASP B 262 -17.84 -19.01 51.76
C ASP B 262 -19.04 -19.68 51.05
N PHE B 263 -18.84 -20.17 49.82
CA PHE B 263 -19.98 -20.65 49.04
C PHE B 263 -20.59 -21.98 49.50
N GLN B 264 -19.86 -22.67 50.38
CA GLN B 264 -20.36 -23.86 51.08
C GLN B 264 -21.48 -23.54 52.05
N ASN B 265 -21.36 -22.40 52.72
CA ASN B 265 -22.24 -22.02 53.80
C ASN B 265 -23.29 -21.06 53.27
N ARG B 266 -24.51 -21.53 53.09
CA ARG B 266 -25.54 -20.68 52.46
C ARG B 266 -25.81 -19.45 53.34
N ASN B 267 -25.57 -19.61 54.64
CA ASN B 267 -25.83 -18.54 55.58
C ASN B 267 -24.88 -17.35 55.34
N SER B 268 -23.63 -17.65 55.01
CA SER B 268 -22.66 -16.60 54.79
C SER B 268 -22.86 -15.89 53.46
N VAL B 269 -23.38 -16.62 52.48
CA VAL B 269 -23.71 -16.02 51.19
C VAL B 269 -24.91 -15.13 51.36
N VAL B 270 -25.96 -15.64 52.00
CA VAL B 270 -27.19 -14.87 52.30
C VAL B 270 -26.86 -13.53 52.99
N ASP B 271 -26.12 -13.61 54.10
CA ASP B 271 -25.68 -12.43 54.84
C ASP B 271 -25.10 -11.36 53.92
N PHE B 272 -24.24 -11.79 53.00
CA PHE B 272 -23.54 -10.89 52.11
C PHE B 272 -24.50 -10.23 51.10
N LEU B 273 -25.41 -11.04 50.57
CA LEU B 273 -26.36 -10.62 49.58
C LEU B 273 -27.33 -9.65 50.17
N LEU B 274 -27.86 -9.99 51.35
CA LEU B 274 -28.77 -9.08 52.09
C LEU B 274 -28.12 -7.71 52.39
N LYS B 275 -26.84 -7.71 52.75
CA LYS B 275 -26.13 -6.43 52.96
C LYS B 275 -26.04 -5.68 51.62
N GLU B 276 -25.51 -6.35 50.60
CA GLU B 276 -25.39 -5.76 49.24
C GLU B 276 -26.70 -5.30 48.58
N PHE B 277 -27.77 -6.05 48.80
CA PHE B 277 -29.08 -5.77 48.22
C PHE B 277 -30.07 -5.13 49.19
N SER B 278 -29.60 -4.53 50.29
CA SER B 278 -30.54 -4.12 51.34
C SER B 278 -31.46 -3.02 50.85
N ASP B 279 -30.94 -2.20 49.95
CA ASP B 279 -31.69 -1.16 49.25
C ASP B 279 -32.91 -1.65 48.42
N TRP B 280 -32.85 -2.90 47.94
CA TRP B 280 -33.81 -3.57 47.00
C TRP B 280 -35.16 -3.99 47.58
N ASP B 281 -36.18 -3.98 46.73
CA ASP B 281 -37.55 -4.37 47.08
C ASP B 281 -37.61 -5.76 47.73
N GLU B 282 -38.58 -5.96 48.63
CA GLU B 282 -38.85 -7.28 49.26
C GLU B 282 -38.83 -8.41 48.23
N ARG B 283 -39.45 -8.19 47.08
CA ARG B 283 -39.54 -9.24 46.06
C ARG B 283 -38.20 -9.80 45.55
N TYR B 284 -37.17 -8.94 45.42
CA TYR B 284 -35.83 -9.42 45.11
C TYR B 284 -35.20 -10.12 46.33
N LYS B 285 -35.44 -9.60 47.54
CA LYS B 285 -34.90 -10.22 48.77
C LYS B 285 -35.45 -11.64 48.98
N GLU B 286 -36.75 -11.80 48.75
CA GLU B 286 -37.45 -13.08 48.76
C GLU B 286 -36.60 -14.07 47.97
N LEU B 287 -36.15 -13.67 46.80
CA LEU B 287 -35.21 -14.48 46.02
C LEU B 287 -33.98 -15.01 46.80
N ILE B 288 -33.30 -14.15 47.53
CA ILE B 288 -32.13 -14.57 48.30
C ILE B 288 -32.56 -15.55 49.42
N HIS B 289 -33.62 -15.22 50.15
CA HIS B 289 -34.11 -16.04 51.28
C HIS B 289 -34.48 -17.44 50.86
N THR B 290 -35.02 -17.57 49.66
CA THR B 290 -35.66 -18.80 49.26
C THR B 290 -34.69 -19.78 48.59
N THR B 291 -33.67 -19.28 47.93
CA THR B 291 -32.58 -20.11 47.45
C THR B 291 -31.92 -21.04 48.49
N LEU B 292 -31.89 -22.32 48.14
CA LEU B 292 -31.26 -23.31 48.97
C LEU B 292 -29.74 -23.31 48.81
N SER B 293 -29.22 -23.18 47.60
CA SER B 293 -27.76 -23.00 47.43
C SER B 293 -27.32 -22.21 46.22
N PHE B 294 -26.10 -21.68 46.30
CA PHE B 294 -25.60 -20.64 45.42
C PHE B 294 -24.30 -21.08 44.76
N VAL B 295 -24.15 -20.83 43.47
CA VAL B 295 -22.87 -21.04 42.80
C VAL B 295 -22.15 -19.71 42.62
N GLY B 296 -20.90 -19.68 43.09
CA GLY B 296 -20.01 -18.52 42.97
C GLY B 296 -19.06 -18.70 41.80
N LEU B 297 -18.65 -17.63 41.17
CA LEU B 297 -17.80 -17.75 40.00
C LEU B 297 -17.17 -16.40 39.69
N ALA B 298 -15.85 -16.35 39.65
CA ALA B 298 -15.21 -15.12 39.25
C ALA B 298 -15.19 -15.06 37.72
N THR B 299 -15.59 -13.91 37.17
CA THR B 299 -15.50 -13.70 35.72
C THR B 299 -14.03 -13.79 35.29
N ARG B 300 -13.81 -14.58 34.25
CA ARG B 300 -12.48 -14.81 33.71
C ARG B 300 -12.43 -14.51 32.19
N ILE B 301 -11.26 -14.16 31.69
CA ILE B 301 -11.05 -14.06 30.24
C ILE B 301 -9.87 -14.94 29.81
N PHE B 302 -9.93 -15.54 28.64
CA PHE B 302 -8.75 -16.12 28.07
C PHE B 302 -8.32 -15.25 26.89
N PRO B 303 -7.45 -14.26 27.12
CA PRO B 303 -7.26 -13.21 26.10
C PRO B 303 -6.61 -13.64 24.78
N LEU B 304 -7.15 -13.15 23.68
CA LEU B 304 -6.53 -13.33 22.36
C LEU B 304 -5.54 -12.20 22.18
N GLU B 305 -4.51 -12.20 23.01
CA GLU B 305 -3.58 -11.08 23.16
C GLU B 305 -2.42 -11.26 22.20
N LYS B 306 -1.58 -12.26 22.49
CA LYS B 306 -0.45 -12.62 21.68
C LYS B 306 -0.94 -13.72 20.75
N PRO B 307 -0.30 -13.84 19.56
CA PRO B 307 -0.53 -14.97 18.65
C PRO B 307 -0.13 -16.28 19.32
N TRP B 308 -0.66 -17.38 18.78
CA TRP B 308 -0.43 -18.68 19.38
C TRP B 308 0.82 -19.25 18.80
N LYS B 309 1.33 -20.34 19.38
CA LYS B 309 2.55 -20.99 18.91
C LYS B 309 2.50 -21.51 17.47
N SER B 310 3.54 -21.24 16.69
CA SER B 310 3.56 -21.70 15.31
C SER B 310 4.49 -22.86 15.15
N LYS B 311 5.33 -23.16 16.12
CA LYS B 311 6.02 -24.45 16.09
C LYS B 311 5.20 -25.38 17.00
N ARG B 312 4.46 -26.32 16.39
CA ARG B 312 3.66 -27.32 17.12
C ARG B 312 3.99 -28.78 16.76
N PRO B 313 4.18 -29.65 17.76
CA PRO B 313 4.77 -30.97 17.51
C PRO B 313 3.88 -31.86 16.64
N LEU B 314 2.60 -31.95 16.99
CA LEU B 314 1.59 -32.63 16.18
C LEU B 314 0.41 -31.67 16.01
N PRO B 315 -0.57 -32.01 15.15
CA PRO B 315 -1.71 -31.12 14.95
C PRO B 315 -2.65 -31.04 16.14
N ILE B 316 -2.69 -29.86 16.76
CA ILE B 316 -3.59 -29.51 17.85
C ILE B 316 -4.18 -28.10 17.71
N THR B 317 -5.44 -27.96 18.14
CA THR B 317 -6.08 -26.65 18.17
C THR B 317 -7.14 -26.54 19.26
N MET B 318 -7.73 -25.35 19.37
CA MET B 318 -8.74 -25.04 20.39
C MET B 318 -9.96 -24.36 19.77
N ILE B 319 -11.16 -24.74 20.21
CA ILE B 319 -12.39 -24.01 19.85
C ILE B 319 -13.21 -23.67 21.06
N GLY B 320 -14.24 -22.82 20.91
CA GLY B 320 -15.11 -22.41 22.02
C GLY B 320 -14.43 -21.68 23.17
N ASP B 321 -14.95 -21.81 24.39
CA ASP B 321 -14.37 -21.13 25.56
C ASP B 321 -12.87 -21.45 25.81
N ALA B 322 -12.42 -22.61 25.37
CA ALA B 322 -11.02 -22.98 25.53
C ALA B 322 -10.18 -22.03 24.68
N ALA B 323 -10.75 -21.56 23.56
CA ALA B 323 -10.06 -20.67 22.61
C ALA B 323 -10.21 -19.18 23.01
N HIS B 324 -11.33 -18.84 23.62
CA HIS B 324 -11.58 -17.45 23.81
C HIS B 324 -12.60 -17.08 24.84
N LEU B 325 -12.68 -17.87 25.92
CA LEU B 325 -13.39 -17.48 27.14
C LEU B 325 -13.45 -15.98 27.36
N MET B 326 -14.65 -15.49 27.63
CA MET B 326 -14.80 -14.06 27.78
C MET B 326 -16.01 -13.76 28.67
N PRO B 327 -16.04 -12.60 29.32
CA PRO B 327 -17.23 -12.26 30.10
C PRO B 327 -18.58 -12.43 29.34
N PRO B 328 -19.64 -12.91 30.03
CA PRO B 328 -20.89 -13.25 29.38
C PRO B 328 -21.87 -12.10 29.13
N PHE B 329 -21.56 -10.94 29.65
CA PHE B 329 -22.59 -9.95 29.91
C PHE B 329 -23.29 -9.35 28.69
N ALA B 330 -22.59 -9.30 27.56
CA ALA B 330 -23.17 -8.79 26.29
C ALA B 330 -23.70 -9.92 25.35
N GLY B 331 -24.02 -11.08 25.92
CA GLY B 331 -24.52 -12.23 25.17
C GLY B 331 -23.51 -12.91 24.27
N GLN B 332 -22.24 -12.57 24.39
CA GLN B 332 -21.20 -13.33 23.72
C GLN B 332 -20.97 -14.59 24.51
N GLY B 333 -20.53 -15.63 23.79
CA GLY B 333 -20.16 -16.88 24.44
C GLY B 333 -20.24 -17.99 23.46
N VAL B 334 -21.35 -18.72 23.50
CA VAL B 334 -21.53 -19.93 22.70
C VAL B 334 -21.55 -19.70 21.18
N ASN B 335 -22.10 -18.59 20.75
CA ASN B 335 -22.17 -18.28 19.34
C ASN B 335 -20.81 -18.18 18.63
N SER B 336 -19.87 -17.42 19.19
CA SER B 336 -18.46 -17.41 18.71
C SER B 336 -17.85 -18.86 18.63
N GLY B 337 -18.03 -19.63 19.69
CA GLY B 337 -17.57 -21.02 19.72
C GLY B 337 -18.24 -21.90 18.69
N LEU B 338 -19.48 -21.61 18.37
CA LEU B 338 -20.10 -22.37 17.35
C LEU B 338 -19.63 -21.98 15.92
N VAL B 339 -19.33 -20.72 15.71
CA VAL B 339 -18.74 -20.30 14.48
C VAL B 339 -17.38 -20.96 14.35
N ASP B 340 -16.64 -21.10 15.45
CA ASP B 340 -15.33 -21.71 15.39
C ASP B 340 -15.55 -23.08 14.82
N ALA B 341 -16.58 -23.75 15.31
CA ALA B 341 -16.84 -25.11 14.88
C ALA B 341 -17.14 -25.18 13.38
N LEU B 342 -17.93 -24.25 12.92
CA LEU B 342 -18.32 -24.19 11.54
C LEU B 342 -17.05 -24.00 10.67
N ILE B 343 -16.28 -22.95 10.98
CA ILE B 343 -15.10 -22.60 10.20
C ILE B 343 -14.06 -23.73 10.15
N LEU B 344 -13.73 -24.30 11.30
CA LEU B 344 -12.73 -25.37 11.38
C LEU B 344 -13.18 -26.60 10.64
N SER B 345 -14.42 -27.01 10.80
CA SER B 345 -14.86 -28.22 10.10
C SER B 345 -14.86 -28.09 8.57
N ASP B 346 -15.20 -26.91 8.04
CA ASP B 346 -15.13 -26.67 6.60
C ASP B 346 -13.68 -26.71 6.18
N ASN B 347 -12.82 -26.03 6.92
CA ASN B 347 -11.38 -26.05 6.65
C ASN B 347 -10.74 -27.44 6.55
N LEU B 348 -11.33 -28.42 7.19
CA LEU B 348 -10.79 -29.78 7.27
C LEU B 348 -11.56 -30.72 6.35
N ALA B 349 -12.71 -30.28 5.86
CA ALA B 349 -13.54 -31.13 5.02
C ALA B 349 -13.26 -30.81 3.55
N ASP B 350 -12.06 -31.16 3.10
CA ASP B 350 -11.53 -30.67 1.83
C ASP B 350 -10.39 -31.48 1.28
N GLY B 351 -10.14 -31.28 -0.01
CA GLY B 351 -8.82 -31.48 -0.62
C GLY B 351 -8.33 -30.08 -0.98
N LYS B 352 -8.69 -29.11 -0.12
CA LYS B 352 -8.52 -27.65 -0.37
C LYS B 352 -7.24 -27.07 0.22
N PHE B 353 -6.91 -27.51 1.42
CA PHE B 353 -5.64 -27.13 2.07
C PHE B 353 -4.59 -28.22 1.85
N ASN B 354 -3.32 -27.81 1.83
CA ASN B 354 -2.19 -28.72 1.65
C ASN B 354 -2.03 -29.75 2.75
N SER B 355 -2.44 -29.37 3.96
CA SER B 355 -2.14 -30.13 5.16
C SER B 355 -3.08 -29.70 6.24
N ILE B 356 -3.32 -30.58 7.21
CA ILE B 356 -4.08 -30.24 8.41
C ILE B 356 -3.54 -28.94 9.07
N GLU B 357 -2.23 -28.85 9.20
CA GLU B 357 -1.57 -27.68 9.83
C GLU B 357 -2.00 -26.35 9.19
N GLU B 358 -2.13 -26.33 7.86
CA GLU B 358 -2.62 -25.13 7.17
C GLU B 358 -4.11 -24.87 7.48
N ALA B 359 -4.88 -25.95 7.58
CA ALA B 359 -6.33 -25.85 7.80
C ALA B 359 -6.58 -25.26 9.17
N VAL B 360 -5.75 -25.61 10.14
CA VAL B 360 -5.81 -25.03 11.47
C VAL B 360 -5.34 -23.57 11.43
N LYS B 361 -4.12 -23.35 10.94
CA LYS B 361 -3.56 -22.01 10.74
C LYS B 361 -4.64 -21.04 10.23
N ASN B 362 -5.38 -21.47 9.22
CA ASN B 362 -6.42 -20.64 8.65
C ASN B 362 -7.57 -20.39 9.62
N TYR B 363 -8.07 -21.45 10.22
CA TYR B 363 -9.15 -21.32 11.18
C TYR B 363 -8.80 -20.26 12.29
N GLU B 364 -7.65 -20.45 12.93
CA GLU B 364 -7.14 -19.56 13.97
C GLU B 364 -6.96 -18.11 13.45
N GLN B 365 -6.45 -17.94 12.24
CA GLN B 365 -6.36 -16.58 11.70
C GLN B 365 -7.69 -15.82 11.70
N GLN B 366 -8.76 -16.52 11.33
CA GLN B 366 -10.12 -15.98 11.26
C GLN B 366 -10.65 -15.75 12.66
N MET B 367 -10.50 -16.77 13.50
CA MET B 367 -11.06 -16.75 14.83
C MET B 367 -10.43 -15.63 15.61
N PHE B 368 -9.15 -15.36 15.37
CA PHE B 368 -8.51 -14.23 16.05
C PHE B 368 -9.27 -12.92 15.77
N ILE B 369 -9.79 -12.76 14.55
CA ILE B 369 -10.47 -11.55 14.16
C ILE B 369 -11.82 -11.39 14.87
N TYR B 370 -12.72 -12.35 14.68
CA TYR B 370 -14.05 -12.20 15.24
C TYR B 370 -14.09 -12.48 16.74
N GLY B 371 -13.15 -13.27 17.22
CA GLY B 371 -12.95 -13.46 18.66
C GLY B 371 -12.47 -12.18 19.35
N LYS B 372 -11.44 -11.54 18.80
CA LYS B 372 -10.93 -10.36 19.42
C LYS B 372 -12.06 -9.36 19.49
N GLU B 373 -12.85 -9.26 18.43
CA GLU B 373 -13.96 -8.29 18.34
C GLU B 373 -15.00 -8.47 19.46
N ALA B 374 -15.34 -9.73 19.68
CA ALA B 374 -16.24 -10.15 20.71
C ALA B 374 -15.68 -9.83 22.11
N GLN B 375 -14.43 -10.24 22.37
CA GLN B 375 -13.78 -9.95 23.62
C GLN B 375 -13.79 -8.45 23.89
N GLU B 376 -13.50 -7.63 22.90
CA GLU B 376 -13.56 -6.20 23.08
C GLU B 376 -14.95 -5.77 23.49
N GLU B 377 -15.95 -6.38 22.87
CA GLU B 377 -17.33 -6.02 23.09
C GLU B 377 -17.75 -6.36 24.54
N SER B 378 -17.37 -7.56 24.97
CA SER B 378 -17.64 -7.95 26.35
C SER B 378 -16.86 -7.21 27.39
N THR B 379 -15.61 -6.91 27.12
CA THR B 379 -14.79 -6.17 28.03
C THR B 379 -15.35 -4.78 28.22
N GLN B 380 -15.77 -4.14 27.14
CA GLN B 380 -16.21 -2.74 27.23
C GLN B 380 -17.51 -2.76 27.99
N ASN B 381 -18.30 -3.77 27.69
CA ASN B 381 -19.59 -3.88 28.28
C ASN B 381 -19.47 -4.08 29.79
N GLU B 382 -18.58 -4.98 30.17
CA GLU B 382 -18.24 -5.18 31.55
C GLU B 382 -17.77 -3.88 32.28
N ILE B 383 -16.92 -3.10 31.63
CA ILE B 383 -16.62 -1.77 32.11
C ILE B 383 -17.87 -0.91 32.19
N GLU B 384 -18.63 -0.87 31.10
CA GLU B 384 -19.84 -0.04 31.04
C GLU B 384 -20.82 -0.40 32.16
N MET B 385 -21.12 -1.69 32.29
CA MET B 385 -22.16 -2.21 33.17
C MET B 385 -21.86 -2.01 34.64
N PHE B 386 -20.59 -2.17 34.99
CA PHE B 386 -20.20 -2.06 36.37
C PHE B 386 -19.71 -0.69 36.79
N LYS B 387 -20.01 0.32 35.96
CA LYS B 387 -19.85 1.74 36.35
C LYS B 387 -20.97 2.06 37.35
N PRO B 388 -20.70 3.02 38.27
CA PRO B 388 -21.66 3.40 39.32
C PRO B 388 -23.09 3.72 38.83
N ASP B 389 -23.21 4.25 37.60
CA ASP B 389 -24.47 4.81 37.09
C ASP B 389 -24.95 4.19 35.76
N PHE B 390 -25.02 2.86 35.73
CA PHE B 390 -25.39 2.14 34.51
C PHE B 390 -26.90 2.18 34.18
N THR B 391 -27.18 2.24 32.87
CA THR B 391 -28.51 2.41 32.30
C THR B 391 -28.65 1.57 31.00
N PHE B 392 -29.33 0.41 31.11
CA PHE B 392 -29.36 -0.64 30.07
C PHE B 392 -29.57 -0.13 28.64
N ASN C 22 21.11 3.56 15.08
CA ASN C 22 21.68 2.28 14.54
C ASN C 22 21.91 1.25 15.64
N LEU C 23 21.85 -0.03 15.27
CA LEU C 23 22.33 -1.11 16.16
C LEU C 23 23.87 -1.09 16.19
N LEU C 24 24.45 -0.17 15.41
CA LEU C 24 25.91 -0.05 15.19
C LEU C 24 26.54 1.19 15.81
N SER C 25 25.66 2.12 16.21
CA SER C 25 25.98 3.44 16.73
C SER C 25 27.38 3.65 17.29
N ASP C 26 27.80 2.74 18.18
CA ASP C 26 29.07 2.92 18.86
C ASP C 26 30.12 1.94 18.37
N LYS C 27 29.86 1.34 17.22
CA LYS C 27 30.66 0.23 16.75
C LYS C 27 31.29 0.56 15.39
N ASN C 28 31.97 -0.41 14.79
CA ASN C 28 32.50 -0.26 13.42
C ASN C 28 32.53 -1.58 12.62
N VAL C 29 32.40 -1.46 11.29
CA VAL C 29 32.22 -2.63 10.44
C VAL C 29 33.42 -2.82 9.51
N ALA C 30 33.89 -4.07 9.42
CA ALA C 30 34.92 -4.43 8.44
C ALA C 30 34.33 -5.25 7.29
N ILE C 31 34.37 -4.65 6.09
CA ILE C 31 34.03 -5.33 4.84
C ILE C 31 35.31 -5.84 4.21
N ILE C 32 35.39 -7.13 4.05
CA ILE C 32 36.55 -7.72 3.42
C ILE C 32 36.22 -7.88 1.97
N GLY C 33 36.94 -7.17 1.12
CA GLY C 33 36.65 -7.24 -0.33
C GLY C 33 36.00 -5.97 -0.89
N GLY C 34 36.70 -5.29 -1.80
CA GLY C 34 36.19 -4.09 -2.44
C GLY C 34 35.84 -4.36 -3.89
N GLY C 35 35.21 -5.51 -4.14
CA GLY C 35 34.50 -5.78 -5.40
C GLY C 35 33.26 -4.87 -5.53
N PRO C 36 32.48 -5.10 -6.59
CA PRO C 36 31.28 -4.28 -6.71
C PRO C 36 30.34 -4.45 -5.52
N VAL C 37 30.17 -5.68 -5.05
CA VAL C 37 29.27 -5.90 -3.94
C VAL C 37 29.75 -5.24 -2.65
N GLY C 38 31.04 -5.44 -2.31
CA GLY C 38 31.56 -4.91 -1.06
C GLY C 38 31.62 -3.39 -1.03
N LEU C 39 32.04 -2.78 -2.13
CA LEU C 39 32.00 -1.34 -2.21
C LEU C 39 30.60 -0.81 -2.11
N THR C 40 29.62 -1.56 -2.62
CA THR C 40 28.23 -1.11 -2.50
C THR C 40 27.72 -1.20 -1.05
N MET C 41 28.07 -2.29 -0.39
CA MET C 41 27.77 -2.45 1.02
C MET C 41 28.34 -1.26 1.76
N ALA C 42 29.59 -0.91 1.50
CA ALA C 42 30.24 0.20 2.21
C ALA C 42 29.52 1.55 2.03
N LYS C 43 29.00 1.80 0.83
CA LYS C 43 28.29 3.04 0.53
C LYS C 43 26.98 3.13 1.31
N LEU C 44 26.18 2.05 1.23
CA LEU C 44 24.86 1.98 1.89
C LEU C 44 24.94 2.08 3.42
N LEU C 45 26.00 1.54 4.00
CA LEU C 45 26.22 1.67 5.41
C LEU C 45 26.70 3.05 5.72
N GLN C 46 27.64 3.55 4.91
CA GLN C 46 28.30 4.84 5.21
C GLN C 46 27.34 6.06 5.19
N GLN C 47 26.29 5.98 4.37
CA GLN C 47 25.31 7.07 4.26
C GLN C 47 24.28 7.11 5.40
N ASN C 48 24.17 6.01 6.14
CA ASN C 48 23.43 5.99 7.40
C ASN C 48 24.36 6.31 8.57
N GLY C 49 25.52 6.88 8.27
CA GLY C 49 26.49 7.29 9.29
C GLY C 49 27.15 6.17 10.08
N ILE C 50 27.18 4.96 9.53
CA ILE C 50 27.91 3.85 10.15
C ILE C 50 29.39 3.95 9.78
N ASP C 51 30.26 3.70 10.76
CA ASP C 51 31.70 3.58 10.59
C ASP C 51 32.07 2.26 9.91
N VAL C 52 32.59 2.35 8.70
CA VAL C 52 32.89 1.16 7.94
C VAL C 52 34.22 1.30 7.22
N SER C 53 34.98 0.22 7.17
CA SER C 53 36.18 0.18 6.35
C SER C 53 36.06 -0.94 5.38
N VAL C 54 36.72 -0.79 4.24
CA VAL C 54 36.80 -1.83 3.27
C VAL C 54 38.26 -2.21 3.14
N TYR C 55 38.52 -3.46 3.47
CA TYR C 55 39.87 -4.03 3.29
C TYR C 55 39.94 -4.76 1.97
N GLU C 56 40.76 -4.20 1.07
CA GLU C 56 40.97 -4.75 -0.29
C GLU C 56 42.41 -5.21 -0.66
N ARG C 57 42.47 -6.42 -1.18
CA ARG C 57 43.65 -7.09 -1.68
C ARG C 57 44.42 -6.31 -2.74
N ASP C 58 43.73 -5.70 -3.68
CA ASP C 58 44.41 -4.99 -4.75
C ASP C 58 45.35 -3.95 -4.26
N ASN C 59 46.40 -3.77 -5.04
CA ASN C 59 47.48 -2.97 -4.57
C ASN C 59 47.11 -1.51 -4.47
N ASP C 60 46.31 -1.02 -5.39
CA ASP C 60 45.77 0.35 -5.30
C ASP C 60 44.53 0.50 -6.19
N ARG C 61 43.92 1.69 -6.17
CA ARG C 61 42.69 1.97 -6.91
C ARG C 61 42.79 1.76 -8.44
N GLU C 62 43.99 1.84 -9.00
CA GLU C 62 44.17 1.70 -10.44
C GLU C 62 44.45 0.28 -10.97
N ALA C 63 44.43 -0.71 -10.10
CA ALA C 63 44.52 -2.12 -10.47
C ALA C 63 43.51 -2.46 -11.55
N ARG C 64 43.98 -3.00 -12.69
CA ARG C 64 43.05 -3.42 -13.75
C ARG C 64 42.27 -4.68 -13.35
N ILE C 65 40.96 -4.65 -13.56
CA ILE C 65 40.09 -5.81 -13.27
C ILE C 65 39.83 -6.55 -14.59
N PHE C 66 40.38 -7.75 -14.72
CA PHE C 66 40.10 -8.58 -15.88
C PHE C 66 38.63 -9.02 -15.91
N GLY C 67 38.06 -9.11 -17.11
CA GLY C 67 36.67 -9.58 -17.21
C GLY C 67 35.82 -8.83 -18.19
N GLY C 68 34.65 -9.38 -18.49
CA GLY C 68 33.64 -8.72 -19.31
C GLY C 68 32.97 -7.61 -18.53
N THR C 69 31.94 -7.03 -19.11
CA THR C 69 31.25 -5.92 -18.45
C THR C 69 30.15 -6.47 -17.59
N LEU C 70 29.62 -5.64 -16.70
CA LEU C 70 28.46 -5.99 -15.89
C LEU C 70 27.25 -5.18 -16.36
N ASP C 71 26.07 -5.67 -16.02
CA ASP C 71 24.82 -4.94 -16.22
C ASP C 71 23.88 -5.09 -15.04
N LEU C 72 23.34 -3.97 -14.61
CA LEU C 72 22.48 -3.94 -13.45
C LEU C 72 21.02 -3.96 -13.89
N HIS C 73 20.23 -4.82 -13.27
CA HIS C 73 18.89 -5.03 -13.73
C HIS C 73 17.96 -4.15 -12.97
N LYS C 74 16.96 -3.62 -13.68
CA LYS C 74 15.84 -3.00 -13.01
C LYS C 74 15.26 -3.98 -11.95
N GLY C 75 14.93 -3.41 -10.79
CA GLY C 75 14.45 -4.22 -9.68
C GLY C 75 15.49 -4.71 -8.70
N SER C 76 16.73 -4.91 -9.13
CA SER C 76 17.76 -5.45 -8.26
C SER C 76 19.01 -4.55 -8.21
N GLY C 77 20.00 -4.84 -9.06
CA GLY C 77 21.23 -4.05 -9.12
C GLY C 77 20.91 -2.58 -9.21
N GLN C 78 19.96 -2.24 -10.09
CA GLN C 78 19.58 -0.84 -10.25
C GLN C 78 19.01 -0.23 -8.97
N GLU C 79 18.24 -1.02 -8.21
CA GLU C 79 17.69 -0.59 -6.92
C GLU C 79 18.79 -0.21 -5.92
N ALA C 80 19.85 -1.02 -5.90
CA ALA C 80 20.90 -0.77 -4.96
C ALA C 80 21.58 0.52 -5.35
N MET C 81 21.83 0.68 -6.64
CA MET C 81 22.46 1.90 -7.17
C MET C 81 21.64 3.12 -6.86
N LYS C 82 20.34 3.07 -7.17
CA LYS C 82 19.35 4.12 -6.84
C LYS C 82 19.43 4.52 -5.35
N LYS C 83 19.48 3.54 -4.46
CA LYS C 83 19.53 3.81 -3.02
C LYS C 83 20.83 4.49 -2.60
N ALA C 84 21.90 4.25 -3.35
CA ALA C 84 23.19 4.93 -3.13
C ALA C 84 23.23 6.33 -3.82
N GLY C 85 22.18 6.64 -4.57
CA GLY C 85 22.16 7.83 -5.40
C GLY C 85 23.19 7.78 -6.52
N LEU C 86 23.33 6.61 -7.15
CA LEU C 86 24.35 6.40 -8.19
C LEU C 86 23.81 5.87 -9.56
N LEU C 87 22.48 5.69 -9.65
CA LEU C 87 21.84 5.18 -10.84
C LEU C 87 22.18 6.06 -12.05
N GLN C 88 22.04 7.37 -11.85
CA GLN C 88 22.25 8.29 -12.93
C GLN C 88 23.68 8.15 -13.44
N THR C 89 24.63 8.08 -12.51
CA THR C 89 26.05 7.91 -12.84
C THR C 89 26.24 6.60 -13.63
N TYR C 90 25.62 5.53 -13.15
CA TYR C 90 25.70 4.21 -13.79
C TYR C 90 25.20 4.31 -15.22
N TYR C 91 24.02 4.92 -15.39
CA TYR C 91 23.51 5.16 -16.75
C TYR C 91 24.51 5.94 -17.58
N ASP C 92 25.06 7.01 -17.01
CA ASP C 92 26.01 7.87 -17.72
C ASP C 92 27.18 7.11 -18.29
N LEU C 93 27.70 6.13 -17.54
CA LEU C 93 28.92 5.46 -17.96
C LEU C 93 28.68 4.15 -18.71
N ALA C 94 27.48 3.59 -18.56
CA ALA C 94 27.17 2.30 -19.17
C ALA C 94 26.82 2.45 -20.67
N LEU C 95 27.01 1.37 -21.43
CA LEU C 95 26.68 1.37 -22.85
C LEU C 95 25.55 0.36 -23.23
N PRO C 96 24.34 0.86 -23.55
CA PRO C 96 23.36 -0.14 -23.91
C PRO C 96 23.86 -0.85 -25.16
N MET C 97 23.65 -2.16 -25.22
CA MET C 97 24.06 -2.94 -26.38
C MET C 97 23.06 -3.96 -26.87
N GLY C 98 23.12 -4.20 -28.17
CA GLY C 98 22.35 -5.25 -28.79
C GLY C 98 23.07 -6.57 -28.75
N VAL C 99 22.34 -7.62 -29.10
CA VAL C 99 22.87 -8.98 -29.12
C VAL C 99 22.62 -9.57 -30.48
N ASN C 100 23.67 -10.12 -31.05
CA ASN C 100 23.58 -10.91 -32.24
C ASN C 100 23.73 -12.35 -31.85
N ILE C 101 22.95 -13.24 -32.47
CA ILE C 101 23.13 -14.67 -32.27
C ILE C 101 23.64 -15.26 -33.57
N ALA C 102 24.70 -16.07 -33.50
CA ALA C 102 25.36 -16.60 -34.71
C ALA C 102 25.60 -18.10 -34.67
N ASP C 103 25.76 -18.71 -35.84
CA ASP C 103 26.15 -20.10 -35.90
C ASP C 103 27.63 -20.11 -36.09
N GLU C 104 28.21 -21.32 -36.04
CA GLU C 104 29.65 -21.51 -36.22
C GLU C 104 30.13 -21.15 -37.63
N LYS C 105 29.19 -20.95 -38.54
CA LYS C 105 29.58 -20.60 -39.89
C LYS C 105 29.55 -19.10 -40.15
N GLY C 106 29.18 -18.31 -39.15
CA GLY C 106 29.20 -16.85 -39.31
C GLY C 106 27.92 -16.17 -39.81
N ASN C 107 26.85 -16.96 -39.96
CA ASN C 107 25.52 -16.42 -40.23
C ASN C 107 24.94 -15.79 -38.94
N ILE C 108 24.43 -14.58 -39.05
CA ILE C 108 23.64 -13.99 -37.99
C ILE C 108 22.26 -14.65 -38.01
N LEU C 109 21.87 -15.30 -36.92
CA LEU C 109 20.55 -15.95 -36.85
C LEU C 109 19.53 -14.97 -36.29
N SER C 110 19.98 -14.08 -35.40
CA SER C 110 19.09 -13.15 -34.76
C SER C 110 19.86 -11.90 -34.33
N THR C 111 19.28 -10.73 -34.58
CA THR C 111 19.75 -9.46 -34.05
C THR C 111 18.65 -8.85 -33.20
N LYS C 112 18.88 -8.69 -31.90
CA LYS C 112 17.97 -7.92 -31.06
C LYS C 112 18.67 -6.60 -30.78
N ASN C 113 18.10 -5.48 -31.23
CA ASN C 113 18.75 -4.19 -31.08
C ASN C 113 18.29 -3.36 -29.89
N VAL C 114 19.03 -2.30 -29.63
CA VAL C 114 18.69 -1.43 -28.54
C VAL C 114 17.54 -0.55 -28.99
N LYS C 115 16.45 -0.54 -28.24
CA LYS C 115 15.30 0.30 -28.57
C LYS C 115 15.16 1.44 -27.54
N PRO C 116 14.50 2.55 -27.92
CA PRO C 116 14.08 3.58 -26.99
C PRO C 116 13.67 3.10 -25.58
N GLU C 117 12.79 2.10 -25.50
CA GLU C 117 12.31 1.59 -24.21
C GLU C 117 13.33 0.66 -23.59
N ASN C 118 13.99 -0.14 -24.43
CA ASN C 118 15.14 -0.93 -24.01
C ASN C 118 16.16 -0.16 -23.16
N ARG C 119 16.46 1.08 -23.55
CA ARG C 119 17.76 1.73 -23.27
C ARG C 119 18.34 1.51 -21.86
N PHE C 120 17.53 1.74 -20.84
CA PHE C 120 17.96 1.70 -19.46
C PHE C 120 17.77 0.36 -18.76
N ASP C 121 17.43 -0.68 -19.52
CA ASP C 121 17.10 -1.97 -18.93
C ASP C 121 18.29 -2.59 -18.23
N ASN C 122 19.36 -2.78 -19.00
CA ASN C 122 20.62 -3.35 -18.50
C ASN C 122 21.83 -2.93 -19.33
N PRO C 123 22.15 -1.62 -19.34
CA PRO C 123 23.32 -1.16 -20.11
C PRO C 123 24.65 -1.65 -19.53
N GLU C 124 25.58 -1.99 -20.41
CA GLU C 124 26.84 -2.65 -20.04
C GLU C 124 27.81 -1.65 -19.44
N ILE C 125 28.37 -2.00 -18.28
CA ILE C 125 29.33 -1.12 -17.69
C ILE C 125 30.62 -1.90 -17.50
N ASN C 126 31.72 -1.20 -17.70
CA ASN C 126 33.01 -1.76 -17.49
C ASN C 126 33.27 -1.86 -16.01
N ARG C 127 33.93 -2.93 -15.59
CA ARG C 127 34.10 -3.22 -14.17
C ARG C 127 34.98 -2.19 -13.46
N ASN C 128 36.00 -1.68 -14.13
CA ASN C 128 36.80 -0.61 -13.57
C ASN C 128 35.99 0.65 -13.42
N ASP C 129 35.17 0.94 -14.44
CA ASP C 129 34.25 2.10 -14.43
C ASP C 129 33.27 1.99 -13.27
N LEU C 130 32.72 0.79 -13.03
CA LEU C 130 31.78 0.60 -11.95
C LEU C 130 32.44 0.89 -10.63
N ARG C 131 33.67 0.37 -10.43
CA ARG C 131 34.41 0.56 -9.18
C ARG C 131 34.73 2.06 -8.99
N ALA C 132 35.05 2.74 -10.10
CA ALA C 132 35.34 4.15 -10.00
C ALA C 132 34.11 4.95 -9.46
N ILE C 133 32.90 4.59 -9.93
CA ILE C 133 31.67 5.24 -9.47
C ILE C 133 31.44 4.96 -8.01
N LEU C 134 31.62 3.69 -7.63
CA LEU C 134 31.50 3.29 -6.23
C LEU C 134 32.55 3.97 -5.34
N LEU C 135 33.84 3.77 -5.58
CA LEU C 135 34.91 4.45 -4.81
C LEU C 135 34.63 5.91 -4.63
N ASN C 136 34.23 6.54 -5.72
CA ASN C 136 34.00 7.97 -5.70
C ASN C 136 32.90 8.39 -4.74
N SER C 137 31.96 7.49 -4.46
CA SER C 137 30.84 7.80 -3.56
C SER C 137 31.20 7.74 -2.07
N LEU C 138 32.29 7.05 -1.71
CA LEU C 138 32.71 6.86 -0.31
C LEU C 138 33.61 7.96 0.16
N GLU C 139 33.71 8.17 1.48
CA GLU C 139 34.58 9.22 2.03
C GLU C 139 36.01 8.75 1.86
N ASN C 140 36.98 9.64 2.04
CA ASN C 140 38.36 9.28 1.78
C ASN C 140 38.88 8.26 2.78
N ASP C 141 39.74 7.36 2.32
CA ASP C 141 40.27 6.30 3.17
C ASP C 141 39.21 5.33 3.69
N THR C 142 38.09 5.21 3.00
CA THR C 142 37.15 4.20 3.37
C THR C 142 37.74 2.87 3.08
N VAL C 143 38.29 2.73 1.87
CA VAL C 143 38.95 1.51 1.43
C VAL C 143 40.42 1.57 1.82
N ILE C 144 40.97 0.45 2.32
CA ILE C 144 42.38 0.40 2.67
C ILE C 144 42.99 -0.57 1.70
N TRP C 145 43.90 -0.08 0.88
CA TRP C 145 44.47 -0.90 -0.20
C TRP C 145 45.61 -1.78 0.25
N ASP C 146 45.94 -2.78 -0.56
CA ASP C 146 47.05 -3.69 -0.23
C ASP C 146 46.77 -4.36 1.07
N ARG C 147 45.53 -4.83 1.21
CA ARG C 147 45.14 -5.48 2.44
C ARG C 147 44.57 -6.85 2.15
N LYS C 148 45.41 -7.87 2.20
CA LYS C 148 44.92 -9.21 1.89
C LYS C 148 44.57 -9.97 3.16
N LEU C 149 43.27 -10.07 3.47
CA LEU C 149 42.90 -10.75 4.73
C LEU C 149 43.33 -12.19 4.71
N VAL C 150 44.18 -12.61 5.62
CA VAL C 150 44.58 -14.03 5.60
C VAL C 150 44.04 -14.85 6.75
N MET C 151 43.75 -14.18 7.87
CA MET C 151 43.21 -14.84 9.03
C MET C 151 42.14 -14.04 9.79
N LEU C 152 41.30 -14.76 10.53
CA LEU C 152 40.22 -14.14 11.25
C LEU C 152 40.06 -14.75 12.66
N GLU C 153 40.13 -13.94 13.70
CA GLU C 153 40.03 -14.47 15.06
C GLU C 153 39.05 -13.70 15.92
N PRO C 154 38.11 -14.43 16.55
CA PRO C 154 37.11 -13.79 17.40
C PRO C 154 37.70 -13.44 18.76
N GLY C 155 37.89 -12.16 19.05
CA GLY C 155 38.49 -11.72 20.32
C GLY C 155 37.48 -11.65 21.44
N LYS C 156 37.84 -10.93 22.50
CA LYS C 156 36.91 -10.73 23.64
C LYS C 156 35.53 -10.16 23.20
N LYS C 157 35.54 -9.00 22.53
CA LYS C 157 34.35 -8.28 22.10
C LYS C 157 34.45 -7.90 20.61
N LYS C 158 35.63 -8.11 20.01
CA LYS C 158 35.92 -7.75 18.62
C LYS C 158 36.64 -8.85 17.86
N TRP C 159 36.39 -8.88 16.55
CA TRP C 159 37.14 -9.70 15.63
C TRP C 159 38.49 -9.13 15.39
N THR C 160 39.51 -10.00 15.39
CA THR C 160 40.86 -9.58 15.01
C THR C 160 41.18 -10.06 13.62
N LEU C 161 41.54 -9.08 12.82
CA LEU C 161 41.74 -9.25 11.39
C LEU C 161 43.23 -9.20 11.05
N THR C 162 43.72 -10.27 10.44
CA THR C 162 45.14 -10.45 10.12
C THR C 162 45.33 -10.27 8.63
N PHE C 163 46.25 -9.38 8.25
CA PHE C 163 46.56 -9.09 6.84
C PHE C 163 47.97 -9.44 6.47
N GLU C 164 48.15 -10.14 5.36
CA GLU C 164 49.51 -10.40 4.92
C GLU C 164 50.40 -9.17 5.03
N ASN C 165 51.43 -9.29 5.88
CA ASN C 165 52.46 -8.29 6.00
C ASN C 165 51.91 -6.88 6.12
N LYS C 166 50.79 -6.76 6.84
CA LYS C 166 50.30 -5.46 7.30
C LYS C 166 49.84 -5.49 8.74
N PRO C 167 49.67 -4.32 9.36
CA PRO C 167 49.16 -4.29 10.72
C PRO C 167 47.76 -4.87 10.80
N SER C 168 47.54 -5.69 11.82
CA SER C 168 46.22 -6.22 12.16
C SER C 168 45.21 -5.11 12.51
N GLU C 169 43.92 -5.41 12.30
CA GLU C 169 42.85 -4.48 12.64
C GLU C 169 41.88 -5.23 13.50
N THR C 170 40.90 -4.51 14.02
CA THR C 170 39.83 -5.16 14.76
C THR C 170 38.50 -4.55 14.32
N ALA C 171 37.41 -5.28 14.50
CA ALA C 171 36.10 -4.78 14.09
C ALA C 171 34.99 -5.48 14.88
N ASP C 172 33.86 -4.79 15.00
CA ASP C 172 32.70 -5.34 15.71
C ASP C 172 31.90 -6.28 14.83
N LEU C 173 31.77 -5.94 13.55
CA LEU C 173 31.09 -6.79 12.56
C LEU C 173 31.96 -6.96 11.33
N VAL C 174 32.16 -8.23 10.97
CA VAL C 174 32.90 -8.59 9.74
C VAL C 174 31.89 -8.96 8.66
N ILE C 175 32.02 -8.33 7.49
CA ILE C 175 31.24 -8.73 6.32
C ILE C 175 32.20 -9.27 5.24
N LEU C 176 32.13 -10.56 4.99
CA LEU C 176 32.90 -11.14 3.90
C LEU C 176 32.22 -10.82 2.60
N ALA C 177 32.96 -10.13 1.74
CA ALA C 177 32.57 -9.81 0.36
C ALA C 177 33.76 -10.04 -0.53
N ASN C 178 34.61 -11.01 -0.17
CA ASN C 178 35.86 -11.23 -0.88
C ASN C 178 35.78 -12.34 -1.96
N GLY C 179 34.58 -12.48 -2.51
CA GLY C 179 34.40 -13.24 -3.73
C GLY C 179 34.20 -14.74 -3.51
N GLY C 180 34.13 -15.47 -4.64
CA GLY C 180 33.74 -16.84 -4.66
C GLY C 180 34.72 -17.85 -4.10
N MET C 181 35.99 -17.47 -4.03
CA MET C 181 37.01 -18.34 -3.53
C MET C 181 37.45 -17.92 -2.15
N SER C 182 36.64 -17.15 -1.43
CA SER C 182 37.04 -16.71 -0.08
C SER C 182 37.49 -17.89 0.81
N LYS C 183 38.68 -17.76 1.40
CA LYS C 183 39.28 -18.82 2.21
C LYS C 183 38.90 -18.61 3.65
N VAL C 184 38.11 -17.59 3.94
CA VAL C 184 38.03 -17.18 5.31
C VAL C 184 36.59 -17.36 5.87
N ARG C 185 35.93 -18.44 5.46
CA ARG C 185 34.48 -18.62 5.69
C ARG C 185 34.09 -19.54 6.88
N LYS C 186 35.06 -20.15 7.57
CA LYS C 186 34.77 -21.26 8.46
C LYS C 186 33.81 -20.87 9.56
N PHE C 187 33.84 -19.63 10.01
CA PHE C 187 32.92 -19.20 11.10
C PHE C 187 31.45 -19.07 10.69
N VAL C 188 31.19 -19.07 9.40
CA VAL C 188 29.83 -18.91 8.95
C VAL C 188 29.30 -20.28 8.57
N THR C 189 30.11 -21.02 7.81
CA THR C 189 29.69 -22.27 7.22
C THR C 189 30.91 -23.15 6.88
N ASP C 190 30.79 -24.47 7.00
CA ASP C 190 31.84 -25.37 6.48
C ASP C 190 31.62 -25.74 5.04
N THR C 191 30.60 -25.17 4.40
CA THR C 191 30.27 -25.48 2.99
C THR C 191 31.51 -25.17 2.13
N GLU C 192 31.84 -26.05 1.20
CA GLU C 192 32.95 -25.78 0.32
C GLU C 192 32.46 -25.34 -1.03
N VAL C 193 33.25 -24.53 -1.72
CA VAL C 193 33.02 -24.27 -3.12
C VAL C 193 33.11 -25.59 -3.91
N GLU C 194 32.32 -25.75 -4.97
CA GLU C 194 32.40 -26.92 -5.87
C GLU C 194 32.61 -26.53 -7.35
N GLU C 195 33.30 -27.38 -8.09
CA GLU C 195 33.32 -27.25 -9.55
C GLU C 195 32.03 -27.78 -10.15
N THR C 196 31.51 -27.15 -11.20
CA THR C 196 30.22 -27.58 -11.75
C THR C 196 30.32 -28.52 -12.96
N GLY C 197 31.52 -28.75 -13.45
CA GLY C 197 31.71 -29.52 -14.67
C GLY C 197 31.94 -28.71 -15.94
N THR C 198 31.74 -27.40 -15.91
CA THR C 198 32.09 -26.59 -17.09
C THR C 198 33.39 -25.81 -16.89
N PHE C 199 33.84 -25.16 -17.95
CA PHE C 199 35.12 -24.45 -17.97
C PHE C 199 35.09 -23.24 -18.94
N ASN C 200 35.77 -22.16 -18.54
CA ASN C 200 35.77 -20.90 -19.31
C ASN C 200 37.15 -20.44 -19.67
N ILE C 201 37.32 -20.03 -20.92
CA ILE C 201 38.56 -19.43 -21.33
C ILE C 201 38.20 -18.01 -21.80
N GLN C 202 38.94 -17.01 -21.35
CA GLN C 202 38.67 -15.62 -21.75
C GLN C 202 39.92 -14.86 -22.13
N ALA C 203 39.76 -13.89 -23.03
CA ALA C 203 40.87 -13.06 -23.44
C ALA C 203 40.31 -11.74 -23.87
N ASP C 204 41.18 -10.72 -23.88
CA ASP C 204 40.88 -9.42 -24.43
C ASP C 204 41.67 -9.24 -25.72
N ILE C 205 41.08 -8.56 -26.69
CA ILE C 205 41.79 -8.17 -27.91
C ILE C 205 41.71 -6.65 -28.08
N HIS C 206 42.85 -5.99 -28.14
CA HIS C 206 42.86 -4.55 -28.36
C HIS C 206 42.84 -4.22 -29.84
N GLN C 207 42.34 -3.02 -30.16
CA GLN C 207 42.15 -2.61 -31.54
C GLN C 207 41.51 -3.74 -32.33
N PRO C 208 40.32 -4.18 -31.90
CA PRO C 208 39.74 -5.34 -32.61
C PRO C 208 39.43 -5.08 -34.09
N GLU C 209 39.14 -3.83 -34.44
CA GLU C 209 38.87 -3.46 -35.84
C GLU C 209 40.03 -3.78 -36.76
N ILE C 210 41.23 -3.75 -36.20
CA ILE C 210 42.50 -4.03 -36.88
C ILE C 210 42.80 -5.52 -36.75
N ASN C 211 42.66 -6.01 -35.53
CA ASN C 211 43.24 -7.29 -35.12
C ASN C 211 42.38 -8.52 -35.42
N CYS C 212 41.06 -8.33 -35.39
CA CYS C 212 40.11 -9.36 -35.74
C CYS C 212 38.90 -8.71 -36.50
N PRO C 213 39.21 -8.13 -37.68
CA PRO C 213 38.21 -7.37 -38.43
C PRO C 213 37.00 -8.21 -38.77
N GLY C 214 37.23 -9.39 -39.33
CA GLY C 214 36.14 -10.31 -39.67
C GLY C 214 35.18 -10.52 -38.49
N PHE C 215 35.75 -10.88 -37.35
CA PHE C 215 34.93 -11.04 -36.18
C PHE C 215 34.37 -9.70 -35.66
N PHE C 216 35.20 -8.67 -35.66
CA PHE C 216 34.74 -7.38 -35.20
C PHE C 216 33.49 -7.01 -35.96
N GLN C 217 33.53 -7.25 -37.28
CA GLN C 217 32.42 -6.98 -38.19
C GLN C 217 31.20 -7.88 -38.01
N LEU C 218 31.41 -9.16 -37.76
CA LEU C 218 30.33 -10.04 -37.31
C LEU C 218 29.54 -9.51 -36.11
N CYS C 219 30.24 -8.90 -35.17
CA CYS C 219 29.60 -8.39 -33.97
C CYS C 219 28.75 -7.18 -34.33
N ASN C 220 29.31 -6.33 -35.19
CA ASN C 220 28.65 -5.12 -35.65
C ASN C 220 28.19 -4.22 -34.49
N GLY C 221 29.08 -3.95 -33.55
CA GLY C 221 28.74 -3.08 -32.41
C GLY C 221 27.76 -3.70 -31.42
N ASN C 222 27.40 -4.96 -31.65
CA ASN C 222 26.52 -5.70 -30.75
C ASN C 222 27.31 -6.78 -30.07
N ARG C 223 26.83 -7.24 -28.92
CA ARG C 223 27.36 -8.44 -28.29
C ARG C 223 27.06 -9.64 -29.18
N LEU C 224 27.85 -10.70 -29.07
CA LEU C 224 27.67 -11.89 -29.90
C LEU C 224 27.65 -13.16 -29.07
N MET C 225 26.66 -14.02 -29.30
CA MET C 225 26.61 -15.36 -28.67
C MET C 225 26.56 -16.41 -29.78
N ALA C 226 27.39 -17.44 -29.70
CA ALA C 226 27.37 -18.52 -30.71
C ALA C 226 27.47 -19.86 -30.04
N SER C 227 26.96 -20.89 -30.69
CA SER C 227 26.79 -22.18 -30.06
C SER C 227 27.01 -23.29 -31.10
N HIS C 228 27.90 -24.24 -30.84
CA HIS C 228 28.07 -25.41 -31.71
C HIS C 228 28.71 -26.57 -31.03
N GLN C 229 27.96 -27.68 -30.91
CA GLN C 229 28.44 -28.92 -30.27
C GLN C 229 28.92 -28.74 -28.82
N GLY C 230 28.11 -28.07 -28.00
CA GLY C 230 28.47 -27.81 -26.61
C GLY C 230 29.73 -26.96 -26.37
N ASN C 231 30.12 -26.17 -27.38
CA ASN C 231 31.08 -25.07 -27.22
C ASN C 231 30.39 -23.73 -27.41
N LEU C 232 30.31 -22.92 -26.34
CA LEU C 232 29.77 -21.54 -26.40
C LEU C 232 30.83 -20.48 -26.58
N LEU C 233 30.51 -19.50 -27.40
CA LEU C 233 31.31 -18.29 -27.54
C LEU C 233 30.46 -17.09 -27.15
N PHE C 234 31.02 -16.19 -26.36
CA PHE C 234 30.37 -14.95 -25.92
C PHE C 234 31.39 -13.88 -26.24
N ALA C 235 30.97 -12.78 -26.86
CA ALA C 235 31.90 -11.67 -27.06
C ALA C 235 31.24 -10.32 -26.88
N ASN C 236 31.94 -9.41 -26.21
CA ASN C 236 31.57 -8.01 -26.26
C ASN C 236 32.63 -7.24 -27.08
N PRO C 237 32.23 -6.69 -28.25
CA PRO C 237 33.21 -6.03 -29.13
C PRO C 237 33.68 -4.66 -28.60
N ASN C 238 33.04 -4.18 -27.55
CA ASN C 238 33.30 -2.85 -27.09
C ASN C 238 33.22 -2.73 -25.58
N ASN C 239 34.11 -3.46 -24.91
CA ASN C 239 34.47 -3.15 -23.53
C ASN C 239 35.53 -2.03 -23.47
N ASN C 240 35.12 -0.78 -23.33
CA ASN C 240 36.08 0.29 -23.37
C ASN C 240 37.11 0.11 -24.50
N GLY C 241 36.63 -0.25 -25.69
CA GLY C 241 37.50 -0.22 -26.84
C GLY C 241 38.25 -1.51 -27.11
N ALA C 242 38.09 -2.47 -26.23
CA ALA C 242 38.67 -3.78 -26.44
C ALA C 242 37.61 -4.86 -26.59
N LEU C 243 37.89 -5.81 -27.46
CA LEU C 243 37.02 -6.94 -27.61
C LEU C 243 37.33 -7.89 -26.46
N HIS C 244 36.31 -8.24 -25.68
CA HIS C 244 36.45 -9.28 -24.68
C HIS C 244 35.72 -10.51 -25.12
N PHE C 245 36.35 -11.67 -25.01
CA PHE C 245 35.57 -12.88 -25.36
C PHE C 245 35.73 -14.10 -24.45
N GLY C 246 34.65 -14.88 -24.35
CA GLY C 246 34.66 -16.11 -23.58
C GLY C 246 34.35 -17.34 -24.44
N ILE C 247 35.13 -18.39 -24.26
CA ILE C 247 34.71 -19.69 -24.75
C ILE C 247 34.40 -20.57 -23.54
N SER C 248 33.23 -21.24 -23.55
CA SER C 248 32.84 -22.20 -22.47
C SER C 248 32.43 -23.57 -22.96
N PHE C 249 32.77 -24.58 -22.17
CA PHE C 249 32.59 -26.00 -22.53
C PHE C 249 32.53 -26.90 -21.31
N LYS C 250 32.07 -28.14 -21.50
CA LYS C 250 32.20 -29.20 -20.48
C LYS C 250 33.68 -29.52 -20.24
N THR C 251 34.11 -29.49 -18.98
CA THR C 251 35.50 -29.73 -18.64
C THR C 251 35.88 -31.09 -19.20
N PRO C 252 36.91 -31.15 -20.04
CA PRO C 252 37.31 -32.44 -20.65
C PRO C 252 37.69 -33.47 -19.59
N ASP C 253 37.10 -34.67 -19.68
CA ASP C 253 37.32 -35.73 -18.70
C ASP C 253 38.84 -35.98 -18.43
N GLU C 254 39.66 -35.68 -19.44
CA GLU C 254 41.12 -35.82 -19.35
C GLU C 254 41.82 -34.82 -18.39
N TRP C 255 41.05 -34.00 -17.65
CA TRP C 255 41.61 -33.00 -16.73
C TRP C 255 41.29 -33.29 -15.29
N GLN C 260 45.36 -31.05 -18.92
CA GLN C 260 46.11 -31.41 -20.12
C GLN C 260 46.61 -30.19 -20.96
N VAL C 261 45.91 -29.06 -20.84
CA VAL C 261 46.31 -27.75 -21.41
C VAL C 261 46.99 -26.93 -20.31
N ASP C 262 48.01 -26.14 -20.65
CA ASP C 262 48.68 -25.27 -19.67
C ASP C 262 48.48 -23.79 -20.01
N PHE C 263 47.82 -23.03 -19.13
CA PHE C 263 47.45 -21.64 -19.45
C PHE C 263 48.58 -20.62 -19.48
N GLN C 264 49.74 -21.03 -18.93
CA GLN C 264 51.04 -20.33 -19.09
C GLN C 264 51.51 -20.25 -20.53
N ASN C 265 51.37 -21.37 -21.25
CA ASN C 265 51.84 -21.53 -22.61
C ASN C 265 50.72 -21.22 -23.59
N ARG C 266 50.80 -20.10 -24.29
CA ARG C 266 49.72 -19.72 -25.21
C ARG C 266 49.63 -20.72 -26.38
N ASN C 267 50.75 -21.34 -26.68
CA ASN C 267 50.81 -22.31 -27.75
C ASN C 267 49.95 -23.53 -27.46
N SER C 268 49.95 -23.98 -26.20
CA SER C 268 49.19 -25.18 -25.83
C SER C 268 47.70 -24.88 -25.77
N VAL C 269 47.35 -23.65 -25.40
CA VAL C 269 45.94 -23.23 -25.36
C VAL C 269 45.39 -23.08 -26.75
N VAL C 270 46.15 -22.41 -27.61
CA VAL C 270 45.84 -22.28 -29.05
C VAL C 270 45.58 -23.64 -29.73
N ASP C 271 46.53 -24.56 -29.59
CA ASP C 271 46.41 -25.93 -30.11
C ASP C 271 45.07 -26.58 -29.76
N PHE C 272 44.70 -26.49 -28.48
CA PHE C 272 43.46 -27.08 -27.97
C PHE C 272 42.23 -26.40 -28.55
N LEU C 273 42.26 -25.07 -28.64
CA LEU C 273 41.14 -24.27 -29.14
C LEU C 273 40.92 -24.51 -30.62
N LEU C 274 42.01 -24.53 -31.38
CA LEU C 274 41.96 -24.87 -32.80
C LEU C 274 41.42 -26.28 -33.06
N LYS C 275 41.81 -27.28 -32.26
CA LYS C 275 41.21 -28.61 -32.39
C LYS C 275 39.72 -28.52 -32.06
N GLU C 276 39.38 -27.95 -30.91
CA GLU C 276 37.97 -27.84 -30.52
C GLU C 276 37.09 -27.00 -31.44
N PHE C 277 37.67 -25.96 -32.04
CA PHE C 277 36.94 -25.04 -32.91
C PHE C 277 37.20 -25.20 -34.40
N SER C 278 37.73 -26.34 -34.81
CA SER C 278 38.19 -26.52 -36.20
C SER C 278 37.03 -26.44 -37.15
N ASP C 279 35.85 -26.85 -36.68
CA ASP C 279 34.59 -26.76 -37.42
C ASP C 279 34.16 -25.33 -37.77
N TRP C 280 34.61 -24.36 -36.98
CA TRP C 280 34.19 -22.95 -37.07
C TRP C 280 34.81 -22.14 -38.18
N ASP C 281 34.08 -21.13 -38.64
CA ASP C 281 34.52 -20.16 -39.65
C ASP C 281 35.88 -19.53 -39.33
N GLU C 282 36.65 -19.22 -40.37
CA GLU C 282 37.91 -18.47 -40.28
C GLU C 282 37.90 -17.27 -39.30
N ARG C 283 36.83 -16.46 -39.34
CA ARG C 283 36.65 -15.27 -38.49
C ARG C 283 36.69 -15.52 -36.97
N TYR C 284 36.20 -16.68 -36.53
CA TYR C 284 36.32 -17.08 -35.10
C TYR C 284 37.76 -17.58 -34.82
N LYS C 285 38.33 -18.31 -35.77
CA LYS C 285 39.69 -18.83 -35.62
C LYS C 285 40.74 -17.70 -35.49
N GLU C 286 40.55 -16.65 -36.30
CA GLU C 286 41.27 -15.40 -36.26
C GLU C 286 41.35 -14.93 -34.80
N LEU C 287 40.20 -14.98 -34.13
CA LEU C 287 40.12 -14.69 -32.69
C LEU C 287 41.16 -15.43 -31.84
N ILE C 288 41.25 -16.75 -32.02
CA ILE C 288 42.23 -17.56 -31.30
C ILE C 288 43.67 -17.19 -31.66
N HIS C 289 43.94 -17.04 -32.97
CA HIS C 289 45.31 -16.75 -33.46
C HIS C 289 45.84 -15.44 -32.97
N THR C 290 44.94 -14.49 -32.78
CA THR C 290 45.33 -13.12 -32.55
C THR C 290 45.48 -12.78 -31.05
N THR C 291 44.83 -13.54 -30.18
CA THR C 291 44.96 -13.42 -28.74
C THR C 291 46.39 -13.68 -28.20
N LEU C 292 46.92 -12.72 -27.43
CA LEU C 292 48.26 -12.90 -26.88
C LEU C 292 48.24 -13.78 -25.63
N SER C 293 47.21 -13.68 -24.79
CA SER C 293 47.06 -14.64 -23.68
C SER C 293 45.64 -14.88 -23.16
N PHE C 294 45.46 -16.07 -22.58
CA PHE C 294 44.16 -16.61 -22.19
C PHE C 294 44.04 -16.82 -20.70
N VAL C 295 42.89 -16.51 -20.12
CA VAL C 295 42.65 -16.83 -18.73
C VAL C 295 41.73 -18.02 -18.62
N GLY C 296 42.22 -19.08 -17.99
CA GLY C 296 41.39 -20.25 -17.75
C GLY C 296 40.67 -20.23 -16.40
N LEU C 297 39.46 -20.77 -16.35
CA LEU C 297 38.73 -20.72 -15.12
C LEU C 297 37.66 -21.85 -15.10
N ALA C 298 37.73 -22.73 -14.11
CA ALA C 298 36.67 -23.73 -13.98
C ALA C 298 35.46 -23.07 -13.26
N THR C 299 34.25 -23.23 -13.82
CA THR C 299 33.04 -22.75 -13.20
C THR C 299 32.81 -23.47 -11.87
N ARG C 300 32.53 -22.66 -10.85
CA ARG C 300 32.37 -23.11 -9.50
C ARG C 300 31.06 -22.61 -8.94
N ILE C 301 30.53 -23.35 -7.96
CA ILE C 301 29.36 -22.89 -7.23
C ILE C 301 29.66 -22.95 -5.74
N PHE C 302 29.13 -21.99 -5.01
CA PHE C 302 29.11 -22.06 -3.56
C PHE C 302 27.68 -22.33 -3.08
N PRO C 303 27.30 -23.60 -2.95
CA PRO C 303 25.86 -23.93 -2.79
C PRO C 303 25.17 -23.47 -1.49
N LEU C 304 23.99 -22.91 -1.65
CA LEU C 304 23.14 -22.62 -0.52
C LEU C 304 22.35 -23.92 -0.21
N GLU C 305 23.09 -24.95 0.15
CA GLU C 305 22.57 -26.31 0.30
C GLU C 305 22.03 -26.50 1.71
N LYS C 306 22.94 -26.51 2.69
CA LYS C 306 22.60 -26.59 4.10
C LYS C 306 22.53 -25.16 4.64
N PRO C 307 21.71 -24.93 5.71
CA PRO C 307 21.68 -23.66 6.42
C PRO C 307 23.04 -23.36 7.02
N TRP C 308 23.28 -22.09 7.31
CA TRP C 308 24.55 -21.68 7.89
C TRP C 308 24.55 -21.83 9.38
N LYS C 309 25.72 -21.71 10.00
CA LYS C 309 25.85 -21.89 11.45
C LYS C 309 25.03 -20.88 12.25
N SER C 310 24.32 -21.37 13.26
CA SER C 310 23.55 -20.47 14.11
C SER C 310 24.20 -20.24 15.46
N LYS C 311 25.24 -21.00 15.79
CA LYS C 311 26.09 -20.59 16.90
C LYS C 311 27.32 -19.89 16.29
N ARG C 312 27.41 -18.57 16.48
CA ARG C 312 28.53 -17.76 15.95
C ARG C 312 29.19 -16.84 17.00
N PRO C 313 30.54 -16.91 17.13
CA PRO C 313 31.23 -16.31 18.28
C PRO C 313 31.01 -14.81 18.35
N LEU C 314 31.27 -14.12 17.25
CA LEU C 314 30.96 -12.69 17.16
C LEU C 314 30.09 -12.47 15.91
N PRO C 315 29.58 -11.22 15.70
CA PRO C 315 28.80 -10.98 14.49
C PRO C 315 29.65 -11.03 13.21
N ILE C 316 29.34 -11.98 12.33
CA ILE C 316 29.93 -12.14 11.01
C ILE C 316 28.90 -12.61 9.98
N THR C 317 29.06 -12.13 8.74
CA THR C 317 28.21 -12.57 7.64
C THR C 317 28.90 -12.44 6.28
N MET C 318 28.19 -12.88 5.22
CA MET C 318 28.72 -12.91 3.83
C MET C 318 27.73 -12.33 2.81
N ILE C 319 28.23 -11.57 1.83
CA ILE C 319 27.38 -11.03 0.77
C ILE C 319 28.02 -11.33 -0.56
N GLY C 320 27.28 -11.16 -1.65
CA GLY C 320 27.84 -11.40 -3.00
C GLY C 320 28.36 -12.80 -3.27
N ASP C 321 29.39 -12.90 -4.11
CA ASP C 321 29.94 -14.16 -4.53
C ASP C 321 30.49 -15.00 -3.38
N ALA C 322 30.90 -14.35 -2.28
CA ALA C 322 31.25 -15.05 -1.03
C ALA C 322 30.05 -15.79 -0.44
N ALA C 323 28.87 -15.21 -0.59
CA ALA C 323 27.65 -15.83 -0.10
C ALA C 323 27.02 -16.88 -1.03
N HIS C 324 27.17 -16.72 -2.34
CA HIS C 324 26.41 -17.55 -3.30
C HIS C 324 26.96 -17.67 -4.71
N LEU C 325 28.28 -17.55 -4.86
CA LEU C 325 28.94 -17.90 -6.13
C LEU C 325 28.12 -18.91 -6.93
N MET C 326 27.95 -18.65 -8.21
CA MET C 326 27.14 -19.48 -9.07
C MET C 326 27.55 -19.27 -10.52
N PRO C 327 27.33 -20.27 -11.40
CA PRO C 327 27.64 -20.12 -12.82
C PRO C 327 27.06 -18.84 -13.42
N PRO C 328 27.82 -18.19 -14.30
CA PRO C 328 27.46 -16.85 -14.76
C PRO C 328 26.49 -16.84 -15.95
N PHE C 329 26.22 -18.03 -16.50
CA PHE C 329 25.68 -18.16 -17.86
C PHE C 329 24.31 -17.56 -18.11
N ALA C 330 23.45 -17.52 -17.08
CA ALA C 330 22.15 -16.88 -17.25
C ALA C 330 22.08 -15.43 -16.71
N GLY C 331 23.21 -14.74 -16.68
CA GLY C 331 23.24 -13.34 -16.24
C GLY C 331 22.98 -13.09 -14.76
N GLN C 332 22.98 -14.16 -13.98
CA GLN C 332 23.07 -14.01 -12.54
C GLN C 332 24.50 -13.72 -12.12
N GLY C 333 24.62 -13.09 -10.96
CA GLY C 333 25.90 -12.79 -10.42
C GLY C 333 25.78 -11.54 -9.60
N VAL C 334 26.20 -10.43 -10.19
CA VAL C 334 26.39 -9.21 -9.42
C VAL C 334 25.08 -8.68 -8.87
N ASN C 335 24.02 -8.89 -9.62
CA ASN C 335 22.74 -8.36 -9.21
C ASN C 335 22.26 -8.93 -7.87
N SER C 336 22.24 -10.26 -7.77
CA SER C 336 21.94 -10.92 -6.48
C SER C 336 22.79 -10.34 -5.31
N GLY C 337 24.10 -10.24 -5.52
CA GLY C 337 25.00 -9.67 -4.53
C GLY C 337 24.67 -8.24 -4.14
N LEU C 338 24.28 -7.44 -5.13
CA LEU C 338 23.87 -6.07 -4.82
C LEU C 338 22.56 -6.00 -4.01
N VAL C 339 21.64 -6.89 -4.31
CA VAL C 339 20.44 -7.00 -3.48
C VAL C 339 20.82 -7.36 -2.04
N ASP C 340 21.80 -8.26 -1.88
CA ASP C 340 22.33 -8.64 -0.57
C ASP C 340 22.71 -7.38 0.16
N ALA C 341 23.48 -6.54 -0.51
CA ALA C 341 23.93 -5.30 0.06
C ALA C 341 22.74 -4.44 0.50
N LEU C 342 21.78 -4.31 -0.39
CA LEU C 342 20.63 -3.48 -0.13
C LEU C 342 19.90 -3.96 1.11
N ILE C 343 19.55 -5.25 1.12
CA ILE C 343 18.86 -5.92 2.24
C ILE C 343 19.59 -5.86 3.60
N LEU C 344 20.89 -6.15 3.60
CA LEU C 344 21.67 -6.13 4.84
C LEU C 344 21.81 -4.72 5.40
N SER C 345 22.10 -3.75 4.55
CA SER C 345 22.29 -2.40 5.04
C SER C 345 21.02 -1.77 5.60
N ASP C 346 19.85 -2.08 5.04
CA ASP C 346 18.58 -1.64 5.63
C ASP C 346 18.37 -2.31 6.99
N ASN C 347 18.61 -3.63 7.02
CA ASN C 347 18.50 -4.39 8.25
C ASN C 347 19.36 -3.90 9.41
N LEU C 348 20.45 -3.20 9.08
CA LEU C 348 21.38 -2.67 10.06
C LEU C 348 21.19 -1.17 10.33
N ALA C 349 20.44 -0.49 9.46
CA ALA C 349 20.22 0.95 9.59
C ALA C 349 18.91 1.21 10.31
N ASP C 350 18.87 0.86 11.60
CA ASP C 350 17.62 0.81 12.34
C ASP C 350 17.77 0.86 13.86
N GLY C 351 16.65 1.18 14.52
CA GLY C 351 16.41 0.75 15.88
C GLY C 351 15.28 -0.27 15.78
N LYS C 352 15.31 -1.06 14.70
CA LYS C 352 14.21 -1.97 14.30
C LYS C 352 14.43 -3.42 14.76
N PHE C 353 15.66 -3.91 14.67
CA PHE C 353 16.01 -5.23 15.19
C PHE C 353 16.58 -5.12 16.60
N ASN C 354 16.43 -6.18 17.39
CA ASN C 354 16.91 -6.22 18.78
C ASN C 354 18.41 -6.18 18.91
N SER C 355 19.09 -6.73 17.91
CA SER C 355 20.52 -6.94 17.95
C SER C 355 21.05 -7.09 16.54
N ILE C 356 22.35 -6.82 16.35
CA ILE C 356 23.03 -7.11 15.08
C ILE C 356 22.77 -8.54 14.61
N GLU C 357 22.86 -9.49 15.53
CA GLU C 357 22.65 -10.91 15.24
C GLU C 357 21.31 -11.21 14.56
N GLU C 358 20.24 -10.57 15.05
CA GLU C 358 18.91 -10.67 14.40
C GLU C 358 18.89 -10.03 12.99
N ALA C 359 19.53 -8.85 12.86
CA ALA C 359 19.60 -8.15 11.58
C ALA C 359 20.27 -9.01 10.55
N VAL C 360 21.33 -9.73 10.94
CA VAL C 360 22.01 -10.69 10.06
C VAL C 360 21.11 -11.89 9.73
N LYS C 361 20.56 -12.53 10.79
CA LYS C 361 19.71 -13.72 10.67
C LYS C 361 18.66 -13.45 9.61
N ASN C 362 18.09 -12.25 9.66
CA ASN C 362 17.01 -11.89 8.76
C ASN C 362 17.48 -11.72 7.31
N TYR C 363 18.59 -11.00 7.15
CA TYR C 363 19.20 -10.84 5.84
C TYR C 363 19.44 -12.22 5.19
N GLU C 364 20.07 -13.12 5.96
CA GLU C 364 20.38 -14.46 5.49
C GLU C 364 19.11 -15.26 5.12
N GLN C 365 18.07 -15.13 5.94
CA GLN C 365 16.83 -15.81 5.66
C GLN C 365 16.27 -15.45 4.28
N GLN C 366 16.24 -14.15 3.96
CA GLN C 366 15.81 -13.64 2.65
C GLN C 366 16.71 -14.12 1.55
N MET C 367 18.02 -13.91 1.77
CA MET C 367 19.06 -14.23 0.79
C MET C 367 19.01 -15.70 0.39
N PHE C 368 18.71 -16.57 1.36
CA PHE C 368 18.58 -17.98 1.07
C PHE C 368 17.49 -18.23 0.02
N ILE C 369 16.39 -17.45 0.10
CA ILE C 369 15.27 -17.61 -0.84
C ILE C 369 15.66 -17.20 -2.26
N TYR C 370 16.05 -15.94 -2.43
CA TYR C 370 16.30 -15.47 -3.79
C TYR C 370 17.59 -16.02 -4.35
N GLY C 371 18.53 -16.33 -3.46
CA GLY C 371 19.79 -16.94 -3.84
C GLY C 371 19.59 -18.33 -4.38
N LYS C 372 18.82 -19.10 -3.63
CA LYS C 372 18.55 -20.45 -4.06
C LYS C 372 17.87 -20.50 -5.41
N GLU C 373 16.91 -19.60 -5.61
CA GLU C 373 16.21 -19.46 -6.87
C GLU C 373 17.14 -19.19 -8.05
N ALA C 374 18.08 -18.26 -7.84
CA ALA C 374 19.05 -17.87 -8.84
C ALA C 374 19.97 -19.04 -9.14
N GLN C 375 20.42 -19.71 -8.09
CA GLN C 375 21.32 -20.86 -8.24
C GLN C 375 20.69 -21.95 -9.11
N GLU C 376 19.42 -22.25 -8.83
CA GLU C 376 18.66 -23.19 -9.65
C GLU C 376 18.61 -22.79 -11.13
N GLU C 377 18.36 -21.50 -11.36
CA GLU C 377 18.22 -20.94 -12.68
C GLU C 377 19.54 -21.15 -13.45
N SER C 378 20.68 -20.79 -12.83
CA SER C 378 21.97 -20.93 -13.49
C SER C 378 22.39 -22.38 -13.65
N THR C 379 22.03 -23.21 -12.68
CA THR C 379 22.40 -24.60 -12.75
C THR C 379 21.64 -25.29 -13.89
N GLN C 380 20.36 -24.95 -14.02
CA GLN C 380 19.56 -25.55 -15.07
C GLN C 380 20.11 -25.05 -16.40
N ASN C 381 20.36 -23.75 -16.46
CA ASN C 381 20.80 -23.15 -17.68
C ASN C 381 22.12 -23.75 -18.16
N GLU C 382 23.02 -23.95 -17.20
CA GLU C 382 24.28 -24.63 -17.44
C GLU C 382 24.06 -26.03 -18.00
N ILE C 383 23.08 -26.75 -17.45
CA ILE C 383 22.70 -28.05 -17.99
C ILE C 383 22.12 -27.87 -19.40
N GLU C 384 21.17 -26.96 -19.52
CA GLU C 384 20.55 -26.65 -20.82
C GLU C 384 21.60 -26.31 -21.88
N MET C 385 22.43 -25.30 -21.59
CA MET C 385 23.41 -24.76 -22.52
C MET C 385 24.45 -25.74 -23.03
N PHE C 386 24.91 -26.64 -22.17
CA PHE C 386 25.97 -27.56 -22.55
C PHE C 386 25.49 -28.93 -22.98
N LYS C 387 24.18 -29.03 -23.25
CA LYS C 387 23.62 -30.21 -23.91
C LYS C 387 24.08 -30.15 -25.36
N PRO C 388 24.27 -31.32 -25.99
CA PRO C 388 24.77 -31.42 -27.36
C PRO C 388 24.09 -30.49 -28.38
N ASP C 389 22.81 -30.16 -28.18
CA ASP C 389 21.97 -29.54 -29.22
C ASP C 389 21.28 -28.25 -28.75
N PHE C 390 22.07 -27.35 -28.19
CA PHE C 390 21.52 -26.12 -27.62
C PHE C 390 21.13 -25.06 -28.66
N THR C 391 20.08 -24.32 -28.33
CA THR C 391 19.42 -23.35 -29.22
C THR C 391 18.91 -22.13 -28.40
N PHE C 392 19.68 -21.03 -28.44
CA PHE C 392 19.52 -19.86 -27.54
C PHE C 392 18.06 -19.40 -27.32
N ASN D 22 -10.70 44.62 22.11
CA ASN D 22 -10.40 44.95 20.69
C ASN D 22 -10.93 46.33 20.29
N LEU D 23 -10.28 46.95 19.30
CA LEU D 23 -10.85 48.10 18.61
C LEU D 23 -12.01 47.66 17.69
N LEU D 24 -12.22 46.34 17.62
CA LEU D 24 -13.19 45.68 16.73
C LEU D 24 -14.40 45.11 17.46
N SER D 25 -14.29 45.04 18.79
CA SER D 25 -15.25 44.39 19.71
C SER D 25 -16.68 44.21 19.20
N ASP D 26 -17.26 45.29 18.69
CA ASP D 26 -18.66 45.26 18.28
C ASP D 26 -18.85 45.26 16.77
N LYS D 27 -17.78 44.94 16.06
CA LYS D 27 -17.73 45.12 14.63
C LYS D 27 -17.44 43.80 13.97
N ASN D 28 -17.26 43.82 12.63
CA ASN D 28 -16.83 42.63 11.87
C ASN D 28 -15.92 42.96 10.68
N VAL D 29 -15.06 42.01 10.31
CA VAL D 29 -14.10 42.25 9.24
C VAL D 29 -14.34 41.38 7.99
N ALA D 30 -14.23 41.99 6.80
CA ALA D 30 -14.30 41.22 5.54
C ALA D 30 -12.93 41.17 4.89
N ILE D 31 -12.40 39.93 4.81
CA ILE D 31 -11.18 39.66 4.07
C ILE D 31 -11.57 39.19 2.70
N ILE D 32 -11.08 39.89 1.69
CA ILE D 32 -11.39 39.53 0.34
C ILE D 32 -10.18 38.76 -0.14
N GLY D 33 -10.37 37.47 -0.39
CA GLY D 33 -9.30 36.64 -0.90
C GLY D 33 -8.91 35.63 0.13
N GLY D 34 -9.16 34.33 -0.15
CA GLY D 34 -8.71 33.25 0.70
C GLY D 34 -7.43 32.58 0.20
N GLY D 35 -6.46 33.38 -0.22
CA GLY D 35 -5.14 32.86 -0.54
C GLY D 35 -4.40 32.51 0.73
N PRO D 36 -3.09 32.25 0.63
CA PRO D 36 -2.37 31.96 1.88
C PRO D 36 -2.38 33.17 2.79
N VAL D 37 -2.21 34.35 2.24
CA VAL D 37 -2.17 35.52 3.09
C VAL D 37 -3.53 35.80 3.77
N GLY D 38 -4.60 35.75 2.97
CA GLY D 38 -5.92 36.07 3.45
C GLY D 38 -6.38 35.11 4.51
N LEU D 39 -6.22 33.83 4.24
CA LEU D 39 -6.57 32.82 5.22
C LEU D 39 -5.78 32.97 6.51
N THR D 40 -4.52 33.38 6.42
CA THR D 40 -3.74 33.56 7.62
C THR D 40 -4.28 34.75 8.43
N MET D 41 -4.58 35.84 7.73
CA MET D 41 -5.18 37.02 8.35
C MET D 41 -6.39 36.57 9.11
N ALA D 42 -7.21 35.76 8.48
CA ALA D 42 -8.45 35.34 9.13
C ALA D 42 -8.23 34.55 10.41
N LYS D 43 -7.17 33.74 10.43
CA LYS D 43 -6.84 32.91 11.59
C LYS D 43 -6.36 33.75 12.73
N LEU D 44 -5.43 34.67 12.45
CA LEU D 44 -4.85 35.55 13.47
C LEU D 44 -5.85 36.50 14.11
N LEU D 45 -6.82 36.96 13.33
CA LEU D 45 -7.90 37.76 13.85
C LEU D 45 -8.85 36.90 14.62
N GLN D 46 -9.17 35.73 14.09
CA GLN D 46 -10.25 34.92 14.66
C GLN D 46 -9.93 34.38 16.08
N GLN D 47 -8.64 34.18 16.34
CA GLN D 47 -8.17 33.68 17.63
C GLN D 47 -8.13 34.74 18.77
N ASN D 48 -8.15 36.00 18.38
CA ASN D 48 -8.40 37.10 19.32
C ASN D 48 -9.88 37.40 19.43
N GLY D 49 -10.71 36.48 18.98
CA GLY D 49 -12.16 36.59 19.08
C GLY D 49 -12.81 37.66 18.23
N ILE D 50 -12.15 38.08 17.16
CA ILE D 50 -12.74 39.03 16.20
C ILE D 50 -13.60 38.26 15.20
N ASP D 51 -14.78 38.82 14.93
CA ASP D 51 -15.69 38.38 13.87
C ASP D 51 -15.14 38.67 12.47
N VAL D 52 -14.84 37.62 11.72
CA VAL D 52 -14.22 37.80 10.43
C VAL D 52 -14.77 36.84 9.42
N SER D 53 -15.02 37.33 8.22
CA SER D 53 -15.38 36.46 7.08
C SER D 53 -14.32 36.55 6.01
N VAL D 54 -14.08 35.43 5.35
CA VAL D 54 -13.25 35.44 4.17
C VAL D 54 -14.13 35.19 2.93
N TYR D 55 -14.11 36.13 2.01
CA TYR D 55 -14.83 35.96 0.75
C TYR D 55 -13.85 35.50 -0.31
N GLU D 56 -14.05 34.25 -0.77
CA GLU D 56 -13.23 33.65 -1.85
C GLU D 56 -13.97 33.33 -3.16
N ARG D 57 -13.35 33.79 -4.24
CA ARG D 57 -13.69 33.52 -5.63
C ARG D 57 -13.80 32.04 -5.99
N ASP D 58 -12.88 31.20 -5.52
CA ASP D 58 -12.93 29.80 -5.89
C ASP D 58 -14.23 29.14 -5.60
N ASN D 59 -14.58 28.17 -6.43
CA ASN D 59 -15.89 27.60 -6.34
C ASN D 59 -16.14 26.82 -5.05
N ASP D 60 -15.14 26.10 -4.57
CA ASP D 60 -15.23 25.40 -3.28
C ASP D 60 -13.82 25.06 -2.79
N ARG D 61 -13.74 24.51 -1.55
CA ARG D 61 -12.44 24.20 -0.91
C ARG D 61 -11.49 23.28 -1.72
N GLU D 62 -12.00 22.49 -2.66
CA GLU D 62 -11.20 21.51 -3.39
C GLU D 62 -10.67 21.98 -4.74
N ALA D 63 -10.92 23.24 -5.08
CA ALA D 63 -10.39 23.88 -6.29
C ALA D 63 -8.88 23.69 -6.31
N ARG D 64 -8.31 23.17 -7.40
CA ARG D 64 -6.85 23.00 -7.52
C ARG D 64 -6.19 24.37 -7.75
N ILE D 65 -5.09 24.63 -7.04
CA ILE D 65 -4.34 25.85 -7.21
C ILE D 65 -3.11 25.53 -8.03
N PHE D 66 -3.08 26.01 -9.26
CA PHE D 66 -1.88 25.92 -10.11
C PHE D 66 -0.66 26.68 -9.54
N GLY D 67 0.53 26.10 -9.70
CA GLY D 67 1.74 26.74 -9.21
C GLY D 67 2.73 25.76 -8.63
N GLY D 68 3.97 26.22 -8.43
CA GLY D 68 4.96 25.54 -7.61
C GLY D 68 4.66 25.61 -6.12
N THR D 69 5.61 25.21 -5.31
CA THR D 69 5.40 25.10 -3.88
C THR D 69 5.83 26.39 -3.22
N LEU D 70 5.40 26.58 -2.00
CA LEU D 70 5.85 27.72 -1.22
C LEU D 70 6.77 27.20 -0.14
N ASP D 71 7.59 28.11 0.40
CA ASP D 71 8.40 27.88 1.60
C ASP D 71 8.38 29.09 2.55
N LEU D 72 8.18 28.80 3.82
CA LEU D 72 8.08 29.81 4.83
C LEU D 72 9.45 29.96 5.53
N HIS D 73 9.92 31.18 5.62
CA HIS D 73 11.21 31.41 6.17
C HIS D 73 11.13 31.60 7.66
N LYS D 74 12.13 31.09 8.35
CA LYS D 74 12.35 31.47 9.72
C LYS D 74 12.39 33.01 9.80
N GLY D 75 11.72 33.52 10.83
CA GLY D 75 11.66 34.96 11.04
C GLY D 75 10.47 35.69 10.42
N SER D 76 9.92 35.15 9.34
CA SER D 76 8.76 35.79 8.70
C SER D 76 7.53 34.85 8.58
N GLY D 77 7.43 34.16 7.45
CA GLY D 77 6.36 33.18 7.25
C GLY D 77 6.21 32.23 8.44
N GLN D 78 7.33 31.68 8.89
CA GLN D 78 7.29 30.77 10.02
C GLN D 78 6.76 31.44 11.30
N GLU D 79 7.06 32.72 11.49
CA GLU D 79 6.55 33.47 12.65
C GLU D 79 5.03 33.57 12.62
N ALA D 80 4.47 33.85 11.44
CA ALA D 80 3.03 33.95 11.31
C ALA D 80 2.37 32.61 11.64
N MET D 81 2.90 31.54 11.05
CA MET D 81 2.46 30.17 11.34
C MET D 81 2.54 29.78 12.81
N LYS D 82 3.72 29.97 13.43
CA LYS D 82 3.87 29.81 14.88
C LYS D 82 2.78 30.56 15.71
N LYS D 83 2.48 31.81 15.34
CA LYS D 83 1.51 32.61 16.08
C LYS D 83 0.12 32.03 15.91
N ALA D 84 -0.15 31.39 14.77
CA ALA D 84 -1.41 30.68 14.53
C ALA D 84 -1.45 29.28 15.18
N GLY D 85 -0.31 28.87 15.73
CA GLY D 85 -0.13 27.53 16.28
C GLY D 85 -0.19 26.51 15.17
N LEU D 86 0.47 26.80 14.05
CA LEU D 86 0.43 25.95 12.85
C LEU D 86 1.80 25.52 12.30
N LEU D 87 2.86 25.96 12.95
CA LEU D 87 4.20 25.69 12.47
C LEU D 87 4.46 24.19 12.42
N GLN D 88 4.04 23.49 13.47
CA GLN D 88 4.28 22.06 13.54
C GLN D 88 3.57 21.38 12.37
N THR D 89 2.34 21.82 12.10
CA THR D 89 1.58 21.26 11.01
C THR D 89 2.31 21.52 9.67
N TYR D 90 2.79 22.76 9.51
CA TYR D 90 3.53 23.14 8.30
C TYR D 90 4.77 22.26 8.13
N TYR D 91 5.55 22.09 9.18
CA TYR D 91 6.69 21.18 9.11
C TYR D 91 6.24 19.77 8.73
N ASP D 92 5.15 19.28 9.36
CA ASP D 92 4.65 17.91 9.08
C ASP D 92 4.40 17.69 7.60
N LEU D 93 3.83 18.70 6.92
CA LEU D 93 3.37 18.51 5.54
C LEU D 93 4.39 18.92 4.50
N ALA D 94 5.34 19.75 4.91
CA ALA D 94 6.34 20.27 3.97
C ALA D 94 7.45 19.26 3.66
N LEU D 95 8.12 19.44 2.52
CA LEU D 95 9.22 18.57 2.15
C LEU D 95 10.56 19.32 1.99
N PRO D 96 11.51 19.12 2.95
CA PRO D 96 12.76 19.85 2.75
C PRO D 96 13.41 19.33 1.47
N MET D 97 13.96 20.24 0.66
CA MET D 97 14.60 19.85 -0.60
C MET D 97 15.93 20.52 -0.87
N GLY D 98 16.78 19.77 -1.54
CA GLY D 98 18.05 20.28 -2.01
C GLY D 98 17.86 20.96 -3.34
N VAL D 99 18.92 21.62 -3.79
CA VAL D 99 18.94 22.34 -5.04
C VAL D 99 20.15 21.87 -5.82
N ASN D 100 19.91 21.49 -7.06
CA ASN D 100 20.98 21.27 -8.04
C ASN D 100 21.02 22.46 -8.98
N ILE D 101 22.22 22.90 -9.34
CA ILE D 101 22.37 23.92 -10.35
C ILE D 101 23.00 23.27 -11.57
N ALA D 102 22.42 23.53 -12.74
CA ALA D 102 22.82 22.87 -13.99
C ALA D 102 23.08 23.83 -15.15
N ASP D 103 23.85 23.37 -16.13
CA ASP D 103 24.02 24.13 -17.35
C ASP D 103 23.05 23.57 -18.34
N GLU D 104 22.96 24.23 -19.49
CA GLU D 104 22.06 23.83 -20.56
C GLU D 104 22.45 22.46 -21.15
N LYS D 105 23.66 22.00 -20.85
CA LYS D 105 24.14 20.73 -21.40
C LYS D 105 23.92 19.56 -20.44
N GLY D 106 23.32 19.80 -19.27
CA GLY D 106 22.98 18.70 -18.35
C GLY D 106 24.00 18.34 -17.29
N ASN D 107 25.09 19.09 -17.22
CA ASN D 107 26.05 18.95 -16.14
C ASN D 107 25.46 19.58 -14.86
N ILE D 108 25.57 18.86 -13.76
CA ILE D 108 25.33 19.43 -12.44
C ILE D 108 26.57 20.26 -12.07
N LEU D 109 26.37 21.55 -11.80
CA LEU D 109 27.49 22.41 -11.44
C LEU D 109 27.59 22.50 -9.93
N SER D 110 26.47 22.31 -9.25
CA SER D 110 26.44 22.42 -7.80
C SER D 110 25.23 21.68 -7.23
N THR D 111 25.46 20.90 -6.19
CA THR D 111 24.39 20.26 -5.42
C THR D 111 24.48 20.80 -4.00
N LYS D 112 23.48 21.53 -3.53
CA LYS D 112 23.39 21.82 -2.11
C LYS D 112 22.32 20.87 -1.53
N ASN D 113 22.70 20.00 -0.58
CA ASN D 113 21.75 19.05 -0.01
C ASN D 113 21.10 19.45 1.31
N VAL D 114 20.07 18.70 1.68
CA VAL D 114 19.37 18.98 2.91
C VAL D 114 20.24 18.44 4.02
N LYS D 115 20.56 19.29 4.99
CA LYS D 115 21.37 18.84 6.16
C LYS D 115 20.51 18.83 7.43
N PRO D 116 20.91 18.03 8.43
CA PRO D 116 20.33 18.09 9.77
C PRO D 116 19.88 19.49 10.26
N GLU D 117 20.77 20.47 10.16
CA GLU D 117 20.47 21.85 10.61
C GLU D 117 19.62 22.57 9.57
N ASN D 118 19.88 22.32 8.29
CA ASN D 118 19.04 22.78 7.21
C ASN D 118 17.56 22.56 7.46
N ARG D 119 17.20 21.36 7.96
CA ARG D 119 15.89 20.75 7.74
C ARG D 119 14.67 21.70 7.78
N PHE D 120 14.55 22.46 8.85
CA PHE D 120 13.39 23.31 9.08
C PHE D 120 13.51 24.73 8.55
N ASP D 121 14.51 25.00 7.73
CA ASP D 121 14.81 26.37 7.31
C ASP D 121 13.70 26.91 6.44
N ASN D 122 13.44 26.17 5.35
CA ASN D 122 12.36 26.53 4.41
C ASN D 122 11.88 25.32 3.60
N PRO D 123 11.27 24.33 4.29
CA PRO D 123 10.77 23.14 3.57
C PRO D 123 9.61 23.49 2.62
N GLU D 124 9.57 22.82 1.46
CA GLU D 124 8.60 23.12 0.42
C GLU D 124 7.22 22.57 0.76
N ILE D 125 6.22 23.45 0.68
CA ILE D 125 4.86 23.00 0.91
C ILE D 125 4.04 23.25 -0.34
N ASN D 126 3.12 22.32 -0.59
CA ASN D 126 2.26 22.41 -1.71
C ASN D 126 1.16 23.40 -1.35
N ARG D 127 0.78 24.25 -2.31
CA ARG D 127 -0.14 25.34 -2.06
C ARG D 127 -1.53 24.87 -1.61
N ASN D 128 -2.03 23.77 -2.19
CA ASN D 128 -3.28 23.16 -1.73
C ASN D 128 -3.14 22.67 -0.30
N ASP D 129 -2.01 22.01 -0.02
CA ASP D 129 -1.68 21.54 1.33
C ASP D 129 -1.66 22.69 2.33
N LEU D 130 -1.07 23.83 1.96
CA LEU D 130 -0.97 24.97 2.86
C LEU D 130 -2.33 25.52 3.15
N ARG D 131 -3.17 25.63 2.12
CA ARG D 131 -4.53 26.11 2.29
C ARG D 131 -5.34 25.15 3.16
N ALA D 132 -5.08 23.84 3.05
CA ALA D 132 -5.81 22.89 3.84
C ALA D 132 -5.48 23.12 5.32
N ILE D 133 -4.22 23.44 5.62
CA ILE D 133 -3.82 23.63 7.02
C ILE D 133 -4.49 24.87 7.54
N LEU D 134 -4.43 25.93 6.73
CA LEU D 134 -5.09 27.18 7.07
C LEU D 134 -6.61 27.00 7.29
N LEU D 135 -7.36 26.60 6.27
CA LEU D 135 -8.81 26.32 6.40
C LEU D 135 -9.17 25.56 7.64
N ASN D 136 -8.38 24.53 7.92
CA ASN D 136 -8.67 23.67 9.04
C ASN D 136 -8.58 24.40 10.38
N SER D 137 -7.77 25.45 10.45
CA SER D 137 -7.61 26.21 11.68
C SER D 137 -8.78 27.18 12.00
N LEU D 138 -9.57 27.58 11.00
CA LEU D 138 -10.67 28.49 11.19
C LEU D 138 -11.95 27.78 11.60
N GLU D 139 -12.89 28.52 12.17
CA GLU D 139 -14.17 27.93 12.54
C GLU D 139 -14.96 27.65 11.29
N ASN D 140 -16.04 26.89 11.37
CA ASN D 140 -16.82 26.54 10.18
C ASN D 140 -17.50 27.76 9.58
N ASP D 141 -17.58 27.82 8.25
CA ASP D 141 -18.19 28.93 7.55
C ASP D 141 -17.46 30.27 7.72
N THR D 142 -16.18 30.22 8.10
CA THR D 142 -15.36 31.41 8.09
C THR D 142 -15.20 31.89 6.66
N VAL D 143 -14.80 30.98 5.77
CA VAL D 143 -14.72 31.25 4.34
C VAL D 143 -16.08 31.07 3.64
N ILE D 144 -16.44 31.97 2.75
CA ILE D 144 -17.66 31.82 2.00
C ILE D 144 -17.18 31.66 0.57
N TRP D 145 -17.50 30.52 -0.02
CA TRP D 145 -16.97 30.17 -1.33
C TRP D 145 -17.86 30.67 -2.44
N ASP D 146 -17.30 30.69 -3.65
CA ASP D 146 -18.04 31.16 -4.82
C ASP D 146 -18.46 32.60 -4.62
N ARG D 147 -17.51 33.39 -4.12
CA ARG D 147 -17.76 34.78 -3.85
C ARG D 147 -16.74 35.61 -4.56
N LYS D 148 -17.07 36.10 -5.74
CA LYS D 148 -16.15 36.92 -6.44
C LYS D 148 -16.46 38.41 -6.21
N LEU D 149 -15.66 39.09 -5.39
CA LEU D 149 -15.96 40.52 -5.15
C LEU D 149 -15.82 41.32 -6.42
N VAL D 150 -16.90 41.98 -6.86
CA VAL D 150 -16.77 42.80 -8.08
C VAL D 150 -16.83 44.32 -7.84
N MET D 151 -17.49 44.72 -6.75
CA MET D 151 -17.65 46.10 -6.44
C MET D 151 -17.59 46.40 -4.93
N LEU D 152 -17.27 47.64 -4.59
CA LEU D 152 -17.09 48.01 -3.21
C LEU D 152 -17.59 49.43 -2.99
N GLU D 153 -18.56 49.59 -2.09
CA GLU D 153 -19.14 50.92 -1.84
C GLU D 153 -19.18 51.29 -0.36
N PRO D 154 -18.64 52.47 -0.03
CA PRO D 154 -18.63 52.93 1.36
C PRO D 154 -19.99 53.49 1.78
N GLY D 155 -20.69 52.76 2.65
CA GLY D 155 -22.04 53.15 3.07
C GLY D 155 -22.02 54.15 4.21
N LYS D 156 -23.15 54.29 4.90
CA LYS D 156 -23.26 55.22 6.06
C LYS D 156 -22.16 54.95 7.13
N LYS D 157 -22.12 53.71 7.62
CA LYS D 157 -21.18 53.28 8.67
C LYS D 157 -20.48 51.95 8.27
N LYS D 158 -20.95 51.34 7.19
CA LYS D 158 -20.38 50.07 6.68
C LYS D 158 -20.08 50.07 5.17
N TRP D 159 -19.06 49.31 4.81
CA TRP D 159 -18.79 48.95 3.43
C TRP D 159 -19.84 48.00 2.94
N THR D 160 -20.35 48.27 1.74
CA THR D 160 -21.20 47.33 1.04
C THR D 160 -20.42 46.61 -0.06
N LEU D 161 -20.41 45.30 0.11
CA LEU D 161 -19.67 44.42 -0.74
C LEU D 161 -20.61 43.75 -1.75
N THR D 162 -20.27 43.91 -3.03
CA THR D 162 -21.04 43.33 -4.17
C THR D 162 -20.32 42.13 -4.77
N PHE D 163 -21.02 41.00 -4.81
CA PHE D 163 -20.45 39.75 -5.39
C PHE D 163 -21.16 39.26 -6.63
N GLU D 164 -20.40 38.85 -7.64
CA GLU D 164 -21.04 38.38 -8.87
C GLU D 164 -22.13 37.36 -8.57
N ASN D 165 -23.35 37.74 -8.90
CA ASN D 165 -24.48 36.84 -8.79
C ASN D 165 -24.58 36.17 -7.44
N LYS D 166 -24.28 36.93 -6.39
CA LYS D 166 -24.57 36.51 -5.03
C LYS D 166 -25.08 37.66 -4.19
N PRO D 167 -25.69 37.35 -3.04
CA PRO D 167 -26.16 38.42 -2.15
C PRO D 167 -25.03 39.29 -1.66
N SER D 168 -25.28 40.59 -1.64
CA SER D 168 -24.35 41.55 -1.07
C SER D 168 -24.14 41.38 0.43
N GLU D 169 -22.99 41.81 0.91
CA GLU D 169 -22.66 41.73 2.32
C GLU D 169 -22.25 43.09 2.78
N THR D 170 -22.14 43.27 4.09
CA THR D 170 -21.60 44.52 4.62
C THR D 170 -20.55 44.25 5.66
N ALA D 171 -19.59 45.16 5.84
CA ALA D 171 -18.53 44.99 6.83
C ALA D 171 -18.01 46.34 7.35
N ASP D 172 -17.50 46.34 8.59
CA ASP D 172 -16.88 47.54 9.18
C ASP D 172 -15.45 47.79 8.68
N LEU D 173 -14.67 46.73 8.52
CA LEU D 173 -13.34 46.85 7.93
C LEU D 173 -13.21 45.85 6.78
N VAL D 174 -12.77 46.35 5.62
CA VAL D 174 -12.42 45.50 4.48
C VAL D 174 -10.90 45.34 4.44
N ILE D 175 -10.45 44.09 4.31
CA ILE D 175 -9.06 43.82 4.04
C ILE D 175 -8.93 43.10 2.68
N LEU D 176 -8.33 43.80 1.72
CA LEU D 176 -8.09 43.22 0.41
C LEU D 176 -6.88 42.33 0.52
N ALA D 177 -7.11 41.06 0.21
CA ALA D 177 -6.07 40.02 0.15
C ALA D 177 -6.32 39.18 -1.09
N ASN D 178 -6.83 39.83 -2.15
CA ASN D 178 -7.23 39.13 -3.34
C ASN D 178 -6.15 39.14 -4.45
N GLY D 179 -4.90 39.15 -4.04
CA GLY D 179 -3.78 38.96 -4.96
C GLY D 179 -3.35 40.15 -5.79
N GLY D 180 -2.43 39.87 -6.73
CA GLY D 180 -1.67 40.89 -7.44
C GLY D 180 -2.45 41.70 -8.46
N MET D 181 -3.55 41.13 -8.95
CA MET D 181 -4.35 41.75 -9.99
C MET D 181 -5.66 42.32 -9.44
N SER D 182 -5.78 42.45 -8.12
CA SER D 182 -6.99 43.03 -7.53
C SER D 182 -7.49 44.29 -8.22
N LYS D 183 -8.74 44.24 -8.68
CA LYS D 183 -9.38 45.32 -9.44
C LYS D 183 -10.10 46.25 -8.48
N VAL D 184 -9.99 46.02 -7.18
CA VAL D 184 -10.88 46.71 -6.28
C VAL D 184 -10.13 47.65 -5.31
N ARG D 185 -9.06 48.26 -5.80
CA ARG D 185 -8.09 48.96 -4.96
C ARG D 185 -8.29 50.47 -4.90
N LYS D 186 -9.27 51.02 -5.60
CA LYS D 186 -9.23 52.47 -5.84
C LYS D 186 -9.32 53.29 -4.55
N PHE D 187 -9.99 52.78 -3.53
CA PHE D 187 -10.13 53.50 -2.27
C PHE D 187 -8.85 53.62 -1.44
N VAL D 188 -7.87 52.80 -1.76
CA VAL D 188 -6.61 52.81 -1.01
C VAL D 188 -5.56 53.64 -1.78
N THR D 189 -5.47 53.37 -3.08
CA THR D 189 -4.42 53.90 -3.92
C THR D 189 -4.86 53.86 -5.41
N ASP D 190 -4.48 54.86 -6.19
CA ASP D 190 -4.63 54.79 -7.66
C ASP D 190 -3.44 54.10 -8.34
N THR D 191 -2.49 53.62 -7.56
CA THR D 191 -1.31 52.95 -8.11
C THR D 191 -1.78 51.77 -8.99
N GLU D 192 -1.20 51.62 -10.17
CA GLU D 192 -1.54 50.50 -11.03
C GLU D 192 -0.47 49.46 -11.00
N VAL D 193 -0.87 48.22 -11.20
CA VAL D 193 0.07 47.16 -11.45
C VAL D 193 0.88 47.50 -12.72
N GLU D 194 2.18 47.15 -12.75
CA GLU D 194 3.06 47.28 -13.94
C GLU D 194 3.72 45.95 -14.35
N GLU D 195 3.94 45.81 -15.67
CA GLU D 195 4.74 44.72 -16.19
C GLU D 195 6.19 45.05 -16.00
N THR D 196 7.03 44.08 -15.65
CA THR D 196 8.43 44.39 -15.37
C THR D 196 9.40 44.17 -16.54
N GLY D 197 8.91 43.53 -17.60
CA GLY D 197 9.76 43.20 -18.74
C GLY D 197 10.10 41.72 -18.88
N THR D 198 9.83 40.92 -17.85
CA THR D 198 10.05 39.48 -18.00
C THR D 198 8.77 38.68 -18.12
N PHE D 199 8.90 37.40 -18.42
CA PHE D 199 7.76 36.56 -18.71
C PHE D 199 8.02 35.10 -18.30
N ASN D 200 6.96 34.45 -17.78
CA ASN D 200 7.05 33.10 -17.23
C ASN D 200 6.14 32.12 -17.92
N ILE D 201 6.69 30.95 -18.26
CA ILE D 201 5.86 29.86 -18.74
C ILE D 201 5.99 28.70 -17.74
N GLN D 202 4.87 28.13 -17.31
CA GLN D 202 4.83 27.01 -16.33
C GLN D 202 3.98 25.86 -16.77
N ALA D 203 4.33 24.65 -16.35
CA ALA D 203 3.53 23.48 -16.65
C ALA D 203 3.78 22.49 -15.55
N ASP D 204 2.86 21.54 -15.40
CA ASP D 204 3.04 20.41 -14.51
C ASP D 204 3.17 19.20 -15.38
N ILE D 205 4.04 18.26 -14.98
CA ILE D 205 4.18 16.91 -15.61
C ILE D 205 3.86 15.79 -14.60
N HIS D 206 2.84 14.99 -14.87
CA HIS D 206 2.55 13.85 -13.99
C HIS D 206 3.37 12.65 -14.33
N GLN D 207 3.57 11.76 -13.34
CA GLN D 207 4.47 10.64 -13.48
C GLN D 207 5.80 11.05 -14.17
N PRO D 208 6.52 11.99 -13.55
CA PRO D 208 7.68 12.46 -14.30
C PRO D 208 8.74 11.36 -14.50
N GLU D 209 8.78 10.35 -13.62
CA GLU D 209 9.73 9.25 -13.75
C GLU D 209 9.55 8.46 -15.05
N ILE D 210 8.34 8.48 -15.56
CA ILE D 210 7.90 7.81 -16.79
C ILE D 210 7.97 8.76 -17.97
N ASN D 211 7.50 9.99 -17.73
CA ASN D 211 7.22 10.98 -18.79
C ASN D 211 8.40 11.89 -19.19
N CYS D 212 9.26 12.20 -18.23
CA CYS D 212 10.51 12.91 -18.49
C CYS D 212 11.68 12.28 -17.64
N PRO D 213 12.01 11.00 -17.89
CA PRO D 213 12.99 10.27 -17.06
C PRO D 213 14.37 10.95 -17.03
N GLY D 214 14.91 11.29 -18.20
CA GLY D 214 16.16 12.04 -18.28
C GLY D 214 16.17 13.25 -17.37
N PHE D 215 15.16 14.09 -17.50
CA PHE D 215 15.11 15.25 -16.64
C PHE D 215 14.81 14.88 -15.18
N PHE D 216 13.90 13.95 -14.98
CA PHE D 216 13.56 13.57 -13.64
C PHE D 216 14.85 13.15 -12.92
N GLN D 217 15.69 12.40 -13.63
CA GLN D 217 16.98 11.92 -13.12
C GLN D 217 18.04 13.00 -12.89
N LEU D 218 18.11 13.97 -13.81
CA LEU D 218 18.87 15.20 -13.59
C LEU D 218 18.54 15.90 -12.28
N CYS D 219 17.26 15.89 -11.89
CA CYS D 219 16.83 16.58 -10.69
C CYS D 219 17.31 15.80 -9.47
N ASN D 220 17.24 14.47 -9.59
CA ASN D 220 17.63 13.57 -8.52
C ASN D 220 16.99 13.89 -7.18
N GLY D 221 15.67 14.07 -7.16
CA GLY D 221 14.97 14.36 -5.90
C GLY D 221 15.25 15.73 -5.33
N ASN D 222 16.04 16.53 -6.06
CA ASN D 222 16.32 17.93 -5.72
C ASN D 222 15.61 18.91 -6.66
N ARG D 223 15.36 20.12 -6.19
CA ARG D 223 14.97 21.19 -7.11
C ARG D 223 16.11 21.48 -8.09
N LEU D 224 15.79 22.04 -9.26
CA LEU D 224 16.82 22.31 -10.28
C LEU D 224 16.70 23.74 -10.82
N MET D 225 17.83 24.43 -10.88
CA MET D 225 17.90 25.76 -11.52
C MET D 225 18.91 25.70 -12.66
N ALA D 226 18.58 26.24 -13.82
CA ALA D 226 19.50 26.25 -14.95
C ALA D 226 19.42 27.58 -15.67
N SER D 227 20.53 27.98 -16.29
CA SER D 227 20.64 29.31 -16.83
C SER D 227 21.42 29.24 -18.14
N HIS D 228 20.85 29.76 -19.24
CA HIS D 228 21.61 29.92 -20.50
C HIS D 228 21.07 30.98 -21.39
N GLN D 229 21.88 32.03 -21.61
CA GLN D 229 21.53 33.15 -22.50
C GLN D 229 20.26 33.89 -22.12
N GLY D 230 20.13 34.27 -20.85
CA GLY D 230 18.93 34.94 -20.37
C GLY D 230 17.61 34.14 -20.44
N ASN D 231 17.72 32.79 -20.52
CA ASN D 231 16.58 31.88 -20.30
C ASN D 231 16.82 31.07 -19.06
N LEU D 232 15.97 31.25 -18.06
CA LEU D 232 16.00 30.49 -16.80
C LEU D 232 15.02 29.33 -16.80
N LEU D 233 15.46 28.23 -16.21
CA LEU D 233 14.59 27.07 -15.95
C LEU D 233 14.62 26.80 -14.47
N PHE D 234 13.46 26.55 -13.88
CA PHE D 234 13.29 26.23 -12.45
C PHE D 234 12.42 24.99 -12.46
N ALA D 235 12.81 23.95 -11.74
CA ALA D 235 11.95 22.78 -11.65
C ALA D 235 11.91 22.20 -10.25
N ASN D 236 10.72 21.79 -9.82
CA ASN D 236 10.59 20.99 -8.63
C ASN D 236 10.09 19.61 -9.09
N PRO D 237 10.91 18.56 -8.88
CA PRO D 237 10.53 17.23 -9.38
C PRO D 237 9.47 16.56 -8.52
N ASN D 238 9.18 17.15 -7.37
CA ASN D 238 8.29 16.50 -6.46
C ASN D 238 7.37 17.46 -5.74
N ASN D 239 6.46 18.08 -6.49
CA ASN D 239 5.31 18.75 -5.93
C ASN D 239 4.14 17.77 -5.78
N ASN D 240 4.03 17.09 -4.64
CA ASN D 240 2.99 16.05 -4.51
C ASN D 240 2.97 15.07 -5.71
N GLY D 241 4.17 14.64 -6.11
CA GLY D 241 4.30 13.60 -7.12
C GLY D 241 4.29 14.04 -8.57
N ALA D 242 4.15 15.35 -8.79
CA ALA D 242 4.22 15.93 -10.12
C ALA D 242 5.40 16.86 -10.27
N LEU D 243 6.03 16.79 -11.43
CA LEU D 243 7.08 17.73 -11.76
C LEU D 243 6.44 19.06 -12.12
N HIS D 244 6.83 20.13 -11.43
CA HIS D 244 6.42 21.46 -11.83
C HIS D 244 7.60 22.17 -12.41
N PHE D 245 7.44 22.85 -13.53
CA PHE D 245 8.56 23.64 -14.00
C PHE D 245 8.24 25.02 -14.59
N GLY D 246 9.17 25.96 -14.38
CA GLY D 246 9.05 27.30 -14.92
C GLY D 246 10.14 27.64 -15.90
N ILE D 247 9.80 28.28 -17.00
CA ILE D 247 10.81 28.89 -17.84
C ILE D 247 10.57 30.40 -17.79
N SER D 248 11.64 31.18 -17.60
CA SER D 248 11.55 32.65 -17.58
C SER D 248 12.55 33.37 -18.48
N PHE D 249 12.10 34.47 -19.07
CA PHE D 249 12.88 35.21 -20.06
C PHE D 249 12.44 36.66 -20.18
N LYS D 250 13.27 37.50 -20.80
CA LYS D 250 12.87 38.87 -21.16
C LYS D 250 11.73 38.81 -22.19
N THR D 251 10.65 39.55 -21.95
CA THR D 251 9.49 39.56 -22.85
C THR D 251 9.97 39.95 -24.24
N PRO D 252 9.75 39.07 -25.23
CA PRO D 252 10.22 39.39 -26.59
C PRO D 252 9.60 40.70 -27.12
N ASP D 253 10.44 41.62 -27.60
CA ASP D 253 9.98 42.93 -28.09
C ASP D 253 8.78 42.83 -29.08
N GLU D 254 8.69 41.68 -29.77
CA GLU D 254 7.59 41.37 -30.70
C GLU D 254 6.21 41.14 -30.06
N TRP D 255 6.07 41.30 -28.74
CA TRP D 255 4.77 41.10 -28.04
C TRP D 255 4.19 42.39 -27.48
N GLN D 260 2.83 37.21 -29.85
CA GLN D 260 3.11 36.39 -31.05
C GLN D 260 2.89 34.88 -30.85
N VAL D 261 3.00 34.41 -29.61
CA VAL D 261 2.67 33.03 -29.18
C VAL D 261 1.25 33.03 -28.60
N ASP D 262 0.48 31.97 -28.84
CA ASP D 262 -0.86 31.82 -28.26
C ASP D 262 -0.92 30.65 -27.25
N PHE D 263 -1.21 30.95 -25.98
CA PHE D 263 -1.15 29.91 -24.95
C PHE D 263 -2.28 28.90 -24.97
N GLN D 264 -3.32 29.18 -25.77
CA GLN D 264 -4.39 28.22 -26.11
C GLN D 264 -3.89 27.05 -26.92
N ASN D 265 -2.98 27.35 -27.85
CA ASN D 265 -2.46 26.40 -28.81
C ASN D 265 -1.13 25.87 -28.30
N ARG D 266 -1.10 24.62 -27.84
CA ARG D 266 0.15 24.05 -27.29
C ARG D 266 1.23 23.94 -28.37
N ASN D 267 0.77 23.80 -29.62
CA ASN D 267 1.68 23.70 -30.73
C ASN D 267 2.51 24.98 -30.92
N SER D 268 1.88 26.15 -30.74
CA SER D 268 2.56 27.41 -30.97
C SER D 268 3.49 27.71 -29.81
N VAL D 269 3.16 27.25 -28.62
CA VAL D 269 4.04 27.44 -27.45
C VAL D 269 5.25 26.55 -27.58
N VAL D 270 5.03 25.30 -27.98
CA VAL D 270 6.08 24.31 -28.21
C VAL D 270 7.07 24.85 -29.25
N ASP D 271 6.56 25.27 -30.41
CA ASP D 271 7.41 25.85 -31.45
C ASP D 271 8.37 26.92 -30.92
N PHE D 272 7.84 27.82 -30.10
CA PHE D 272 8.58 28.95 -29.54
C PHE D 272 9.66 28.47 -28.57
N LEU D 273 9.30 27.48 -27.76
CA LEU D 273 10.19 26.98 -26.72
C LEU D 273 11.33 26.21 -27.34
N LEU D 274 11.01 25.38 -28.31
CA LEU D 274 12.02 24.64 -29.06
C LEU D 274 13.01 25.56 -29.79
N LYS D 275 12.54 26.65 -30.40
CA LYS D 275 13.45 27.65 -31.00
C LYS D 275 14.30 28.26 -29.89
N GLU D 276 13.67 28.76 -28.82
CA GLU D 276 14.41 29.40 -27.73
C GLU D 276 15.37 28.48 -26.98
N PHE D 277 15.01 27.20 -26.88
CA PHE D 277 15.80 26.21 -26.14
C PHE D 277 16.56 25.22 -27.01
N SER D 278 16.74 25.56 -28.29
CA SER D 278 17.34 24.61 -29.23
C SER D 278 18.76 24.24 -28.85
N ASP D 279 19.45 25.20 -28.22
CA ASP D 279 20.79 25.02 -27.71
C ASP D 279 20.90 23.96 -26.59
N TRP D 280 19.78 23.71 -25.89
CA TRP D 280 19.71 22.83 -24.69
C TRP D 280 19.70 21.33 -24.94
N ASP D 281 20.22 20.58 -23.98
CA ASP D 281 20.22 19.10 -23.98
C ASP D 281 18.85 18.48 -24.28
N GLU D 282 18.86 17.32 -24.94
CA GLU D 282 17.66 16.50 -25.16
C GLU D 282 16.73 16.38 -23.94
N ARG D 283 17.30 16.15 -22.75
CA ARG D 283 16.54 16.00 -21.51
C ARG D 283 15.68 17.18 -21.10
N TYR D 284 16.10 18.42 -21.40
CA TYR D 284 15.25 19.60 -21.21
C TYR D 284 14.22 19.70 -22.34
N LYS D 285 14.60 19.38 -23.57
CA LYS D 285 13.62 19.37 -24.69
C LYS D 285 12.43 18.36 -24.52
N GLU D 286 12.77 17.17 -24.06
CA GLU D 286 11.82 16.16 -23.58
C GLU D 286 10.73 16.84 -22.72
N LEU D 287 11.13 17.69 -21.79
CA LEU D 287 10.22 18.47 -20.97
C LEU D 287 9.16 19.24 -21.79
N ILE D 288 9.61 19.96 -22.81
CA ILE D 288 8.71 20.72 -23.66
C ILE D 288 7.76 19.81 -24.42
N HIS D 289 8.30 18.75 -25.02
CA HIS D 289 7.53 17.80 -25.84
C HIS D 289 6.44 17.08 -25.07
N THR D 290 6.70 16.85 -23.80
CA THR D 290 5.88 15.95 -23.00
C THR D 290 4.77 16.71 -22.27
N THR D 291 4.94 18.01 -22.06
CA THR D 291 3.91 18.88 -21.49
C THR D 291 2.63 18.97 -22.33
N LEU D 292 1.49 18.65 -21.72
CA LEU D 292 0.21 18.80 -22.41
C LEU D 292 -0.26 20.28 -22.51
N SER D 293 -0.06 21.08 -21.47
CA SER D 293 -0.38 22.51 -21.59
C SER D 293 0.41 23.45 -20.68
N PHE D 294 0.49 24.71 -21.11
CA PHE D 294 1.41 25.72 -20.53
C PHE D 294 0.66 26.93 -20.03
N VAL D 295 1.05 27.44 -18.88
CA VAL D 295 0.47 28.70 -18.40
C VAL D 295 1.45 29.84 -18.65
N GLY D 296 0.99 30.84 -19.37
CA GLY D 296 1.82 32.00 -19.58
C GLY D 296 1.48 33.11 -18.61
N LEU D 297 2.47 33.86 -18.19
CA LEU D 297 2.23 34.91 -17.25
C LEU D 297 3.35 35.99 -17.38
N ALA D 298 2.96 37.24 -17.60
CA ALA D 298 3.94 38.32 -17.57
C ALA D 298 4.20 38.73 -16.11
N THR D 299 5.47 38.82 -15.73
CA THR D 299 5.84 39.32 -14.41
C THR D 299 5.40 40.76 -14.23
N ARG D 300 4.71 41.00 -13.12
CA ARG D 300 4.14 42.29 -12.82
C ARG D 300 4.63 42.74 -11.47
N ILE D 301 4.59 44.04 -11.23
CA ILE D 301 4.86 44.57 -9.89
C ILE D 301 3.75 45.53 -9.50
N PHE D 302 3.43 45.58 -8.22
CA PHE D 302 2.54 46.61 -7.72
C PHE D 302 3.37 47.51 -6.82
N PRO D 303 3.96 48.57 -7.39
CA PRO D 303 5.00 49.35 -6.67
C PRO D 303 4.57 50.14 -5.42
N LEU D 304 5.38 50.03 -4.39
CA LEU D 304 5.20 50.85 -3.21
C LEU D 304 5.98 52.16 -3.47
N GLU D 305 5.53 52.89 -4.47
CA GLU D 305 6.23 54.04 -5.03
C GLU D 305 5.80 55.28 -4.29
N LYS D 306 4.53 55.66 -4.46
CA LYS D 306 3.94 56.79 -3.76
C LYS D 306 3.22 56.23 -2.53
N PRO D 307 3.12 57.06 -1.45
CA PRO D 307 2.33 56.72 -0.27
C PRO D 307 0.86 56.53 -0.65
N TRP D 308 0.12 55.81 0.18
CA TRP D 308 -1.29 55.53 -0.11
C TRP D 308 -2.16 56.66 0.37
N LYS D 309 -3.44 56.64 0.00
CA LYS D 309 -4.37 57.70 0.37
C LYS D 309 -4.58 57.82 1.87
N SER D 310 -4.49 59.03 2.39
CA SER D 310 -4.73 59.24 3.82
C SER D 310 -6.13 59.80 4.10
N LYS D 311 -6.86 60.20 3.07
CA LYS D 311 -8.27 60.46 3.24
C LYS D 311 -9.00 59.22 2.73
N ARG D 312 -9.59 58.44 3.67
CA ARG D 312 -10.30 57.19 3.33
C ARG D 312 -11.67 57.12 3.99
N PRO D 313 -12.73 56.81 3.19
CA PRO D 313 -14.12 57.01 3.63
C PRO D 313 -14.47 56.14 4.81
N LEU D 314 -14.21 54.85 4.68
CA LEU D 314 -14.35 53.91 5.80
C LEU D 314 -13.04 53.16 5.97
N PRO D 315 -12.91 52.38 7.06
CA PRO D 315 -11.66 51.62 7.22
C PRO D 315 -11.47 50.53 6.16
N ILE D 316 -10.44 50.71 5.32
CA ILE D 316 -9.97 49.72 4.33
C ILE D 316 -8.43 49.64 4.23
N THR D 317 -7.93 48.41 3.97
CA THR D 317 -6.49 48.16 3.76
C THR D 317 -6.20 46.93 2.86
N MET D 318 -4.91 46.71 2.60
CA MET D 318 -4.46 45.63 1.72
C MET D 318 -3.25 44.85 2.30
N ILE D 319 -3.29 43.51 2.22
CA ILE D 319 -2.15 42.68 2.64
C ILE D 319 -1.72 41.75 1.51
N GLY D 320 -0.57 41.12 1.63
CA GLY D 320 -0.06 40.20 0.60
C GLY D 320 0.16 40.80 -0.78
N ASP D 321 0.00 39.99 -1.82
CA ASP D 321 0.25 40.42 -3.18
C ASP D 321 -0.59 41.61 -3.62
N ALA D 322 -1.76 41.82 -3.00
CA ALA D 322 -2.61 42.98 -3.26
C ALA D 322 -1.89 44.22 -2.82
N ALA D 323 -1.12 44.12 -1.74
CA ALA D 323 -0.40 45.28 -1.22
C ALA D 323 0.95 45.49 -1.90
N HIS D 324 1.60 44.44 -2.38
CA HIS D 324 3.01 44.58 -2.84
C HIS D 324 3.53 43.57 -3.83
N LEU D 325 2.63 43.00 -4.62
CA LEU D 325 3.04 42.17 -5.75
C LEU D 325 4.44 42.50 -6.24
N MET D 326 5.27 41.48 -6.41
CA MET D 326 6.65 41.70 -6.84
C MET D 326 7.18 40.45 -7.52
N PRO D 327 8.19 40.60 -8.42
CA PRO D 327 8.77 39.45 -9.11
C PRO D 327 9.16 38.37 -8.12
N PRO D 328 8.95 37.11 -8.49
CA PRO D 328 9.10 36.02 -7.53
C PRO D 328 10.53 35.49 -7.41
N PHE D 329 11.44 36.02 -8.24
CA PHE D 329 12.70 35.34 -8.57
C PHE D 329 13.67 35.15 -7.42
N ALA D 330 13.62 36.06 -6.44
CA ALA D 330 14.50 35.94 -5.28
C ALA D 330 13.81 35.32 -4.04
N GLY D 331 12.73 34.56 -4.25
CA GLY D 331 12.04 33.88 -3.16
C GLY D 331 11.24 34.79 -2.25
N GLN D 332 11.06 36.04 -2.67
CA GLN D 332 10.10 36.92 -2.02
C GLN D 332 8.72 36.59 -2.54
N GLY D 333 7.73 36.98 -1.74
CA GLY D 333 6.36 36.76 -2.12
C GLY D 333 5.55 36.47 -0.89
N VAL D 334 5.27 35.19 -0.65
CA VAL D 334 4.32 34.83 0.42
C VAL D 334 4.76 35.27 1.83
N ASN D 335 6.08 35.25 2.05
CA ASN D 335 6.62 35.56 3.36
C ASN D 335 6.31 36.99 3.79
N SER D 336 6.65 37.96 2.95
CA SER D 336 6.26 39.37 3.16
C SER D 336 4.76 39.55 3.50
N GLY D 337 3.90 38.96 2.68
CA GLY D 337 2.47 38.96 2.88
C GLY D 337 2.02 38.32 4.18
N LEU D 338 2.71 37.25 4.60
CA LEU D 338 2.43 36.67 5.93
C LEU D 338 2.83 37.55 7.12
N VAL D 339 3.98 38.21 7.00
CA VAL D 339 4.36 39.21 7.98
C VAL D 339 3.31 40.33 8.04
N ASP D 340 2.79 40.74 6.88
CA ASP D 340 1.70 41.74 6.83
C ASP D 340 0.61 41.26 7.76
N ALA D 341 0.24 40.00 7.61
CA ALA D 341 -0.84 39.45 8.38
C ALA D 341 -0.53 39.55 9.86
N LEU D 342 0.70 39.18 10.18
CA LEU D 342 1.12 39.14 11.55
C LEU D 342 0.98 40.53 12.13
N ILE D 343 1.61 41.50 11.47
CA ILE D 343 1.66 42.89 11.93
C ILE D 343 0.27 43.52 12.07
N LEU D 344 -0.57 43.37 11.05
CA LEU D 344 -1.89 43.94 11.09
C LEU D 344 -2.76 43.34 12.20
N SER D 345 -2.74 42.01 12.34
CA SER D 345 -3.61 41.40 13.36
C SER D 345 -3.20 41.76 14.81
N ASP D 346 -1.91 41.96 15.08
CA ASP D 346 -1.49 42.46 16.39
C ASP D 346 -1.99 43.87 16.57
N ASN D 347 -1.79 44.69 15.55
CA ASN D 347 -2.24 46.08 15.57
C ASN D 347 -3.72 46.25 15.86
N LEU D 348 -4.52 45.25 15.53
CA LEU D 348 -5.95 45.31 15.69
C LEU D 348 -6.42 44.55 16.94
N ALA D 349 -5.54 43.74 17.51
CA ALA D 349 -5.90 42.92 18.68
C ALA D 349 -5.44 43.63 19.96
N ASP D 350 -6.12 44.75 20.26
CA ASP D 350 -5.65 45.67 21.27
C ASP D 350 -6.70 46.63 21.81
N GLY D 351 -6.39 47.20 22.97
CA GLY D 351 -6.93 48.47 23.39
C GLY D 351 -5.75 49.42 23.35
N LYS D 352 -4.86 49.19 22.36
CA LYS D 352 -3.54 49.86 22.24
C LYS D 352 -3.56 51.09 21.31
N PHE D 353 -4.25 50.98 20.18
CA PHE D 353 -4.43 52.12 19.29
C PHE D 353 -5.76 52.84 19.58
N ASN D 354 -5.81 54.14 19.28
CA ASN D 354 -7.02 54.96 19.49
C ASN D 354 -8.22 54.56 18.64
N SER D 355 -7.92 54.04 17.44
CA SER D 355 -8.92 53.79 16.41
C SER D 355 -8.39 52.76 15.43
N ILE D 356 -9.29 52.05 14.76
CA ILE D 356 -8.92 51.15 13.66
C ILE D 356 -8.03 51.86 12.65
N GLU D 357 -8.36 53.12 12.34
CA GLU D 357 -7.63 53.92 11.35
C GLU D 357 -6.16 54.09 11.69
N GLU D 358 -5.86 54.26 12.98
CA GLU D 358 -4.47 54.32 13.48
C GLU D 358 -3.77 52.95 13.38
N ALA D 359 -4.52 51.88 13.66
CA ALA D 359 -4.00 50.53 13.62
C ALA D 359 -3.55 50.21 12.21
N VAL D 360 -4.35 50.64 11.23
CA VAL D 360 -4.02 50.45 9.80
C VAL D 360 -2.81 51.31 9.40
N LYS D 361 -2.88 52.61 9.70
CA LYS D 361 -1.81 53.57 9.39
C LYS D 361 -0.45 53.02 9.83
N ASN D 362 -0.44 52.42 11.03
CA ASN D 362 0.78 51.89 11.59
C ASN D 362 1.26 50.67 10.82
N TYR D 363 0.32 49.74 10.56
CA TYR D 363 0.63 48.56 9.78
C TYR D 363 1.29 48.96 8.43
N GLU D 364 0.61 49.82 7.69
CA GLU D 364 1.11 50.31 6.40
C GLU D 364 2.49 51.02 6.50
N GLN D 365 2.68 51.81 7.55
CA GLN D 365 3.96 52.44 7.76
C GLN D 365 5.14 51.45 7.80
N GLN D 366 4.96 50.37 8.57
CA GLN D 366 5.96 49.30 8.68
C GLN D 366 6.09 48.55 7.35
N MET D 367 4.94 48.20 6.77
CA MET D 367 4.90 47.39 5.56
C MET D 367 5.62 48.11 4.44
N PHE D 368 5.48 49.43 4.39
CA PHE D 368 6.17 50.24 3.39
C PHE D 368 7.70 50.06 3.49
N ILE D 369 8.20 49.89 4.71
CA ILE D 369 9.65 49.65 4.90
C ILE D 369 10.11 48.28 4.38
N TYR D 370 9.60 47.20 4.96
CA TYR D 370 10.12 45.92 4.57
C TYR D 370 9.65 45.51 3.16
N GLY D 371 8.52 46.05 2.74
CA GLY D 371 8.02 45.78 1.42
C GLY D 371 8.91 46.41 0.38
N LYS D 372 9.23 47.68 0.60
CA LYS D 372 10.05 48.35 -0.35
C LYS D 372 11.39 47.65 -0.51
N GLU D 373 11.96 47.22 0.62
CA GLU D 373 13.23 46.52 0.66
C GLU D 373 13.19 45.25 -0.18
N ALA D 374 12.10 44.48 0.00
CA ALA D 374 11.86 43.26 -0.73
C ALA D 374 11.71 43.53 -2.25
N GLN D 375 10.94 44.55 -2.58
CA GLN D 375 10.74 44.94 -3.98
C GLN D 375 12.05 45.29 -4.67
N GLU D 376 12.90 46.04 -3.98
CA GLU D 376 14.24 46.36 -4.45
C GLU D 376 15.07 45.13 -4.74
N GLU D 377 15.01 44.18 -3.80
CA GLU D 377 15.76 42.93 -3.86
C GLU D 377 15.32 42.13 -5.10
N SER D 378 14.01 42.01 -5.32
CA SER D 378 13.53 41.24 -6.47
C SER D 378 13.75 41.98 -7.77
N THR D 379 13.63 43.29 -7.74
CA THR D 379 13.87 44.10 -8.93
C THR D 379 15.32 43.97 -9.38
N GLN D 380 16.25 44.09 -8.43
CA GLN D 380 17.66 43.98 -8.74
C GLN D 380 17.98 42.60 -9.28
N ASN D 381 17.40 41.59 -8.60
CA ASN D 381 17.61 40.20 -8.93
C ASN D 381 17.13 39.88 -10.34
N GLU D 382 15.96 40.39 -10.67
CA GLU D 382 15.40 40.30 -12.00
C GLU D 382 16.34 40.91 -13.03
N ILE D 383 16.92 42.08 -12.70
CA ILE D 383 17.93 42.71 -13.57
C ILE D 383 19.14 41.80 -13.66
N GLU D 384 19.62 41.37 -12.49
CA GLU D 384 20.78 40.50 -12.40
C GLU D 384 20.60 39.25 -13.24
N MET D 385 19.49 38.54 -12.99
CA MET D 385 19.24 37.22 -13.55
C MET D 385 19.08 37.20 -15.06
N PHE D 386 18.45 38.24 -15.60
CA PHE D 386 18.19 38.27 -17.02
C PHE D 386 19.21 39.06 -17.83
N LYS D 387 20.36 39.35 -17.21
CA LYS D 387 21.53 39.85 -17.93
C LYS D 387 22.06 38.69 -18.75
N PRO D 388 22.68 38.98 -19.91
CA PRO D 388 23.21 37.96 -20.84
C PRO D 388 24.04 36.86 -20.18
N ASP D 389 24.80 37.22 -19.14
CA ASP D 389 25.84 36.34 -18.57
C ASP D 389 25.64 36.00 -17.08
N PHE D 390 24.44 35.50 -16.73
CA PHE D 390 24.11 35.23 -15.33
C PHE D 390 24.70 33.93 -14.77
N THR D 391 25.05 33.98 -13.49
CA THR D 391 25.77 32.91 -12.78
C THR D 391 25.27 32.81 -11.32
N PHE D 392 24.42 31.81 -11.06
CA PHE D 392 23.65 31.69 -9.79
C PHE D 392 24.44 31.96 -8.50
#